data_2YY5
#
_entry.id   2YY5
#
_cell.length_a   88.163
_cell.length_b   52.109
_cell.length_c   194.092
_cell.angle_alpha   90.00
_cell.angle_beta   96.05
_cell.angle_gamma   90.00
#
_symmetry.space_group_name_H-M   'P 1 2 1'
#
loop_
_entity.id
_entity.type
_entity.pdbx_description
1 polymer 'Tryptophanyl-tRNA synthetase'
2 non-polymer 'SULFATE ION'
3 non-polymer "5'-O-[(L-TRYPTOPHYLAMINO)SULFONYL]ADENOSINE"
4 water water
#
_entity_poly.entity_id   1
_entity_poly.type   'polypeptide(L)'
_entity_poly.pdbx_seq_one_letter_code
;GHMMKRALTGIQASGKQHLGNYLGVMQSLIELQEQCQLFVFVADLHSITVDFQPQALKQNNFDLVRTLLAVGLDPQKACL
FLQSDLLEHSMMGYLMMVQSNLGELQRMTQFKAKKAEQTRNPNGTLNIPTGLLTYPALMAGDILLYQPDIVPVGNDQKQH
LELTRDLAQRIQKKFKLKLRLPQFVQNKDTNRIMDLFDPTKKMSKSSKNQNGVIYLDDPKEVVVKKIRQATTDSFNKIRF
ASKTQPGVTNMLTILKALLKEPVNQSLTNQLGNDLEAYFSTKSYLDLKNALTEATVNLLVNIQRKREQISREQVFNCLQA
GKNQAQATARTTLALFYDGFGLGSQNIK
;
_entity_poly.pdbx_strand_id   A,B,C,D
#
# COMPACT_ATOMS: atom_id res chain seq x y z
N MET A 4 61.25 -57.01 -27.81
CA MET A 4 60.16 -57.48 -28.72
C MET A 4 59.16 -56.37 -28.99
N LYS A 5 58.99 -56.01 -30.26
CA LYS A 5 58.07 -54.93 -30.63
C LYS A 5 56.59 -55.23 -30.32
N ARG A 6 55.84 -54.17 -30.10
CA ARG A 6 54.43 -54.29 -29.77
C ARG A 6 53.48 -53.81 -30.86
N ALA A 7 52.41 -54.57 -31.08
CA ALA A 7 51.38 -54.24 -32.07
C ALA A 7 50.03 -54.10 -31.37
N LEU A 8 49.17 -53.25 -31.94
CA LEU A 8 47.84 -53.02 -31.40
C LEU A 8 46.82 -52.77 -32.51
N THR A 9 45.67 -53.44 -32.42
CA THR A 9 44.61 -53.26 -33.39
C THR A 9 43.23 -53.53 -32.83
N GLY A 10 42.23 -52.91 -33.44
CA GLY A 10 40.87 -53.07 -33.01
C GLY A 10 40.00 -53.46 -34.20
N ILE A 11 38.98 -54.26 -33.92
CA ILE A 11 38.03 -54.71 -34.94
C ILE A 11 36.64 -54.59 -34.35
N GLN A 12 35.72 -53.99 -35.09
CA GLN A 12 34.34 -53.87 -34.62
C GLN A 12 33.60 -55.16 -34.93
N ALA A 13 32.70 -55.56 -34.04
CA ALA A 13 31.92 -56.78 -34.26
C ALA A 13 30.75 -56.45 -35.18
N SER A 14 30.39 -57.40 -36.05
CA SER A 14 29.30 -57.18 -36.99
C SER A 14 29.02 -58.41 -37.83
N GLY A 15 27.73 -58.70 -38.03
CA GLY A 15 27.38 -59.84 -38.85
C GLY A 15 27.84 -59.62 -40.28
N LYS A 16 28.30 -58.40 -40.56
CA LYS A 16 28.77 -58.03 -41.89
C LYS A 16 30.28 -58.22 -42.10
N GLN A 17 30.93 -58.94 -41.19
CA GLN A 17 32.37 -59.21 -41.28
C GLN A 17 32.66 -59.84 -42.67
N HIS A 18 33.56 -59.22 -43.44
CA HIS A 18 33.87 -59.71 -44.79
C HIS A 18 35.34 -60.01 -45.09
N LEU A 19 35.60 -60.51 -46.30
CA LEU A 19 36.95 -60.87 -46.75
C LEU A 19 37.95 -59.74 -46.64
N GLY A 20 37.50 -58.51 -46.83
CA GLY A 20 38.39 -57.38 -46.71
C GLY A 20 38.94 -57.32 -45.30
N ASN A 21 38.08 -57.60 -44.33
CA ASN A 21 38.51 -57.58 -42.93
C ASN A 21 39.47 -58.73 -42.67
N TYR A 22 39.18 -59.87 -43.30
CA TYR A 22 40.01 -61.06 -43.11
C TYR A 22 41.42 -60.93 -43.69
N LEU A 23 41.51 -60.51 -44.94
CA LEU A 23 42.82 -60.35 -45.57
C LEU A 23 43.52 -59.11 -45.08
N GLY A 24 42.75 -58.05 -44.83
CA GLY A 24 43.35 -56.80 -44.38
C GLY A 24 44.09 -56.87 -43.06
N VAL A 25 43.55 -57.63 -42.11
CA VAL A 25 44.16 -57.73 -40.80
C VAL A 25 44.19 -59.12 -40.17
N MET A 26 43.06 -59.82 -40.23
CA MET A 26 42.95 -61.14 -39.61
C MET A 26 43.99 -62.18 -39.97
N GLN A 27 44.16 -62.43 -41.27
CA GLN A 27 45.12 -63.42 -41.77
C GLN A 27 46.56 -63.20 -41.31
N SER A 28 46.92 -62.00 -40.89
CA SER A 28 48.30 -61.76 -40.46
C SER A 28 48.53 -61.90 -38.95
N LEU A 29 47.45 -62.09 -38.19
CA LEU A 29 47.55 -62.25 -36.73
C LEU A 29 48.41 -63.45 -36.35
N ILE A 30 48.22 -64.54 -37.07
CA ILE A 30 48.96 -65.77 -36.84
C ILE A 30 50.46 -65.45 -36.83
N GLU A 31 50.89 -64.66 -37.80
CA GLU A 31 52.28 -64.26 -37.92
C GLU A 31 52.67 -63.24 -36.83
N LEU A 32 51.82 -62.23 -36.64
CA LEU A 32 52.06 -61.18 -35.66
C LEU A 32 52.21 -61.64 -34.21
N GLN A 33 51.38 -62.59 -33.79
CA GLN A 33 51.46 -63.05 -32.42
C GLN A 33 52.77 -63.81 -32.20
N GLU A 34 53.39 -64.20 -33.31
CA GLU A 34 54.64 -64.93 -33.27
C GLU A 34 55.82 -63.95 -33.33
N GLN A 35 55.69 -62.92 -34.16
CA GLN A 35 56.74 -61.92 -34.34
C GLN A 35 56.79 -60.88 -33.24
N CYS A 36 55.69 -60.68 -32.52
CA CYS A 36 55.71 -59.68 -31.46
C CYS A 36 54.61 -59.68 -30.41
N GLN A 37 54.66 -58.70 -29.52
CA GLN A 37 53.70 -58.55 -28.44
C GLN A 37 52.41 -57.96 -29.03
N LEU A 38 51.47 -58.84 -29.35
CA LEU A 38 50.21 -58.47 -29.97
C LEU A 38 49.00 -58.26 -29.05
N PHE A 39 48.34 -57.11 -29.24
CA PHE A 39 47.15 -56.73 -28.48
C PHE A 39 46.03 -56.53 -29.51
N VAL A 40 45.02 -57.37 -29.43
CA VAL A 40 43.87 -57.30 -30.33
C VAL A 40 42.57 -57.18 -29.54
N PHE A 41 41.73 -56.19 -29.88
CA PHE A 41 40.47 -56.03 -29.18
C PHE A 41 39.25 -55.81 -30.08
N VAL A 42 38.09 -56.20 -29.57
CA VAL A 42 36.81 -56.05 -30.24
C VAL A 42 36.37 -54.62 -29.88
N ALA A 43 36.33 -53.74 -30.87
CA ALA A 43 35.98 -52.33 -30.66
C ALA A 43 34.51 -51.97 -30.46
N ASP A 44 33.85 -52.56 -29.46
CA ASP A 44 32.43 -52.25 -29.22
C ASP A 44 32.11 -50.81 -28.80
N LEU A 45 33.09 -50.10 -28.26
CA LEU A 45 32.83 -48.71 -27.89
C LEU A 45 32.58 -47.93 -29.18
N HIS A 46 33.24 -48.38 -30.25
CA HIS A 46 33.10 -47.77 -31.57
C HIS A 46 31.78 -48.20 -32.24
N SER A 47 31.25 -49.35 -31.84
CA SER A 47 30.01 -49.85 -32.42
C SER A 47 28.79 -49.11 -31.91
N ILE A 48 28.85 -48.59 -30.69
CA ILE A 48 27.71 -47.86 -30.16
C ILE A 48 27.70 -46.39 -30.56
N THR A 49 28.55 -46.03 -31.52
CA THR A 49 28.60 -44.66 -32.00
C THR A 49 27.44 -44.38 -32.96
N VAL A 50 26.77 -45.47 -33.37
CA VAL A 50 25.61 -45.38 -34.23
C VAL A 50 24.55 -46.23 -33.55
N ASP A 51 23.28 -46.01 -33.88
CA ASP A 51 22.19 -46.75 -33.27
C ASP A 51 22.48 -48.24 -33.38
N PHE A 52 22.04 -49.00 -32.39
CA PHE A 52 22.31 -50.43 -32.38
C PHE A 52 21.36 -51.15 -31.44
N GLN A 53 21.44 -52.47 -31.44
CA GLN A 53 20.61 -53.30 -30.58
C GLN A 53 21.54 -53.97 -29.58
N PRO A 54 21.32 -53.76 -28.28
CA PRO A 54 22.17 -54.38 -27.27
C PRO A 54 22.34 -55.89 -27.36
N GLN A 55 21.29 -56.60 -27.77
CA GLN A 55 21.35 -58.06 -27.90
C GLN A 55 22.21 -58.46 -29.07
N ALA A 56 22.08 -57.73 -30.17
CA ALA A 56 22.86 -58.02 -31.37
C ALA A 56 24.33 -57.70 -31.09
N LEU A 57 24.56 -56.73 -30.20
CA LEU A 57 25.90 -56.32 -29.85
C LEU A 57 26.66 -57.40 -29.09
N LYS A 58 26.02 -57.95 -28.04
CA LYS A 58 26.67 -58.98 -27.23
C LYS A 58 26.89 -60.23 -28.07
N GLN A 59 25.97 -60.46 -29.00
CA GLN A 59 26.00 -61.61 -29.91
C GLN A 59 27.13 -61.44 -30.92
N ASN A 60 27.30 -60.21 -31.39
CA ASN A 60 28.35 -59.93 -32.36
C ASN A 60 29.74 -59.93 -31.72
N ASN A 61 29.85 -59.32 -30.54
CA ASN A 61 31.13 -59.30 -29.85
C ASN A 61 31.55 -60.75 -29.65
N PHE A 62 30.60 -61.57 -29.22
CA PHE A 62 30.85 -62.98 -28.99
C PHE A 62 31.29 -63.70 -30.26
N ASP A 63 30.58 -63.45 -31.36
CA ASP A 63 30.91 -64.07 -32.64
C ASP A 63 32.30 -63.70 -33.12
N LEU A 64 32.66 -62.42 -32.99
CA LEU A 64 33.97 -61.96 -33.43
C LEU A 64 35.09 -62.66 -32.65
N VAL A 65 34.89 -62.85 -31.35
CA VAL A 65 35.92 -63.55 -30.59
C VAL A 65 36.06 -64.96 -31.11
N ARG A 66 34.95 -65.58 -31.50
CA ARG A 66 35.00 -66.93 -32.05
C ARG A 66 35.79 -66.93 -33.35
N THR A 67 35.38 -66.08 -34.28
CA THR A 67 36.05 -65.98 -35.56
C THR A 67 37.54 -65.79 -35.36
N LEU A 68 37.89 -64.82 -34.53
CA LEU A 68 39.30 -64.52 -34.25
C LEU A 68 40.03 -65.74 -33.70
N LEU A 69 39.44 -66.42 -32.72
CA LEU A 69 40.07 -67.61 -32.16
C LEU A 69 40.19 -68.71 -33.24
N ALA A 70 39.10 -68.95 -33.95
CA ALA A 70 39.06 -69.96 -35.01
C ALA A 70 40.07 -69.72 -36.12
N VAL A 71 40.47 -68.48 -36.31
CA VAL A 71 41.40 -68.14 -37.38
C VAL A 71 42.88 -68.18 -36.97
N GLY A 72 43.16 -68.52 -35.72
CA GLY A 72 44.54 -68.61 -35.29
C GLY A 72 45.06 -67.77 -34.14
N LEU A 73 44.28 -66.81 -33.66
CA LEU A 73 44.72 -65.98 -32.54
C LEU A 73 44.81 -66.87 -31.30
N ASP A 74 46.03 -67.04 -30.80
CA ASP A 74 46.31 -67.89 -29.64
C ASP A 74 46.37 -67.06 -28.37
N PRO A 75 45.41 -67.24 -27.44
CA PRO A 75 45.44 -66.46 -26.19
C PRO A 75 46.74 -66.64 -25.40
N GLN A 76 47.48 -67.70 -25.72
CA GLN A 76 48.76 -67.99 -25.08
C GLN A 76 49.91 -67.21 -25.75
N LYS A 77 49.65 -66.63 -26.93
CA LYS A 77 50.69 -65.90 -27.66
C LYS A 77 50.33 -64.44 -27.83
N ALA A 78 49.06 -64.12 -27.65
CA ALA A 78 48.59 -62.76 -27.81
C ALA A 78 47.50 -62.42 -26.81
N CYS A 79 47.21 -61.13 -26.70
CA CYS A 79 46.19 -60.62 -25.80
C CYS A 79 44.96 -60.21 -26.61
N LEU A 80 43.85 -60.90 -26.40
CA LEU A 80 42.62 -60.59 -27.10
C LEU A 80 41.58 -60.16 -26.06
N PHE A 81 41.08 -58.93 -26.19
CA PHE A 81 40.12 -58.41 -25.23
C PHE A 81 39.02 -57.55 -25.85
N LEU A 82 38.01 -57.23 -25.03
CA LEU A 82 36.87 -56.40 -25.41
C LEU A 82 37.12 -55.02 -24.80
N GLN A 83 37.22 -53.96 -25.62
CA GLN A 83 37.51 -52.65 -25.05
C GLN A 83 36.51 -52.12 -24.02
N SER A 84 35.25 -52.53 -24.07
CA SER A 84 34.29 -52.04 -23.09
C SER A 84 34.64 -52.54 -21.68
N ASP A 85 35.43 -53.59 -21.61
CA ASP A 85 35.83 -54.17 -20.32
C ASP A 85 36.86 -53.31 -19.60
N LEU A 86 37.44 -52.34 -20.31
CA LEU A 86 38.42 -51.46 -19.69
C LEU A 86 37.95 -50.01 -19.69
N LEU A 87 37.76 -49.47 -18.49
CA LEU A 87 37.34 -48.09 -18.34
C LEU A 87 38.46 -47.16 -18.81
N GLU A 88 39.69 -47.68 -18.80
CA GLU A 88 40.84 -46.91 -19.24
C GLU A 88 40.64 -46.36 -20.65
N HIS A 89 39.95 -47.13 -21.50
CA HIS A 89 39.71 -46.67 -22.87
C HIS A 89 38.88 -45.39 -22.94
N SER A 90 37.78 -45.35 -22.20
CA SER A 90 36.93 -44.16 -22.18
C SER A 90 37.67 -42.97 -21.62
N MET A 91 38.59 -43.21 -20.67
CA MET A 91 39.32 -42.09 -20.08
C MET A 91 40.45 -41.60 -20.97
N MET A 92 41.22 -42.53 -21.54
CA MET A 92 42.31 -42.17 -22.42
C MET A 92 41.72 -41.44 -23.63
N GLY A 93 40.57 -41.92 -24.09
CA GLY A 93 39.90 -41.33 -25.24
C GLY A 93 39.34 -39.96 -24.93
N TYR A 94 39.01 -39.72 -23.66
CA TYR A 94 38.49 -38.44 -23.24
C TYR A 94 39.63 -37.42 -23.30
N LEU A 95 40.82 -37.85 -22.87
CA LEU A 95 41.98 -36.99 -22.90
C LEU A 95 42.36 -36.62 -24.34
N MET A 96 42.31 -37.59 -25.24
CA MET A 96 42.64 -37.32 -26.64
C MET A 96 41.60 -36.34 -27.19
N MET A 97 40.35 -36.59 -26.83
CA MET A 97 39.26 -35.73 -27.30
C MET A 97 39.42 -34.27 -26.88
N VAL A 98 39.65 -34.01 -25.60
CA VAL A 98 39.78 -32.63 -25.16
C VAL A 98 41.02 -31.96 -25.72
N GLN A 99 41.96 -32.73 -26.25
CA GLN A 99 43.15 -32.14 -26.82
C GLN A 99 43.00 -31.89 -28.32
N SER A 100 41.88 -32.33 -28.89
CA SER A 100 41.58 -32.14 -30.31
C SER A 100 40.64 -30.94 -30.49
N ASN A 101 40.34 -30.64 -31.75
CA ASN A 101 39.42 -29.54 -32.06
C ASN A 101 38.42 -30.02 -33.11
N LEU A 102 37.33 -29.28 -33.26
CA LEU A 102 36.28 -29.65 -34.21
C LEU A 102 36.69 -29.66 -35.70
N GLY A 103 37.47 -28.67 -36.13
CA GLY A 103 37.86 -28.62 -37.53
C GLY A 103 38.61 -29.88 -37.95
N GLU A 104 39.60 -30.22 -37.14
CA GLU A 104 40.44 -31.38 -37.29
C GLU A 104 39.53 -32.60 -37.55
N LEU A 105 38.54 -32.78 -36.67
CA LEU A 105 37.57 -33.88 -36.74
C LEU A 105 36.50 -33.73 -37.82
N GLN A 106 36.14 -32.50 -38.16
CA GLN A 106 35.14 -32.26 -39.20
C GLN A 106 35.78 -32.53 -40.57
N ARG A 107 37.11 -32.46 -40.61
CA ARG A 107 37.88 -32.71 -41.83
C ARG A 107 37.85 -34.19 -42.21
N MET A 108 37.91 -35.07 -41.21
CA MET A 108 37.89 -36.53 -41.45
C MET A 108 36.96 -36.90 -42.60
N THR A 109 37.50 -37.58 -43.61
CA THR A 109 36.72 -37.98 -44.77
C THR A 109 35.46 -38.77 -44.41
N GLN A 110 35.58 -39.70 -43.46
CA GLN A 110 34.43 -40.51 -43.03
C GLN A 110 33.28 -39.63 -42.54
N PHE A 111 33.60 -38.67 -41.68
CA PHE A 111 32.58 -37.76 -41.14
C PHE A 111 32.07 -36.81 -42.20
N LYS A 112 33.00 -36.10 -42.83
CA LYS A 112 32.69 -35.12 -43.87
C LYS A 112 31.85 -35.77 -44.97
N ALA A 113 32.08 -37.06 -45.20
CA ALA A 113 31.34 -37.79 -46.23
C ALA A 113 30.33 -38.76 -45.64
N LYS A 114 29.81 -38.42 -44.46
CA LYS A 114 28.80 -39.27 -43.83
C LYS A 114 27.77 -38.42 -43.09
N LYS A 115 27.95 -37.10 -43.19
CA LYS A 115 27.02 -36.17 -42.57
C LYS A 115 26.02 -35.77 -43.66
N ASN A 127 20.95 -33.83 -37.64
CA ASN A 127 20.62 -34.98 -36.74
C ASN A 127 21.70 -36.07 -36.79
N ILE A 128 22.92 -35.70 -36.41
CA ILE A 128 24.05 -36.62 -36.44
C ILE A 128 24.51 -37.07 -35.05
N PRO A 129 24.67 -38.39 -34.85
CA PRO A 129 25.12 -38.96 -33.57
C PRO A 129 26.50 -38.41 -33.20
N THR A 130 26.58 -37.72 -32.06
CA THR A 130 27.83 -37.11 -31.60
C THR A 130 29.06 -38.01 -31.76
N GLY A 131 28.90 -39.30 -31.47
CA GLY A 131 30.01 -40.24 -31.57
C GLY A 131 30.57 -40.34 -32.98
N LEU A 132 29.73 -40.05 -33.96
CA LEU A 132 30.16 -40.11 -35.34
C LEU A 132 31.24 -39.06 -35.63
N LEU A 133 31.33 -38.07 -34.74
CA LEU A 133 32.29 -36.99 -34.91
C LEU A 133 33.54 -37.18 -34.05
N THR A 134 33.36 -37.76 -32.87
CA THR A 134 34.43 -37.95 -31.91
C THR A 134 35.24 -39.24 -31.91
N TYR A 135 34.70 -40.31 -32.47
CA TYR A 135 35.43 -41.58 -32.44
C TYR A 135 36.88 -41.58 -32.95
N PRO A 136 37.21 -40.73 -33.94
CA PRO A 136 38.63 -40.81 -34.33
C PRO A 136 39.58 -40.42 -33.18
N ALA A 137 39.04 -39.70 -32.19
CA ALA A 137 39.83 -39.28 -31.02
C ALA A 137 39.89 -40.43 -30.03
N LEU A 138 38.89 -41.31 -30.10
CA LEU A 138 38.80 -42.47 -29.23
C LEU A 138 39.76 -43.52 -29.81
N MET A 139 39.77 -43.63 -31.14
CA MET A 139 40.65 -44.59 -31.78
C MET A 139 42.08 -44.19 -31.46
N ALA A 140 42.34 -42.89 -31.48
CA ALA A 140 43.66 -42.34 -31.19
C ALA A 140 44.05 -42.74 -29.77
N GLY A 141 43.05 -42.76 -28.88
CA GLY A 141 43.28 -43.13 -27.50
C GLY A 141 43.48 -44.62 -27.30
N ASP A 142 42.76 -45.43 -28.07
CA ASP A 142 42.89 -46.88 -27.98
C ASP A 142 44.33 -47.27 -28.33
N ILE A 143 44.93 -46.58 -29.30
CA ILE A 143 46.30 -46.87 -29.70
C ILE A 143 47.30 -46.40 -28.64
N LEU A 144 47.23 -45.11 -28.33
CA LEU A 144 48.14 -44.55 -27.36
C LEU A 144 48.17 -45.24 -26.00
N LEU A 145 47.06 -45.87 -25.61
CA LEU A 145 46.97 -46.57 -24.32
C LEU A 145 47.99 -47.68 -24.15
N TYR A 146 48.51 -48.20 -25.26
CA TYR A 146 49.46 -49.31 -25.19
C TYR A 146 50.82 -49.02 -25.79
N GLN A 147 51.11 -47.75 -26.05
CA GLN A 147 52.40 -47.36 -26.62
C GLN A 147 52.95 -48.39 -27.61
N PRO A 148 52.14 -48.80 -28.60
CA PRO A 148 52.61 -49.78 -29.57
C PRO A 148 53.60 -49.20 -30.57
N ASP A 149 54.44 -50.07 -31.12
CA ASP A 149 55.41 -49.66 -32.13
C ASP A 149 54.66 -49.59 -33.45
N ILE A 150 53.80 -50.57 -33.66
CA ILE A 150 53.02 -50.65 -34.89
C ILE A 150 51.54 -50.89 -34.69
N VAL A 151 50.74 -50.37 -35.62
CA VAL A 151 49.30 -50.53 -35.58
C VAL A 151 48.90 -51.13 -36.92
N PRO A 152 48.80 -52.47 -36.99
CA PRO A 152 48.44 -53.15 -38.25
C PRO A 152 46.96 -53.01 -38.62
N VAL A 153 46.67 -52.23 -39.65
CA VAL A 153 45.29 -52.00 -40.10
C VAL A 153 45.16 -52.08 -41.62
N GLY A 154 43.96 -51.81 -42.12
CA GLY A 154 43.75 -51.80 -43.56
C GLY A 154 44.05 -50.40 -44.07
N ASN A 155 44.21 -50.26 -45.38
CA ASN A 155 44.52 -48.95 -45.95
C ASN A 155 43.60 -47.82 -45.49
N ASP A 156 42.32 -48.13 -45.32
CA ASP A 156 41.31 -47.14 -44.93
C ASP A 156 41.51 -46.44 -43.58
N GLN A 157 42.38 -46.98 -42.74
CA GLN A 157 42.64 -46.39 -41.43
C GLN A 157 43.81 -45.40 -41.44
N LYS A 158 44.37 -45.17 -42.63
CA LYS A 158 45.51 -44.27 -42.74
C LYS A 158 45.27 -42.91 -42.07
N GLN A 159 44.20 -42.23 -42.46
CA GLN A 159 43.91 -40.92 -41.88
C GLN A 159 43.81 -40.99 -40.35
N HIS A 160 43.19 -42.03 -39.81
CA HIS A 160 43.08 -42.19 -38.36
C HIS A 160 44.44 -42.25 -37.67
N LEU A 161 45.38 -43.01 -38.26
CA LEU A 161 46.71 -43.11 -37.68
C LEU A 161 47.43 -41.79 -37.76
N GLU A 162 47.11 -40.99 -38.78
CA GLU A 162 47.73 -39.69 -38.96
C GLU A 162 47.24 -38.75 -37.86
N LEU A 163 45.95 -38.87 -37.52
CA LEU A 163 45.36 -38.04 -36.48
C LEU A 163 45.91 -38.46 -35.12
N THR A 164 46.18 -39.76 -34.97
CA THR A 164 46.71 -40.28 -33.72
C THR A 164 48.11 -39.72 -33.49
N ARG A 165 48.90 -39.65 -34.56
CA ARG A 165 50.26 -39.13 -34.50
C ARG A 165 50.23 -37.64 -34.21
N ASP A 166 49.29 -36.93 -34.83
CA ASP A 166 49.16 -35.49 -34.60
C ASP A 166 48.86 -35.21 -33.13
N LEU A 167 47.90 -35.94 -32.55
CA LEU A 167 47.53 -35.78 -31.16
C LEU A 167 48.70 -36.18 -30.27
N ALA A 168 49.37 -37.26 -30.65
CA ALA A 168 50.51 -37.76 -29.89
C ALA A 168 51.58 -36.67 -29.72
N GLN A 169 51.94 -36.02 -30.83
CA GLN A 169 52.96 -34.98 -30.81
C GLN A 169 52.48 -33.73 -30.10
N ARG A 170 51.20 -33.42 -30.26
CA ARG A 170 50.61 -32.25 -29.63
C ARG A 170 50.72 -32.36 -28.10
N ILE A 171 50.39 -33.53 -27.58
CA ILE A 171 50.43 -33.79 -26.13
C ILE A 171 51.88 -33.89 -25.63
N GLN A 172 52.73 -34.43 -26.48
CA GLN A 172 54.14 -34.61 -26.19
C GLN A 172 54.80 -33.25 -26.01
N LYS A 173 54.36 -32.27 -26.79
CA LYS A 173 54.92 -30.93 -26.71
C LYS A 173 54.26 -30.12 -25.58
N LYS A 174 52.94 -30.28 -25.43
CA LYS A 174 52.20 -29.57 -24.38
C LYS A 174 52.55 -30.02 -22.97
N PHE A 175 52.64 -31.33 -22.76
CA PHE A 175 52.91 -31.85 -21.44
C PHE A 175 54.30 -32.43 -21.15
N LYS A 176 55.18 -32.44 -22.15
CA LYS A 176 56.52 -32.97 -21.98
C LYS A 176 56.46 -34.47 -21.68
N LEU A 177 55.37 -35.11 -22.10
CA LEU A 177 55.17 -36.53 -21.89
C LEU A 177 56.10 -37.40 -22.73
N LYS A 178 56.66 -38.44 -22.12
CA LYS A 178 57.53 -39.36 -22.84
C LYS A 178 56.60 -40.21 -23.72
N LEU A 179 56.63 -39.99 -25.02
CA LEU A 179 55.76 -40.73 -25.92
C LEU A 179 56.47 -41.47 -27.02
N ARG A 180 55.79 -42.47 -27.55
CA ARG A 180 56.28 -43.28 -28.65
C ARG A 180 55.19 -43.17 -29.73
N LEU A 181 55.51 -42.55 -30.85
CA LEU A 181 54.54 -42.40 -31.92
C LEU A 181 54.23 -43.75 -32.60
N PRO A 182 52.94 -44.06 -32.78
CA PRO A 182 52.53 -45.31 -33.41
C PRO A 182 52.82 -45.31 -34.91
N GLN A 183 53.14 -46.47 -35.46
CA GLN A 183 53.41 -46.55 -36.89
C GLN A 183 52.32 -47.28 -37.63
N PHE A 184 51.74 -46.60 -38.62
CA PHE A 184 50.71 -47.20 -39.45
C PHE A 184 51.35 -48.32 -40.26
N VAL A 185 50.73 -49.49 -40.20
CA VAL A 185 51.24 -50.63 -40.92
C VAL A 185 50.09 -51.36 -41.59
N GLN A 186 50.23 -51.59 -42.89
CA GLN A 186 49.23 -52.30 -43.67
C GLN A 186 49.90 -53.43 -44.42
N ASN A 187 49.12 -54.44 -44.79
CA ASN A 187 49.67 -55.56 -45.55
C ASN A 187 49.95 -54.97 -46.92
N LYS A 188 51.14 -55.22 -47.48
CA LYS A 188 51.41 -54.60 -48.77
C LYS A 188 50.60 -55.11 -49.95
N ASP A 189 50.08 -56.33 -49.87
CA ASP A 189 49.29 -56.85 -50.98
C ASP A 189 47.78 -56.84 -50.76
N THR A 190 47.33 -56.85 -49.51
CA THR A 190 45.90 -56.89 -49.24
C THR A 190 45.35 -55.78 -48.34
N ASN A 191 46.02 -54.64 -48.30
CA ASN A 191 45.59 -53.51 -47.48
C ASN A 191 44.27 -52.88 -47.94
N ARG A 192 43.82 -53.26 -49.13
CA ARG A 192 42.58 -52.71 -49.66
C ARG A 192 41.84 -53.65 -50.62
N ILE A 193 41.12 -54.63 -50.07
CA ILE A 193 40.38 -55.54 -50.91
C ILE A 193 39.20 -54.76 -51.50
N MET A 194 39.04 -54.85 -52.80
CA MET A 194 37.97 -54.13 -53.47
C MET A 194 36.66 -54.88 -53.57
N ASP A 195 35.61 -54.11 -53.83
CA ASP A 195 34.25 -54.62 -53.97
C ASP A 195 34.18 -55.41 -55.28
N LEU A 196 33.56 -56.58 -55.23
CA LEU A 196 33.45 -57.42 -56.42
C LEU A 196 32.55 -56.84 -57.50
N PHE A 197 31.54 -56.06 -57.11
CA PHE A 197 30.65 -55.45 -58.08
C PHE A 197 31.28 -54.20 -58.68
N ASP A 198 31.80 -53.34 -57.82
CA ASP A 198 32.45 -52.13 -58.30
C ASP A 198 33.88 -52.09 -57.77
N PRO A 199 34.81 -52.61 -58.57
CA PRO A 199 36.25 -52.69 -58.28
C PRO A 199 36.95 -51.39 -57.94
N THR A 200 36.31 -50.25 -58.23
CA THR A 200 36.92 -48.96 -57.95
C THR A 200 36.69 -48.56 -56.50
N LYS A 201 35.72 -49.24 -55.88
CA LYS A 201 35.32 -49.01 -54.49
C LYS A 201 35.83 -50.18 -53.64
N LYS A 202 36.19 -49.94 -52.39
CA LYS A 202 36.67 -51.02 -51.53
C LYS A 202 35.49 -51.82 -50.95
N MET A 203 35.75 -53.07 -50.55
CA MET A 203 34.69 -53.92 -50.00
C MET A 203 34.33 -53.34 -48.64
N SER A 204 33.05 -53.06 -48.42
CA SER A 204 32.57 -52.46 -47.18
C SER A 204 31.33 -53.13 -46.62
N LYS A 205 31.15 -53.04 -45.31
CA LYS A 205 29.98 -53.63 -44.66
C LYS A 205 28.75 -52.80 -45.06
N SER A 206 28.95 -51.49 -45.12
CA SER A 206 27.90 -50.53 -45.46
C SER A 206 27.35 -50.66 -46.87
N SER A 207 28.21 -50.98 -47.83
CA SER A 207 27.80 -51.13 -49.23
C SER A 207 26.42 -51.80 -49.33
N LYS A 208 25.49 -51.14 -50.04
CA LYS A 208 24.13 -51.66 -50.18
C LYS A 208 23.97 -52.77 -51.22
N ASN A 209 24.84 -52.77 -52.23
CA ASN A 209 24.78 -53.83 -53.23
C ASN A 209 25.62 -54.98 -52.66
N GLN A 210 24.96 -55.81 -51.86
CA GLN A 210 25.59 -56.95 -51.21
C GLN A 210 26.26 -57.97 -52.10
N ASN A 211 26.09 -57.87 -53.42
CA ASN A 211 26.73 -58.85 -54.32
C ASN A 211 28.22 -58.57 -54.49
N GLY A 212 28.64 -57.36 -54.14
CA GLY A 212 30.04 -56.99 -54.26
C GLY A 212 30.83 -57.30 -53.00
N VAL A 213 30.14 -57.77 -51.97
CA VAL A 213 30.78 -58.08 -50.68
C VAL A 213 30.65 -59.54 -50.23
N ILE A 214 31.79 -60.22 -50.12
CA ILE A 214 31.79 -61.61 -49.66
C ILE A 214 31.86 -61.60 -48.13
N TYR A 215 30.78 -61.95 -47.46
CA TYR A 215 30.79 -61.97 -46.00
C TYR A 215 31.39 -63.31 -45.52
N LEU A 216 32.04 -63.27 -44.37
CA LEU A 216 32.65 -64.47 -43.80
C LEU A 216 31.61 -65.56 -43.48
N ASP A 217 30.35 -65.16 -43.36
CA ASP A 217 29.29 -66.13 -43.07
C ASP A 217 28.44 -66.45 -44.30
N ASP A 218 28.86 -65.99 -45.47
CA ASP A 218 28.10 -66.27 -46.66
C ASP A 218 28.21 -67.75 -47.01
N PRO A 219 27.07 -68.44 -47.15
CA PRO A 219 27.10 -69.87 -47.48
C PRO A 219 27.66 -70.17 -48.86
N LYS A 220 28.09 -71.41 -49.03
CA LYS A 220 28.68 -71.92 -50.28
C LYS A 220 28.02 -71.37 -51.55
N GLU A 221 26.75 -71.69 -51.75
CA GLU A 221 26.04 -71.25 -52.94
C GLU A 221 25.99 -69.73 -53.14
N VAL A 222 26.06 -68.99 -52.05
CA VAL A 222 26.03 -67.53 -52.13
C VAL A 222 27.36 -66.96 -52.62
N VAL A 223 28.47 -67.47 -52.09
CA VAL A 223 29.78 -66.98 -52.52
C VAL A 223 30.04 -67.39 -53.97
N VAL A 224 29.57 -68.59 -54.34
CA VAL A 224 29.72 -69.08 -55.72
C VAL A 224 29.04 -68.09 -56.66
N LYS A 225 27.81 -67.74 -56.33
CA LYS A 225 27.01 -66.81 -57.10
C LYS A 225 27.60 -65.39 -57.16
N LYS A 226 28.18 -64.92 -56.06
CA LYS A 226 28.75 -63.58 -56.06
C LYS A 226 29.98 -63.43 -56.95
N ILE A 227 30.87 -64.41 -56.88
CA ILE A 227 32.10 -64.41 -57.67
C ILE A 227 31.82 -64.62 -59.17
N ARG A 228 30.95 -65.56 -59.48
CA ARG A 228 30.62 -65.82 -60.88
C ARG A 228 30.17 -64.53 -61.54
N GLN A 229 29.61 -63.62 -60.75
CA GLN A 229 29.12 -62.34 -61.25
C GLN A 229 30.11 -61.19 -61.10
N ALA A 230 31.26 -61.44 -60.50
CA ALA A 230 32.25 -60.39 -60.31
C ALA A 230 32.51 -59.66 -61.61
N THR A 231 32.44 -58.33 -61.58
CA THR A 231 32.68 -57.59 -62.81
C THR A 231 34.17 -57.61 -63.14
N THR A 232 34.48 -57.70 -64.43
CA THR A 232 35.86 -57.74 -64.87
C THR A 232 36.11 -56.60 -65.85
N ASP A 233 36.44 -56.95 -67.09
CA ASP A 233 36.68 -55.98 -68.14
C ASP A 233 36.50 -56.74 -69.45
N SER A 234 37.03 -56.21 -70.54
CA SER A 234 36.88 -56.87 -71.84
C SER A 234 38.20 -57.14 -72.55
N PHE A 235 39.32 -56.90 -71.87
CA PHE A 235 40.62 -57.11 -72.48
C PHE A 235 41.00 -58.58 -72.62
N ASN A 236 40.41 -59.41 -71.76
CA ASN A 236 40.69 -60.84 -71.73
C ASN A 236 42.14 -61.09 -71.36
N LYS A 237 42.64 -60.36 -70.37
CA LYS A 237 44.01 -60.56 -69.93
C LYS A 237 44.03 -60.65 -68.41
N ILE A 238 44.44 -61.80 -67.88
CA ILE A 238 44.51 -61.94 -66.43
C ILE A 238 45.90 -61.49 -65.95
N ARG A 239 45.96 -60.34 -65.30
CA ARG A 239 47.24 -59.84 -64.81
C ARG A 239 47.05 -58.75 -63.75
N PHE A 240 48.12 -58.47 -63.01
CA PHE A 240 48.06 -57.43 -62.00
C PHE A 240 48.16 -56.08 -62.71
N ALA A 241 47.02 -55.44 -62.90
CA ALA A 241 46.95 -54.14 -63.57
C ALA A 241 45.76 -53.39 -62.99
N SER A 242 45.92 -52.93 -61.74
CA SER A 242 44.86 -52.25 -61.01
C SER A 242 44.21 -51.02 -61.65
N LYS A 243 45.00 -50.16 -62.28
CA LYS A 243 44.44 -48.95 -62.88
C LYS A 243 43.49 -49.22 -64.03
N THR A 244 43.89 -50.09 -64.93
CA THR A 244 43.09 -50.40 -66.11
C THR A 244 42.13 -51.59 -65.94
N GLN A 245 42.44 -52.48 -64.99
CA GLN A 245 41.62 -53.66 -64.74
C GLN A 245 41.43 -53.89 -63.24
N PRO A 246 40.68 -53.00 -62.56
CA PRO A 246 40.48 -53.19 -61.13
C PRO A 246 39.85 -54.52 -60.76
N GLY A 247 38.81 -54.89 -61.50
CA GLY A 247 38.14 -56.16 -61.25
C GLY A 247 38.99 -57.43 -61.22
N VAL A 248 39.69 -57.74 -62.32
CA VAL A 248 40.50 -58.97 -62.32
C VAL A 248 41.70 -58.83 -61.41
N THR A 249 42.26 -57.64 -61.30
CA THR A 249 43.42 -57.46 -60.43
C THR A 249 43.03 -57.76 -58.99
N ASN A 250 41.88 -57.25 -58.56
CA ASN A 250 41.40 -57.48 -57.20
C ASN A 250 41.16 -58.98 -56.96
N MET A 251 40.53 -59.64 -57.92
CA MET A 251 40.27 -61.07 -57.79
C MET A 251 41.58 -61.86 -57.73
N LEU A 252 42.58 -61.34 -58.42
CA LEU A 252 43.90 -61.96 -58.46
C LEU A 252 44.60 -61.81 -57.11
N THR A 253 44.61 -60.60 -56.55
CA THR A 253 45.29 -60.44 -55.27
C THR A 253 44.53 -61.18 -54.15
N ILE A 254 43.22 -61.39 -54.33
CA ILE A 254 42.46 -62.13 -53.32
C ILE A 254 42.90 -63.58 -53.39
N LEU A 255 42.86 -64.13 -54.61
CA LEU A 255 43.25 -65.52 -54.86
C LEU A 255 44.64 -65.80 -54.29
N LYS A 256 45.62 -65.01 -54.69
CA LYS A 256 46.98 -65.21 -54.22
C LYS A 256 47.05 -65.23 -52.69
N ALA A 257 46.35 -64.29 -52.04
CA ALA A 257 46.34 -64.25 -50.58
C ALA A 257 45.75 -65.56 -50.00
N LEU A 258 44.64 -66.02 -50.58
CA LEU A 258 44.02 -67.25 -50.11
C LEU A 258 44.89 -68.49 -50.30
N LEU A 259 45.69 -68.53 -51.35
CA LEU A 259 46.56 -69.69 -51.60
C LEU A 259 47.60 -69.88 -50.51
N LYS A 260 47.70 -68.93 -49.61
CA LYS A 260 48.66 -69.05 -48.53
C LYS A 260 48.10 -69.91 -47.40
N GLU A 261 46.78 -70.07 -47.34
CA GLU A 261 46.16 -70.87 -46.27
C GLU A 261 46.32 -72.37 -46.47
N PRO A 262 46.57 -73.10 -45.37
CA PRO A 262 46.76 -74.54 -45.35
C PRO A 262 45.66 -75.31 -46.09
N VAL A 263 44.43 -74.85 -45.95
CA VAL A 263 43.29 -75.50 -46.60
C VAL A 263 43.37 -75.47 -48.13
N ASN A 264 44.01 -74.45 -48.67
CA ASN A 264 44.13 -74.36 -50.13
C ASN A 264 45.44 -74.92 -50.68
N GLN A 265 46.07 -75.80 -49.91
CA GLN A 265 47.34 -76.42 -50.30
C GLN A 265 47.33 -77.07 -51.68
N SER A 266 46.35 -77.93 -51.93
CA SER A 266 46.24 -78.60 -53.22
C SER A 266 46.25 -77.57 -54.35
N LEU A 267 45.36 -76.59 -54.26
CA LEU A 267 45.26 -75.52 -55.25
C LEU A 267 46.58 -74.80 -55.48
N THR A 268 47.28 -74.46 -54.38
CA THR A 268 48.56 -73.77 -54.48
C THR A 268 49.50 -74.55 -55.38
N ASN A 269 49.56 -75.86 -55.16
CA ASN A 269 50.42 -76.73 -55.95
C ASN A 269 49.99 -76.72 -57.41
N GLN A 270 48.69 -76.62 -57.63
CA GLN A 270 48.14 -76.60 -58.99
C GLN A 270 48.47 -75.33 -59.78
N LEU A 271 48.22 -74.18 -59.16
CA LEU A 271 48.46 -72.90 -59.81
C LEU A 271 49.92 -72.46 -59.82
N GLY A 272 50.69 -72.92 -58.85
CA GLY A 272 52.10 -72.54 -58.81
C GLY A 272 52.28 -71.19 -58.15
N ASN A 273 53.51 -70.70 -58.12
CA ASN A 273 53.84 -69.42 -57.49
C ASN A 273 53.67 -68.20 -58.41
N ASP A 274 53.33 -68.43 -59.68
CA ASP A 274 53.15 -67.35 -60.65
C ASP A 274 51.76 -67.40 -61.28
N LEU A 275 50.81 -66.69 -60.67
CA LEU A 275 49.44 -66.66 -61.17
C LEU A 275 49.30 -66.09 -62.59
N GLU A 276 50.09 -65.08 -62.92
CA GLU A 276 50.02 -64.49 -64.26
C GLU A 276 50.40 -65.53 -65.32
N ALA A 277 51.31 -66.43 -64.95
CA ALA A 277 51.77 -67.48 -65.86
C ALA A 277 50.72 -68.58 -65.97
N TYR A 278 50.13 -68.96 -64.84
CA TYR A 278 49.11 -70.00 -64.83
C TYR A 278 47.92 -69.64 -65.70
N PHE A 279 47.36 -68.46 -65.49
CA PHE A 279 46.20 -67.99 -66.23
C PHE A 279 46.55 -67.44 -67.60
N SER A 280 47.80 -67.62 -67.99
CA SER A 280 48.28 -67.16 -69.28
C SER A 280 47.38 -67.67 -70.40
N THR A 281 47.05 -68.95 -70.35
CA THR A 281 46.21 -69.57 -71.38
C THR A 281 44.78 -69.87 -70.91
N LYS A 282 44.28 -69.11 -69.95
CA LYS A 282 42.93 -69.35 -69.43
C LYS A 282 41.96 -68.17 -69.54
N SER A 283 40.73 -68.40 -69.09
CA SER A 283 39.69 -67.37 -69.16
C SER A 283 39.32 -66.78 -67.80
N TYR A 284 38.52 -65.71 -67.85
CA TYR A 284 38.07 -65.06 -66.63
C TYR A 284 37.19 -66.04 -65.86
N LEU A 285 36.55 -66.96 -66.58
CA LEU A 285 35.71 -67.94 -65.92
C LEU A 285 36.61 -68.84 -65.05
N ASP A 286 37.79 -69.17 -65.58
CA ASP A 286 38.74 -70.01 -64.86
C ASP A 286 39.20 -69.29 -63.60
N LEU A 287 39.57 -68.02 -63.75
CA LEU A 287 40.00 -67.20 -62.62
C LEU A 287 38.92 -67.24 -61.54
N LYS A 288 37.68 -66.95 -61.96
CA LYS A 288 36.55 -66.95 -61.05
C LYS A 288 36.38 -68.32 -60.39
N ASN A 289 36.56 -69.38 -61.17
CA ASN A 289 36.43 -70.72 -60.61
C ASN A 289 37.48 -70.99 -59.54
N ALA A 290 38.72 -70.56 -59.78
CA ALA A 290 39.80 -70.77 -58.80
C ALA A 290 39.51 -69.95 -57.54
N LEU A 291 39.17 -68.68 -57.73
CA LEU A 291 38.87 -67.82 -56.60
C LEU A 291 37.74 -68.44 -55.76
N THR A 292 36.73 -68.97 -56.45
CA THR A 292 35.59 -69.60 -55.80
C THR A 292 35.99 -70.79 -54.93
N GLU A 293 36.85 -71.65 -55.47
CA GLU A 293 37.32 -72.80 -54.72
C GLU A 293 38.13 -72.35 -53.50
N ALA A 294 39.02 -71.39 -53.69
CA ALA A 294 39.86 -70.91 -52.59
C ALA A 294 39.06 -70.20 -51.50
N THR A 295 38.08 -69.40 -51.92
CA THR A 295 37.25 -68.66 -50.99
C THR A 295 36.36 -69.62 -50.19
N VAL A 296 35.72 -70.55 -50.88
CA VAL A 296 34.85 -71.53 -50.23
C VAL A 296 35.63 -72.38 -49.22
N ASN A 297 36.80 -72.87 -49.62
CA ASN A 297 37.62 -73.68 -48.72
C ASN A 297 37.93 -72.90 -47.45
N LEU A 298 38.14 -71.59 -47.59
CA LEU A 298 38.46 -70.73 -46.45
C LEU A 298 37.21 -70.52 -45.61
N LEU A 299 36.16 -70.01 -46.26
CA LEU A 299 34.90 -69.74 -45.58
C LEU A 299 34.29 -70.95 -44.89
N VAL A 300 34.49 -72.16 -45.41
CA VAL A 300 33.92 -73.33 -44.76
C VAL A 300 34.85 -73.85 -43.65
N ASN A 301 36.15 -73.58 -43.77
CA ASN A 301 37.10 -74.02 -42.76
C ASN A 301 36.87 -73.20 -41.50
N ILE A 302 36.81 -71.89 -41.68
CA ILE A 302 36.56 -70.94 -40.61
C ILE A 302 35.33 -71.27 -39.73
N GLN A 303 34.19 -71.53 -40.36
CA GLN A 303 32.96 -71.85 -39.60
C GLN A 303 33.10 -73.21 -38.91
N ARG A 304 33.95 -74.06 -39.48
CA ARG A 304 34.20 -75.36 -38.89
C ARG A 304 34.82 -75.13 -37.52
N LYS A 305 35.98 -74.49 -37.51
CA LYS A 305 36.68 -74.20 -36.27
C LYS A 305 35.82 -73.31 -35.37
N ARG A 306 35.05 -72.41 -35.98
CA ARG A 306 34.22 -71.48 -35.21
C ARG A 306 33.33 -72.12 -34.16
N GLU A 307 32.88 -73.34 -34.42
CA GLU A 307 32.02 -74.02 -33.47
C GLU A 307 32.85 -74.80 -32.47
N GLN A 308 34.10 -75.07 -32.82
CA GLN A 308 35.02 -75.77 -31.92
C GLN A 308 35.31 -74.82 -30.74
N ILE A 309 34.75 -73.61 -30.82
CA ILE A 309 34.93 -72.60 -29.78
C ILE A 309 33.63 -72.45 -28.97
N SER A 310 33.69 -72.83 -27.70
CA SER A 310 32.52 -72.75 -26.82
C SER A 310 32.33 -71.36 -26.23
N ARG A 311 31.12 -71.11 -25.75
CA ARG A 311 30.77 -69.84 -25.13
C ARG A 311 31.69 -69.60 -23.97
N GLU A 312 32.15 -70.69 -23.36
CA GLU A 312 33.04 -70.63 -22.23
C GLU A 312 34.47 -70.23 -22.63
N GLN A 313 34.99 -70.83 -23.71
CA GLN A 313 36.33 -70.51 -24.17
C GLN A 313 36.46 -69.01 -24.48
N VAL A 314 35.41 -68.43 -25.04
CA VAL A 314 35.39 -67.02 -25.39
C VAL A 314 35.50 -66.18 -24.12
N PHE A 315 34.55 -66.40 -23.20
CA PHE A 315 34.52 -65.64 -21.95
C PHE A 315 35.85 -65.68 -21.22
N ASN A 316 36.41 -66.88 -21.09
CA ASN A 316 37.68 -67.04 -20.41
C ASN A 316 38.81 -66.32 -21.14
N CYS A 317 38.75 -66.32 -22.47
CA CYS A 317 39.76 -65.66 -23.28
C CYS A 317 39.68 -64.16 -23.00
N LEU A 318 38.46 -63.64 -22.98
CA LEU A 318 38.24 -62.23 -22.73
C LEU A 318 38.63 -61.84 -21.31
N GLN A 319 38.43 -62.75 -20.36
CA GLN A 319 38.77 -62.45 -18.98
C GLN A 319 40.28 -62.31 -18.83
N ALA A 320 41.03 -63.20 -19.46
CA ALA A 320 42.48 -63.15 -19.39
C ALA A 320 42.99 -61.95 -20.18
N GLY A 321 42.38 -61.69 -21.33
CA GLY A 321 42.78 -60.56 -22.14
C GLY A 321 42.58 -59.26 -21.38
N LYS A 322 41.48 -59.18 -20.64
CA LYS A 322 41.14 -58.01 -19.84
C LYS A 322 42.26 -57.73 -18.83
N ASN A 323 42.62 -58.75 -18.06
CA ASN A 323 43.66 -58.57 -17.06
C ASN A 323 45.00 -58.19 -17.68
N GLN A 324 45.37 -58.90 -18.73
CA GLN A 324 46.63 -58.66 -19.43
C GLN A 324 46.66 -57.25 -20.03
N ALA A 325 45.60 -56.88 -20.72
CA ALA A 325 45.50 -55.56 -21.35
C ALA A 325 45.48 -54.45 -20.31
N GLN A 326 44.69 -54.65 -19.27
CA GLN A 326 44.56 -53.67 -18.21
C GLN A 326 45.90 -53.36 -17.58
N ALA A 327 46.78 -54.35 -17.55
CA ALA A 327 48.11 -54.18 -16.97
C ALA A 327 48.85 -52.99 -17.58
N THR A 328 49.17 -53.06 -18.86
CA THR A 328 49.90 -51.96 -19.50
C THR A 328 49.04 -50.71 -19.71
N ALA A 329 47.74 -50.89 -19.85
CA ALA A 329 46.85 -49.75 -20.03
C ALA A 329 46.88 -48.89 -18.78
N ARG A 330 46.89 -49.52 -17.62
CA ARG A 330 46.93 -48.80 -16.35
C ARG A 330 48.23 -48.07 -16.13
N THR A 331 49.32 -48.64 -16.63
CA THR A 331 50.62 -48.01 -16.47
C THR A 331 50.70 -46.78 -17.36
N THR A 332 50.16 -46.88 -18.56
CA THR A 332 50.18 -45.78 -19.52
C THR A 332 49.28 -44.65 -19.03
N LEU A 333 48.10 -44.99 -18.55
CA LEU A 333 47.16 -43.98 -18.08
C LEU A 333 47.72 -43.20 -16.89
N ALA A 334 48.39 -43.89 -15.98
CA ALA A 334 48.95 -43.23 -14.81
C ALA A 334 49.98 -42.19 -15.23
N LEU A 335 50.74 -42.51 -16.26
CA LEU A 335 51.76 -41.60 -16.77
C LEU A 335 51.13 -40.37 -17.42
N PHE A 336 49.95 -40.54 -17.99
CA PHE A 336 49.25 -39.44 -18.63
C PHE A 336 48.62 -38.58 -17.57
N TYR A 337 48.20 -39.24 -16.49
CA TYR A 337 47.57 -38.54 -15.38
C TYR A 337 48.54 -37.55 -14.75
N ASP A 338 49.75 -38.03 -14.41
CA ASP A 338 50.72 -37.13 -13.80
C ASP A 338 51.20 -36.08 -14.78
N GLY A 339 50.93 -36.28 -16.06
CA GLY A 339 51.32 -35.31 -17.06
C GLY A 339 50.25 -34.24 -17.22
N PHE A 340 48.98 -34.65 -17.09
CA PHE A 340 47.86 -33.73 -17.23
C PHE A 340 47.51 -33.14 -15.86
N GLY A 341 48.15 -33.65 -14.82
CA GLY A 341 47.88 -33.15 -13.48
C GLY A 341 46.52 -33.59 -12.95
N LEU A 342 46.06 -34.73 -13.43
CA LEU A 342 44.77 -35.29 -13.02
C LEU A 342 44.97 -36.26 -11.87
N GLY A 343 43.88 -36.61 -11.19
CA GLY A 343 43.97 -37.57 -10.09
C GLY A 343 44.35 -37.01 -8.73
N SER A 344 44.07 -37.79 -7.69
CA SER A 344 44.31 -37.39 -6.30
C SER A 344 45.75 -37.56 -5.82
N GLN A 345 46.46 -38.46 -6.49
CA GLN A 345 47.84 -38.83 -6.19
C GLN A 345 48.82 -37.76 -6.52
N ASN A 346 48.32 -36.76 -7.23
CA ASN A 346 49.08 -35.63 -7.68
C ASN A 346 48.85 -34.51 -6.66
N ILE A 347 48.63 -34.86 -5.40
CA ILE A 347 48.40 -33.94 -4.31
C ILE A 347 49.04 -34.76 -3.25
N LYS A 348 49.97 -34.18 -2.48
CA LYS A 348 50.73 -34.90 -1.42
C LYS A 348 52.22 -34.79 -1.82
N MET B 3 14.85 -45.44 2.83
CA MET B 3 15.64 -44.28 3.41
C MET B 3 15.92 -43.13 2.44
N MET B 4 16.63 -42.15 2.99
CA MET B 4 17.14 -40.87 2.46
C MET B 4 17.28 -40.42 0.98
N LYS B 5 16.75 -39.21 0.69
CA LYS B 5 16.80 -38.60 -0.65
C LYS B 5 18.22 -38.11 -0.96
N ARG B 6 18.63 -38.28 -2.20
CA ARG B 6 19.99 -37.96 -2.65
C ARG B 6 20.24 -36.69 -3.48
N ALA B 7 21.39 -36.04 -3.24
CA ALA B 7 21.82 -34.81 -3.94
C ALA B 7 23.22 -34.91 -4.57
N LEU B 8 23.35 -34.47 -5.82
CA LEU B 8 24.64 -34.50 -6.51
C LEU B 8 24.93 -33.16 -7.17
N THR B 9 26.18 -32.72 -7.09
CA THR B 9 26.57 -31.47 -7.72
C THR B 9 28.08 -31.45 -7.92
N GLY B 10 28.51 -30.76 -8.96
CA GLY B 10 29.92 -30.67 -9.25
C GLY B 10 30.37 -29.23 -9.36
N ILE B 11 31.58 -28.96 -8.91
CA ILE B 11 32.15 -27.61 -8.98
C ILE B 11 33.50 -27.67 -9.65
N GLN B 12 33.69 -26.80 -10.64
CA GLN B 12 34.96 -26.72 -11.35
C GLN B 12 35.93 -25.90 -10.49
N ALA B 13 37.18 -26.32 -10.41
CA ALA B 13 38.16 -25.59 -9.62
C ALA B 13 38.72 -24.45 -10.45
N SER B 14 39.15 -23.39 -9.77
CA SER B 14 39.70 -22.22 -10.44
C SER B 14 40.08 -21.14 -9.43
N GLY B 15 41.23 -20.51 -9.64
CA GLY B 15 41.67 -19.46 -8.76
C GLY B 15 40.68 -18.32 -8.86
N LYS B 16 39.71 -18.49 -9.74
CA LYS B 16 38.68 -17.48 -9.97
C LYS B 16 37.38 -17.79 -9.25
N GLN B 17 37.44 -18.72 -8.30
CA GLN B 17 36.26 -19.07 -7.51
C GLN B 17 35.72 -17.75 -6.95
N HIS B 18 34.44 -17.45 -7.19
CA HIS B 18 33.83 -16.20 -6.74
C HIS B 18 32.54 -16.35 -5.92
N LEU B 19 32.03 -15.21 -5.43
CA LEU B 19 30.80 -15.14 -4.64
C LEU B 19 29.57 -15.75 -5.33
N GLY B 20 29.56 -15.73 -6.66
CA GLY B 20 28.45 -16.31 -7.37
C GLY B 20 28.42 -17.80 -7.08
N ASN B 21 29.60 -18.40 -7.04
CA ASN B 21 29.74 -19.82 -6.74
C ASN B 21 29.35 -20.11 -5.30
N TYR B 22 29.83 -19.27 -4.38
CA TYR B 22 29.54 -19.45 -2.96
C TYR B 22 28.05 -19.37 -2.70
N LEU B 23 27.44 -18.27 -3.12
CA LEU B 23 26.03 -18.07 -2.92
C LEU B 23 25.18 -19.02 -3.77
N GLY B 24 25.70 -19.37 -4.95
CA GLY B 24 24.94 -20.26 -5.81
C GLY B 24 24.71 -21.66 -5.30
N VAL B 25 25.73 -22.26 -4.68
CA VAL B 25 25.63 -23.63 -4.19
C VAL B 25 26.38 -23.92 -2.90
N MET B 26 27.61 -23.42 -2.79
CA MET B 26 28.42 -23.66 -1.60
C MET B 26 27.73 -23.40 -0.28
N GLN B 27 27.17 -22.19 -0.12
CA GLN B 27 26.50 -21.81 1.13
C GLN B 27 25.39 -22.77 1.58
N SER B 28 24.63 -23.32 0.64
CA SER B 28 23.54 -24.22 1.00
C SER B 28 24.01 -25.65 1.19
N LEU B 29 25.29 -25.88 0.98
CA LEU B 29 25.89 -27.22 1.13
C LEU B 29 25.75 -27.74 2.55
N ILE B 30 25.81 -26.84 3.52
CA ILE B 30 25.71 -27.19 4.93
C ILE B 30 24.31 -27.65 5.35
N GLU B 31 23.30 -27.25 4.60
CA GLU B 31 21.93 -27.62 4.88
C GLU B 31 21.67 -28.96 4.21
N LEU B 32 22.20 -29.09 3.00
CA LEU B 32 22.05 -30.31 2.20
C LEU B 32 22.61 -31.57 2.85
N GLN B 33 23.87 -31.52 3.29
CA GLN B 33 24.50 -32.68 3.90
C GLN B 33 23.77 -33.11 5.16
N GLU B 34 22.84 -32.27 5.62
CA GLU B 34 22.08 -32.59 6.82
C GLU B 34 20.74 -33.22 6.42
N GLN B 35 20.19 -32.77 5.29
CA GLN B 35 18.90 -33.26 4.80
C GLN B 35 19.01 -34.38 3.77
N CYS B 36 20.08 -34.40 3.01
CA CYS B 36 20.22 -35.42 1.98
C CYS B 36 21.52 -36.20 2.06
N GLN B 37 21.58 -37.25 1.26
CA GLN B 37 22.78 -38.06 1.12
C GLN B 37 23.42 -37.21 0.03
N LEU B 38 24.42 -36.43 0.41
CA LEU B 38 25.07 -35.50 -0.51
C LEU B 38 26.35 -35.96 -1.17
N PHE B 39 26.42 -35.72 -2.47
CA PHE B 39 27.58 -36.05 -3.28
C PHE B 39 28.05 -34.76 -3.90
N VAL B 40 29.34 -34.49 -3.74
CA VAL B 40 29.96 -33.28 -4.28
C VAL B 40 31.33 -33.64 -4.86
N PHE B 41 31.65 -33.10 -6.04
CA PHE B 41 32.95 -33.40 -6.63
C PHE B 41 33.60 -32.22 -7.33
N VAL B 42 34.91 -32.29 -7.44
CA VAL B 42 35.71 -31.27 -8.11
C VAL B 42 35.70 -31.75 -9.56
N ALA B 43 34.98 -31.03 -10.42
CA ALA B 43 34.87 -31.41 -11.81
C ALA B 43 36.08 -31.06 -12.71
N ASP B 44 37.22 -31.69 -12.41
CA ASP B 44 38.45 -31.42 -13.17
C ASP B 44 38.46 -31.97 -14.60
N LEU B 45 37.46 -32.75 -14.96
CA LEU B 45 37.38 -33.29 -16.32
C LEU B 45 36.71 -32.22 -17.20
N HIS B 46 36.03 -31.28 -16.56
CA HIS B 46 35.36 -30.18 -17.24
C HIS B 46 36.33 -29.03 -17.41
N SER B 47 37.31 -28.95 -16.52
CA SER B 47 38.31 -27.90 -16.56
C SER B 47 39.28 -28.05 -17.73
N ILE B 48 39.68 -29.28 -18.02
CA ILE B 48 40.60 -29.54 -19.13
C ILE B 48 39.93 -29.54 -20.50
N THR B 49 38.73 -28.98 -20.61
CA THR B 49 38.08 -28.92 -21.92
C THR B 49 38.62 -27.73 -22.68
N VAL B 50 39.44 -26.92 -22.01
CA VAL B 50 40.10 -25.77 -22.64
C VAL B 50 41.58 -25.83 -22.26
N ASP B 51 42.43 -25.11 -22.99
CA ASP B 51 43.86 -25.11 -22.68
C ASP B 51 44.01 -24.83 -21.19
N PHE B 52 44.95 -25.52 -20.55
CA PHE B 52 45.15 -25.37 -19.11
C PHE B 52 46.56 -25.79 -18.73
N GLN B 53 47.02 -25.37 -17.56
CA GLN B 53 48.35 -25.75 -17.10
C GLN B 53 48.25 -26.82 -16.01
N PRO B 54 48.78 -28.01 -16.27
CA PRO B 54 48.72 -29.10 -15.29
C PRO B 54 49.14 -28.71 -13.87
N GLN B 55 50.02 -27.72 -13.77
CA GLN B 55 50.49 -27.24 -12.47
C GLN B 55 49.35 -26.49 -11.81
N ALA B 56 48.71 -25.64 -12.60
CA ALA B 56 47.60 -24.82 -12.12
C ALA B 56 46.41 -25.69 -11.75
N LEU B 57 46.14 -26.72 -12.55
CA LEU B 57 45.03 -27.62 -12.31
C LEU B 57 45.20 -28.27 -10.93
N LYS B 58 46.38 -28.85 -10.70
CA LYS B 58 46.68 -29.50 -9.43
C LYS B 58 46.48 -28.55 -8.25
N GLN B 59 47.06 -27.36 -8.37
CA GLN B 59 46.95 -26.37 -7.30
C GLN B 59 45.49 -26.01 -7.02
N ASN B 60 44.73 -25.79 -8.09
CA ASN B 60 43.32 -25.43 -7.98
C ASN B 60 42.45 -26.54 -7.38
N ASN B 61 42.61 -27.77 -7.86
CA ASN B 61 41.84 -28.90 -7.33
C ASN B 61 42.05 -28.96 -5.81
N PHE B 62 43.27 -28.76 -5.39
CA PHE B 62 43.62 -28.76 -3.97
C PHE B 62 42.91 -27.57 -3.29
N ASP B 63 43.07 -26.39 -3.87
CA ASP B 63 42.45 -25.20 -3.32
C ASP B 63 40.93 -25.26 -3.19
N LEU B 64 40.26 -25.94 -4.11
CA LEU B 64 38.80 -26.04 -4.05
C LEU B 64 38.38 -26.91 -2.87
N VAL B 65 39.06 -28.05 -2.67
CA VAL B 65 38.73 -28.93 -1.57
C VAL B 65 38.86 -28.20 -0.25
N ARG B 66 39.90 -27.39 -0.11
CA ARG B 66 40.07 -26.63 1.12
C ARG B 66 38.94 -25.63 1.31
N THR B 67 38.54 -24.95 0.23
CA THR B 67 37.45 -23.98 0.33
C THR B 67 36.16 -24.66 0.77
N LEU B 68 35.84 -25.80 0.16
CA LEU B 68 34.62 -26.53 0.49
C LEU B 68 34.61 -26.97 1.95
N LEU B 69 35.79 -27.32 2.48
CA LEU B 69 35.91 -27.73 3.87
C LEU B 69 35.83 -26.49 4.76
N ALA B 70 36.59 -25.46 4.41
CA ALA B 70 36.61 -24.22 5.18
C ALA B 70 35.20 -23.65 5.26
N VAL B 71 34.37 -24.07 4.32
CA VAL B 71 33.01 -23.58 4.28
C VAL B 71 32.04 -24.41 5.09
N GLY B 72 32.39 -25.66 5.39
CA GLY B 72 31.51 -26.49 6.18
C GLY B 72 31.14 -27.86 5.62
N LEU B 73 31.58 -28.15 4.39
CA LEU B 73 31.29 -29.45 3.79
C LEU B 73 32.02 -30.46 4.67
N ASP B 74 31.25 -31.35 5.29
CA ASP B 74 31.80 -32.36 6.20
C ASP B 74 31.91 -33.74 5.56
N PRO B 75 33.14 -34.23 5.38
CA PRO B 75 33.35 -35.56 4.77
C PRO B 75 32.75 -36.71 5.58
N GLN B 76 32.26 -36.42 6.78
CA GLN B 76 31.64 -37.45 7.60
C GLN B 76 30.12 -37.45 7.34
N LYS B 77 29.62 -36.31 6.89
CA LYS B 77 28.19 -36.17 6.60
C LYS B 77 27.93 -36.24 5.09
N ALA B 78 28.95 -35.92 4.29
CA ALA B 78 28.83 -35.92 2.85
C ALA B 78 29.97 -36.67 2.16
N CYS B 79 29.92 -36.71 0.82
CA CYS B 79 30.94 -37.38 0.01
C CYS B 79 31.57 -36.35 -0.93
N LEU B 80 32.85 -36.07 -0.73
CA LEU B 80 33.56 -35.11 -1.57
C LEU B 80 34.68 -35.82 -2.32
N PHE B 81 34.60 -35.84 -3.65
CA PHE B 81 35.61 -36.53 -4.44
C PHE B 81 36.13 -35.74 -5.64
N LEU B 82 37.16 -36.28 -6.30
CA LEU B 82 37.74 -35.65 -7.49
C LEU B 82 37.30 -36.46 -8.70
N GLN B 83 36.49 -35.84 -9.55
CA GLN B 83 35.95 -36.47 -10.76
C GLN B 83 36.93 -37.40 -11.49
N SER B 84 38.14 -36.92 -11.75
CA SER B 84 39.12 -37.72 -12.46
C SER B 84 39.57 -38.98 -11.71
N ASP B 85 39.30 -39.07 -10.41
CA ASP B 85 39.70 -40.26 -9.64
C ASP B 85 38.84 -41.46 -10.00
N LEU B 86 37.72 -41.20 -10.68
CA LEU B 86 36.81 -42.26 -11.10
C LEU B 86 36.68 -42.46 -12.61
N LEU B 87 37.31 -43.49 -13.14
CA LEU B 87 37.18 -43.77 -14.57
C LEU B 87 35.71 -43.94 -14.95
N GLU B 88 34.86 -44.23 -13.96
CA GLU B 88 33.43 -44.42 -14.23
C GLU B 88 32.82 -43.17 -14.84
N HIS B 89 33.39 -42.01 -14.55
CA HIS B 89 32.88 -40.77 -15.10
C HIS B 89 33.11 -40.67 -16.59
N SER B 90 34.33 -40.94 -17.03
CA SER B 90 34.65 -40.88 -18.45
C SER B 90 33.79 -41.89 -19.21
N MET B 91 33.60 -43.07 -18.62
CA MET B 91 32.82 -44.11 -19.28
C MET B 91 31.35 -43.76 -19.39
N MET B 92 30.76 -43.29 -18.29
CA MET B 92 29.35 -42.93 -18.32
C MET B 92 29.17 -41.74 -19.26
N GLY B 93 30.11 -40.80 -19.20
CA GLY B 93 30.05 -39.61 -20.04
C GLY B 93 30.06 -39.99 -21.50
N TYR B 94 30.79 -41.08 -21.80
CA TYR B 94 30.89 -41.58 -23.16
C TYR B 94 29.57 -42.17 -23.63
N LEU B 95 28.89 -42.92 -22.77
CA LEU B 95 27.62 -43.53 -23.16
C LEU B 95 26.62 -42.43 -23.47
N MET B 96 26.66 -41.37 -22.67
CA MET B 96 25.77 -40.22 -22.86
C MET B 96 26.10 -39.57 -24.20
N MET B 97 27.38 -39.30 -24.44
CA MET B 97 27.83 -38.67 -25.68
C MET B 97 27.40 -39.41 -26.95
N VAL B 98 27.56 -40.73 -26.97
CA VAL B 98 27.16 -41.51 -28.13
C VAL B 98 25.65 -41.53 -28.28
N GLN B 99 24.93 -41.16 -27.22
CA GLN B 99 23.47 -41.14 -27.28
C GLN B 99 22.93 -39.74 -27.58
N SER B 100 23.81 -38.78 -27.76
CA SER B 100 23.37 -37.42 -28.07
C SER B 100 23.68 -37.15 -29.53
N ASN B 101 23.15 -36.05 -30.06
CA ASN B 101 23.42 -35.66 -31.43
C ASN B 101 24.06 -34.28 -31.43
N LEU B 102 24.80 -33.96 -32.48
CA LEU B 102 25.47 -32.67 -32.56
C LEU B 102 24.49 -31.50 -32.45
N GLY B 103 23.35 -31.64 -33.12
CA GLY B 103 22.34 -30.62 -33.10
C GLY B 103 21.98 -30.09 -31.72
N GLU B 104 21.55 -30.98 -30.82
CA GLU B 104 21.19 -30.54 -29.48
C GLU B 104 22.36 -29.95 -28.71
N LEU B 105 23.57 -30.42 -29.00
CA LEU B 105 24.74 -29.91 -28.31
C LEU B 105 25.14 -28.54 -28.85
N GLN B 106 24.89 -28.31 -30.13
CA GLN B 106 25.23 -27.03 -30.77
C GLN B 106 24.32 -25.87 -30.43
N ARG B 107 23.09 -26.18 -30.03
CA ARG B 107 22.13 -25.14 -29.66
C ARG B 107 22.32 -24.70 -28.21
N MET B 108 23.16 -25.41 -27.46
CA MET B 108 23.39 -25.04 -26.06
C MET B 108 23.89 -23.61 -26.01
N THR B 109 23.24 -22.78 -25.19
CA THR B 109 23.62 -21.38 -25.07
C THR B 109 25.05 -21.22 -24.57
N GLN B 110 25.45 -22.07 -23.63
CA GLN B 110 26.78 -21.98 -23.09
C GLN B 110 27.83 -22.26 -24.16
N PHE B 111 27.49 -23.12 -25.11
CA PHE B 111 28.42 -23.45 -26.19
C PHE B 111 28.55 -22.29 -27.16
N LYS B 112 27.44 -21.67 -27.51
CA LYS B 112 27.44 -20.54 -28.41
C LYS B 112 28.28 -19.40 -27.84
N ALA B 113 27.98 -19.02 -26.61
CA ALA B 113 28.68 -17.92 -25.95
C ALA B 113 30.12 -18.26 -25.59
N LYS B 114 30.48 -19.53 -25.75
CA LYS B 114 31.82 -19.95 -25.41
C LYS B 114 32.65 -20.18 -26.68
N LYS B 115 32.01 -20.65 -27.75
CA LYS B 115 32.69 -20.88 -29.02
C LYS B 115 32.96 -19.52 -29.63
N ALA B 116 32.32 -18.50 -29.08
CA ALA B 116 32.49 -17.14 -29.55
C ALA B 116 33.54 -16.44 -28.69
N GLU B 117 33.97 -17.12 -27.64
CA GLU B 117 34.97 -16.57 -26.73
C GLU B 117 36.40 -16.96 -27.13
N GLN B 118 36.59 -17.40 -28.37
CA GLN B 118 37.93 -17.78 -28.78
C GLN B 118 38.43 -17.49 -30.18
N THR B 119 39.76 -17.56 -30.27
CA THR B 119 40.55 -17.30 -31.47
C THR B 119 40.14 -18.00 -32.75
N ARG B 120 40.47 -17.34 -33.87
CA ARG B 120 40.21 -17.84 -35.21
C ARG B 120 41.52 -18.35 -35.80
N ASN B 121 41.43 -19.39 -36.64
CA ASN B 121 42.60 -19.96 -37.28
C ASN B 121 43.04 -18.96 -38.37
N PRO B 122 44.15 -19.26 -39.06
CA PRO B 122 44.57 -18.32 -40.11
C PRO B 122 43.55 -18.15 -41.23
N ASN B 123 42.82 -19.22 -41.56
CA ASN B 123 41.80 -19.18 -42.61
C ASN B 123 40.53 -18.46 -42.18
N GLY B 124 40.50 -18.03 -40.93
CA GLY B 124 39.34 -17.32 -40.40
C GLY B 124 38.38 -18.16 -39.58
N THR B 125 38.47 -19.47 -39.72
CA THR B 125 37.58 -20.37 -38.99
C THR B 125 37.93 -20.41 -37.49
N LEU B 126 36.92 -20.68 -36.67
CA LEU B 126 37.12 -20.75 -35.23
C LEU B 126 37.80 -22.04 -34.79
N ASN B 127 38.74 -21.91 -33.85
CA ASN B 127 39.44 -23.07 -33.32
C ASN B 127 38.77 -23.45 -32.02
N ILE B 128 37.92 -24.47 -32.09
CA ILE B 128 37.17 -24.89 -30.93
C ILE B 128 37.54 -26.26 -30.36
N PRO B 129 38.13 -26.30 -29.16
CA PRO B 129 38.46 -27.61 -28.61
C PRO B 129 37.18 -28.44 -28.53
N THR B 130 37.25 -29.70 -28.94
CA THR B 130 36.09 -30.59 -28.96
C THR B 130 35.38 -30.71 -27.63
N GLY B 131 36.13 -30.54 -26.53
CA GLY B 131 35.57 -30.65 -25.21
C GLY B 131 34.53 -29.59 -24.91
N LEU B 132 34.60 -28.47 -25.62
CA LEU B 132 33.65 -27.39 -25.41
C LEU B 132 32.27 -27.75 -25.92
N LEU B 133 32.20 -28.60 -26.93
CA LEU B 133 30.93 -29.01 -27.50
C LEU B 133 30.32 -30.17 -26.72
N THR B 134 31.18 -31.08 -26.29
CA THR B 134 30.74 -32.30 -25.61
C THR B 134 30.57 -32.32 -24.10
N TYR B 135 31.20 -31.40 -23.38
CA TYR B 135 31.08 -31.48 -21.92
C TYR B 135 29.66 -31.56 -21.35
N PRO B 136 28.67 -30.99 -22.06
CA PRO B 136 27.35 -31.13 -21.43
C PRO B 136 26.82 -32.57 -21.38
N ALA B 137 27.47 -33.47 -22.10
CA ALA B 137 27.08 -34.88 -22.08
C ALA B 137 27.82 -35.54 -20.92
N LEU B 138 29.01 -35.01 -20.62
CA LEU B 138 29.82 -35.51 -19.51
C LEU B 138 29.01 -35.19 -18.26
N MET B 139 28.43 -33.99 -18.23
CA MET B 139 27.65 -33.55 -17.08
C MET B 139 26.48 -34.49 -16.86
N ALA B 140 25.74 -34.76 -17.92
CA ALA B 140 24.59 -35.66 -17.85
C ALA B 140 25.03 -36.96 -17.19
N GLY B 141 26.20 -37.46 -17.60
CA GLY B 141 26.72 -38.70 -17.04
C GLY B 141 27.10 -38.55 -15.58
N ASP B 142 27.74 -37.43 -15.24
CA ASP B 142 28.14 -37.20 -13.84
C ASP B 142 26.91 -37.29 -12.96
N ILE B 143 25.79 -36.77 -13.46
CA ILE B 143 24.54 -36.77 -12.71
C ILE B 143 24.00 -38.20 -12.58
N LEU B 144 23.69 -38.80 -13.73
CA LEU B 144 23.12 -40.14 -13.78
C LEU B 144 23.91 -41.27 -13.12
N LEU B 145 25.20 -41.06 -12.89
CA LEU B 145 26.03 -42.09 -12.26
C LEU B 145 25.60 -42.31 -10.81
N TYR B 146 25.07 -41.28 -10.19
CA TYR B 146 24.65 -41.35 -8.80
C TYR B 146 23.12 -41.37 -8.63
N GLN B 147 22.41 -41.34 -9.75
CA GLN B 147 20.94 -41.38 -9.74
C GLN B 147 20.36 -40.52 -8.62
N PRO B 148 20.80 -39.25 -8.52
CA PRO B 148 20.31 -38.36 -7.47
C PRO B 148 18.89 -37.87 -7.68
N ASP B 149 18.25 -37.43 -6.59
CA ASP B 149 16.89 -36.89 -6.65
C ASP B 149 16.97 -35.45 -7.15
N ILE B 150 17.92 -34.70 -6.59
CA ILE B 150 18.09 -33.31 -7.00
C ILE B 150 19.54 -33.00 -7.36
N VAL B 151 19.71 -31.89 -8.08
CA VAL B 151 21.02 -31.45 -8.51
C VAL B 151 21.05 -29.96 -8.21
N PRO B 152 21.62 -29.59 -7.04
CA PRO B 152 21.68 -28.17 -6.68
C PRO B 152 22.72 -27.39 -7.48
N VAL B 153 22.24 -26.42 -8.26
CA VAL B 153 23.11 -25.61 -9.11
C VAL B 153 22.59 -24.20 -9.31
N GLY B 154 23.41 -23.39 -9.97
CA GLY B 154 23.04 -22.02 -10.26
C GLY B 154 22.12 -21.97 -11.47
N ASN B 155 21.47 -20.84 -11.66
CA ASN B 155 20.54 -20.66 -12.76
C ASN B 155 21.15 -21.05 -14.10
N ASP B 156 22.37 -20.56 -14.36
CA ASP B 156 23.09 -20.83 -15.60
C ASP B 156 23.20 -22.29 -15.98
N GLN B 157 22.93 -23.19 -15.04
CA GLN B 157 23.04 -24.62 -15.31
C GLN B 157 21.71 -25.30 -15.68
N LYS B 158 20.68 -24.50 -15.96
CA LYS B 158 19.37 -25.04 -16.30
C LYS B 158 19.30 -25.85 -17.59
N GLN B 159 19.85 -25.33 -18.68
CA GLN B 159 19.82 -26.04 -19.95
C GLN B 159 20.47 -27.41 -19.81
N HIS B 160 21.55 -27.47 -19.04
CA HIS B 160 22.28 -28.71 -18.83
C HIS B 160 21.40 -29.74 -18.13
N LEU B 161 20.64 -29.30 -17.12
CA LEU B 161 19.76 -30.22 -16.43
C LEU B 161 18.68 -30.73 -17.38
N GLU B 162 18.22 -29.87 -18.28
CA GLU B 162 17.20 -30.26 -19.25
C GLU B 162 17.79 -31.29 -20.23
N LEU B 163 18.99 -31.04 -20.75
CA LEU B 163 19.63 -31.96 -21.69
C LEU B 163 19.81 -33.32 -21.00
N THR B 164 20.15 -33.27 -19.72
CA THR B 164 20.35 -34.47 -18.94
C THR B 164 19.07 -35.28 -18.78
N ARG B 165 17.95 -34.60 -18.62
CA ARG B 165 16.68 -35.30 -18.48
C ARG B 165 16.25 -35.85 -19.84
N ASP B 166 16.58 -35.13 -20.91
CA ASP B 166 16.21 -35.62 -22.25
C ASP B 166 16.98 -36.89 -22.57
N LEU B 167 18.26 -36.92 -22.20
CA LEU B 167 19.11 -38.08 -22.44
C LEU B 167 18.68 -39.25 -21.57
N ALA B 168 18.29 -38.96 -20.33
CA ALA B 168 17.84 -40.00 -19.42
C ALA B 168 16.58 -40.66 -19.98
N GLN B 169 15.66 -39.85 -20.49
CA GLN B 169 14.43 -40.36 -21.08
C GLN B 169 14.74 -41.09 -22.38
N ARG B 170 15.67 -40.55 -23.17
CA ARG B 170 16.09 -41.17 -24.42
C ARG B 170 16.62 -42.58 -24.08
N ILE B 171 17.54 -42.66 -23.11
CA ILE B 171 18.15 -43.93 -22.67
C ILE B 171 17.07 -44.91 -22.13
N GLN B 172 16.17 -44.36 -21.32
CA GLN B 172 15.09 -45.14 -20.72
C GLN B 172 14.16 -45.73 -21.78
N LYS B 173 13.81 -44.92 -22.77
CA LYS B 173 12.92 -45.37 -23.83
C LYS B 173 13.55 -46.50 -24.62
N LYS B 174 14.75 -46.26 -25.15
CA LYS B 174 15.43 -47.25 -25.97
C LYS B 174 15.96 -48.49 -25.27
N PHE B 175 16.60 -48.33 -24.13
CA PHE B 175 17.16 -49.49 -23.43
C PHE B 175 16.28 -50.05 -22.30
N LYS B 176 15.13 -49.42 -22.08
CA LYS B 176 14.20 -49.87 -21.04
C LYS B 176 14.96 -50.03 -19.74
N LEU B 177 15.81 -49.05 -19.48
CA LEU B 177 16.64 -49.00 -18.29
C LEU B 177 15.89 -48.25 -17.20
N LYS B 178 15.76 -48.83 -16.02
CA LYS B 178 15.07 -48.16 -14.91
C LYS B 178 15.90 -46.97 -14.42
N LEU B 179 15.40 -45.77 -14.68
CA LEU B 179 16.11 -44.56 -14.27
C LEU B 179 15.23 -43.65 -13.46
N ARG B 180 15.87 -42.64 -12.88
CA ARG B 180 15.19 -41.64 -12.09
C ARG B 180 15.63 -40.32 -12.71
N LEU B 181 14.68 -39.50 -13.13
CA LEU B 181 15.02 -38.22 -13.74
C LEU B 181 15.49 -37.24 -12.67
N PRO B 182 16.72 -36.72 -12.83
CA PRO B 182 17.23 -35.76 -11.85
C PRO B 182 16.47 -34.45 -11.91
N GLN B 183 16.19 -33.86 -10.75
CA GLN B 183 15.48 -32.59 -10.71
C GLN B 183 16.41 -31.38 -10.53
N PHE B 184 16.23 -30.37 -11.36
CA PHE B 184 17.02 -29.14 -11.26
C PHE B 184 16.57 -28.36 -10.03
N VAL B 185 17.54 -27.94 -9.20
CA VAL B 185 17.24 -27.17 -8.00
C VAL B 185 18.21 -26.01 -7.80
N GLN B 186 17.65 -24.80 -7.74
CA GLN B 186 18.45 -23.59 -7.56
C GLN B 186 17.96 -22.83 -6.33
N ASN B 187 18.82 -21.99 -5.77
CA ASN B 187 18.49 -21.20 -4.60
C ASN B 187 17.49 -20.14 -5.04
N LYS B 188 16.35 -20.09 -4.35
CA LYS B 188 15.30 -19.13 -4.70
C LYS B 188 15.78 -17.69 -4.87
N ASP B 189 16.66 -17.25 -3.97
CA ASP B 189 17.18 -15.88 -4.02
C ASP B 189 18.51 -15.67 -4.73
N THR B 190 19.51 -16.48 -4.37
CA THR B 190 20.87 -16.35 -4.91
C THR B 190 21.27 -17.22 -6.10
N ASN B 191 20.30 -17.67 -6.89
CA ASN B 191 20.62 -18.54 -8.02
C ASN B 191 21.42 -17.87 -9.12
N ARG B 192 21.58 -16.55 -9.04
CA ARG B 192 22.31 -15.86 -10.09
C ARG B 192 22.85 -14.51 -9.64
N ILE B 193 24.00 -14.50 -8.99
CA ILE B 193 24.60 -13.24 -8.55
C ILE B 193 25.12 -12.49 -9.77
N MET B 194 24.84 -11.18 -9.82
CA MET B 194 25.25 -10.36 -10.95
C MET B 194 26.64 -9.70 -10.81
N ASP B 195 27.21 -9.34 -11.94
CA ASP B 195 28.51 -8.68 -12.00
C ASP B 195 28.38 -7.29 -11.38
N LEU B 196 29.32 -6.94 -10.49
CA LEU B 196 29.29 -5.65 -9.81
C LEU B 196 29.50 -4.42 -10.69
N PHE B 197 30.17 -4.60 -11.83
CA PHE B 197 30.42 -3.49 -12.76
C PHE B 197 29.31 -3.38 -13.81
N ASP B 198 28.87 -4.52 -14.31
CA ASP B 198 27.79 -4.56 -15.30
C ASP B 198 26.75 -5.53 -14.75
N PRO B 199 25.83 -5.03 -13.92
CA PRO B 199 24.79 -5.86 -13.33
C PRO B 199 23.78 -6.52 -14.28
N THR B 200 23.95 -6.34 -15.58
CA THR B 200 23.05 -6.96 -16.56
C THR B 200 23.60 -8.32 -16.98
N LYS B 201 24.74 -8.67 -16.39
CA LYS B 201 25.45 -9.92 -16.67
C LYS B 201 25.69 -10.62 -15.33
N LYS B 202 25.84 -11.94 -15.32
CA LYS B 202 26.08 -12.67 -14.07
C LYS B 202 27.56 -12.62 -13.70
N MET B 203 27.87 -12.84 -12.43
CA MET B 203 29.26 -12.85 -12.00
C MET B 203 29.91 -14.08 -12.61
N SER B 204 30.96 -13.88 -13.40
CA SER B 204 31.62 -15.01 -14.05
C SER B 204 33.13 -15.04 -13.90
N LYS B 205 33.67 -16.25 -13.81
CA LYS B 205 35.10 -16.44 -13.70
C LYS B 205 35.74 -15.91 -14.98
N SER B 206 35.00 -15.98 -16.08
CA SER B 206 35.51 -15.54 -17.38
C SER B 206 35.49 -14.05 -17.67
N SER B 207 34.78 -13.26 -16.87
CA SER B 207 34.75 -11.82 -17.11
C SER B 207 36.13 -11.19 -17.19
N LYS B 208 36.36 -10.44 -18.27
CA LYS B 208 37.61 -9.76 -18.51
C LYS B 208 37.90 -8.77 -17.37
N ASN B 209 36.92 -7.92 -17.11
CA ASN B 209 37.00 -6.92 -16.06
C ASN B 209 36.79 -7.57 -14.70
N GLN B 210 37.79 -7.48 -13.84
CA GLN B 210 37.70 -8.10 -12.53
C GLN B 210 37.07 -7.31 -11.39
N ASN B 211 36.79 -6.03 -11.61
CA ASN B 211 36.18 -5.23 -10.56
C ASN B 211 34.72 -5.65 -10.41
N GLY B 212 34.25 -6.44 -11.37
CA GLY B 212 32.87 -6.89 -11.35
C GLY B 212 32.70 -8.22 -10.62
N VAL B 213 33.82 -8.86 -10.31
CA VAL B 213 33.78 -10.16 -9.61
C VAL B 213 34.47 -10.13 -8.25
N ILE B 214 33.77 -10.63 -7.23
CA ILE B 214 34.35 -10.70 -5.90
C ILE B 214 34.92 -12.11 -5.77
N TYR B 215 36.24 -12.25 -5.86
CA TYR B 215 36.87 -13.57 -5.75
C TYR B 215 36.94 -13.99 -4.29
N LEU B 216 36.83 -15.30 -4.05
CA LEU B 216 36.89 -15.83 -2.69
C LEU B 216 38.25 -15.59 -2.03
N ASP B 217 39.28 -15.38 -2.84
CA ASP B 217 40.62 -15.13 -2.31
C ASP B 217 41.03 -13.67 -2.52
N ASP B 218 40.05 -12.79 -2.54
CA ASP B 218 40.32 -11.37 -2.72
C ASP B 218 40.62 -10.78 -1.34
N PRO B 219 41.70 -9.99 -1.21
CA PRO B 219 41.98 -9.39 0.11
C PRO B 219 40.96 -8.31 0.46
N LYS B 220 40.81 -8.01 1.74
CA LYS B 220 39.84 -6.99 2.16
C LYS B 220 39.91 -5.67 1.41
N GLU B 221 41.12 -5.15 1.20
CA GLU B 221 41.25 -3.86 0.52
C GLU B 221 40.71 -3.91 -0.89
N VAL B 222 40.85 -5.07 -1.54
CA VAL B 222 40.35 -5.20 -2.90
C VAL B 222 38.82 -5.29 -2.85
N VAL B 223 38.29 -6.07 -1.91
CA VAL B 223 36.84 -6.19 -1.75
C VAL B 223 36.23 -4.81 -1.51
N VAL B 224 36.90 -4.00 -0.69
CA VAL B 224 36.44 -2.65 -0.38
C VAL B 224 36.34 -1.79 -1.63
N LYS B 225 37.40 -1.77 -2.43
CA LYS B 225 37.40 -0.96 -3.65
C LYS B 225 36.33 -1.40 -4.67
N LYS B 226 36.25 -2.71 -4.90
CA LYS B 226 35.30 -3.24 -5.87
C LYS B 226 33.85 -2.90 -5.58
N ILE B 227 33.47 -3.01 -4.30
CA ILE B 227 32.11 -2.73 -3.90
C ILE B 227 31.81 -1.24 -3.94
N ARG B 228 32.77 -0.43 -3.49
CA ARG B 228 32.59 1.02 -3.50
C ARG B 228 32.32 1.52 -4.90
N GLN B 229 32.84 0.81 -5.89
CA GLN B 229 32.69 1.18 -7.30
C GLN B 229 31.53 0.46 -7.99
N ALA B 230 30.80 -0.37 -7.26
CA ALA B 230 29.69 -1.11 -7.86
C ALA B 230 28.74 -0.16 -8.55
N THR B 231 28.43 -0.42 -9.82
CA THR B 231 27.54 0.43 -10.57
C THR B 231 26.11 0.33 -10.01
N THR B 232 25.49 1.48 -9.78
CA THR B 232 24.13 1.54 -9.25
C THR B 232 23.19 2.15 -10.30
N ASP B 233 22.64 3.31 -9.98
CA ASP B 233 21.74 4.00 -10.89
C ASP B 233 21.49 5.39 -10.34
N SER B 234 20.72 6.21 -11.05
CA SER B 234 20.45 7.56 -10.58
C SER B 234 18.99 7.77 -10.15
N PHE B 235 18.42 6.73 -9.54
CA PHE B 235 17.04 6.78 -9.06
C PHE B 235 17.02 6.93 -7.53
N ASN B 236 18.18 6.77 -6.92
CA ASN B 236 18.34 6.86 -5.47
C ASN B 236 17.20 6.24 -4.67
N LYS B 237 17.03 4.92 -4.82
CA LYS B 237 15.99 4.20 -4.11
C LYS B 237 16.44 2.78 -3.86
N ILE B 238 16.69 2.44 -2.60
CA ILE B 238 17.13 1.09 -2.27
C ILE B 238 15.94 0.16 -2.05
N ARG B 239 15.79 -0.79 -2.97
CA ARG B 239 14.71 -1.77 -2.93
C ARG B 239 15.05 -2.88 -3.90
N PHE B 240 14.26 -3.96 -3.87
CA PHE B 240 14.48 -5.07 -4.78
C PHE B 240 13.72 -4.85 -6.08
N ALA B 241 14.45 -4.54 -7.15
CA ALA B 241 13.83 -4.32 -8.45
C ALA B 241 14.73 -4.81 -9.57
N SER B 242 14.95 -6.12 -9.60
CA SER B 242 15.79 -6.73 -10.61
C SER B 242 15.64 -6.07 -11.98
N LYS B 243 14.40 -6.01 -12.46
CA LYS B 243 14.11 -5.44 -13.77
C LYS B 243 14.54 -4.00 -14.03
N THR B 244 14.34 -3.10 -13.07
CA THR B 244 14.69 -1.70 -13.26
C THR B 244 15.98 -1.20 -12.62
N GLN B 245 16.40 -1.84 -11.52
CA GLN B 245 17.65 -1.45 -10.84
C GLN B 245 18.51 -2.67 -10.57
N PRO B 246 19.04 -3.30 -11.64
CA PRO B 246 19.89 -4.49 -11.50
C PRO B 246 21.03 -4.33 -10.49
N GLY B 247 21.76 -3.23 -10.59
CA GLY B 247 22.87 -2.98 -9.68
C GLY B 247 22.46 -2.99 -8.21
N VAL B 248 21.64 -2.03 -7.81
CA VAL B 248 21.19 -1.96 -6.43
C VAL B 248 20.49 -3.22 -5.95
N THR B 249 19.62 -3.79 -6.77
CA THR B 249 18.92 -5.00 -6.38
C THR B 249 19.91 -6.14 -6.10
N ASN B 250 20.91 -6.28 -6.96
CA ASN B 250 21.93 -7.32 -6.80
C ASN B 250 22.66 -7.20 -5.47
N MET B 251 23.18 -6.01 -5.17
CA MET B 251 23.90 -5.80 -3.93
C MET B 251 22.98 -6.10 -2.75
N LEU B 252 21.70 -5.80 -2.93
CA LEU B 252 20.72 -6.01 -1.88
C LEU B 252 20.46 -7.48 -1.60
N THR B 253 20.30 -8.31 -2.63
CA THR B 253 20.05 -9.72 -2.39
C THR B 253 21.32 -10.44 -1.89
N ILE B 254 22.49 -9.92 -2.24
CA ILE B 254 23.76 -10.51 -1.80
C ILE B 254 23.87 -10.28 -0.31
N LEU B 255 23.58 -9.04 0.10
CA LEU B 255 23.62 -8.61 1.49
C LEU B 255 22.69 -9.50 2.33
N LYS B 256 21.47 -9.74 1.82
CA LYS B 256 20.51 -10.57 2.54
C LYS B 256 21.04 -11.99 2.79
N ALA B 257 21.69 -12.56 1.77
CA ALA B 257 22.23 -13.91 1.86
C ALA B 257 23.42 -13.99 2.82
N LEU B 258 24.21 -12.92 2.89
CA LEU B 258 25.38 -12.91 3.76
C LEU B 258 25.01 -12.74 5.23
N LEU B 259 23.88 -12.09 5.49
CA LEU B 259 23.44 -11.88 6.85
C LEU B 259 23.02 -13.15 7.57
N LYS B 260 22.70 -14.21 6.82
CA LYS B 260 22.29 -15.49 7.41
C LYS B 260 23.51 -16.17 8.02
N GLU B 261 24.68 -15.76 7.58
CA GLU B 261 25.93 -16.33 8.06
C GLU B 261 26.20 -16.01 9.53
N PRO B 262 26.78 -16.96 10.29
CA PRO B 262 27.09 -16.74 11.72
C PRO B 262 27.86 -15.43 11.87
N VAL B 263 28.95 -15.30 11.13
CA VAL B 263 29.70 -14.05 11.17
C VAL B 263 28.63 -13.13 10.57
N ASN B 264 28.64 -11.85 10.94
CA ASN B 264 27.61 -10.93 10.44
C ASN B 264 26.35 -10.98 11.31
N GLN B 265 26.41 -11.73 12.41
CA GLN B 265 25.28 -11.81 13.33
C GLN B 265 24.92 -10.42 13.83
N SER B 266 25.95 -9.68 14.24
CA SER B 266 25.79 -8.33 14.76
C SER B 266 25.30 -7.42 13.66
N LEU B 267 25.81 -7.64 12.46
CA LEU B 267 25.43 -6.81 11.33
C LEU B 267 23.94 -6.99 11.04
N THR B 268 23.48 -8.24 10.94
CA THR B 268 22.07 -8.48 10.65
C THR B 268 21.16 -8.01 11.79
N ASN B 269 21.65 -8.09 13.03
CA ASN B 269 20.86 -7.64 14.17
C ASN B 269 20.71 -6.12 14.07
N GLN B 270 21.83 -5.45 13.83
CA GLN B 270 21.85 -4.00 13.70
C GLN B 270 20.95 -3.53 12.55
N LEU B 271 20.72 -4.41 11.57
CA LEU B 271 19.91 -4.05 10.42
C LEU B 271 18.42 -4.41 10.46
N GLY B 272 18.07 -5.50 11.14
CA GLY B 272 16.66 -5.89 11.21
C GLY B 272 16.28 -6.75 10.02
N ASN B 273 15.10 -7.36 10.05
CA ASN B 273 14.68 -8.21 8.94
C ASN B 273 14.14 -7.49 7.72
N ASP B 274 13.81 -6.21 7.86
CA ASP B 274 13.26 -5.46 6.74
C ASP B 274 14.33 -4.53 6.12
N LEU B 275 15.17 -5.09 5.27
CA LEU B 275 16.23 -4.32 4.62
C LEU B 275 15.73 -3.06 3.91
N GLU B 276 14.63 -3.19 3.17
CA GLU B 276 14.09 -2.04 2.46
C GLU B 276 13.70 -0.95 3.45
N ALA B 277 13.13 -1.36 4.58
CA ALA B 277 12.72 -0.39 5.61
C ALA B 277 13.95 0.27 6.23
N TYR B 278 15.00 -0.51 6.43
CA TYR B 278 16.23 0.02 7.00
C TYR B 278 16.91 1.03 6.08
N PHE B 279 17.05 0.66 4.81
CA PHE B 279 17.70 1.55 3.84
C PHE B 279 16.76 2.62 3.32
N SER B 280 15.55 2.61 3.87
CA SER B 280 14.52 3.57 3.50
C SER B 280 15.02 5.02 3.55
N THR B 281 15.79 5.34 4.59
CA THR B 281 16.30 6.69 4.76
C THR B 281 17.81 6.83 4.55
N LYS B 282 18.41 5.85 3.86
CA LYS B 282 19.85 5.89 3.65
C LYS B 282 20.29 5.94 2.19
N SER B 283 21.55 6.28 1.97
CA SER B 283 22.11 6.40 0.63
C SER B 283 22.66 5.08 0.08
N TYR B 284 22.93 5.08 -1.22
CA TYR B 284 23.48 3.89 -1.87
C TYR B 284 24.85 3.60 -1.24
N LEU B 285 25.51 4.64 -0.77
CA LEU B 285 26.82 4.45 -0.15
C LEU B 285 26.67 3.66 1.14
N ASP B 286 25.53 3.83 1.82
CA ASP B 286 25.27 3.12 3.07
C ASP B 286 25.08 1.63 2.81
N LEU B 287 24.57 1.32 1.62
CA LEU B 287 24.34 -0.05 1.20
C LEU B 287 25.67 -0.72 0.89
N LYS B 288 26.54 -0.01 0.15
CA LYS B 288 27.85 -0.55 -0.19
C LYS B 288 28.66 -0.81 1.05
N ASN B 289 28.54 0.09 2.01
CA ASN B 289 29.24 -0.03 3.29
C ASN B 289 28.87 -1.31 4.02
N ALA B 290 27.57 -1.55 4.15
CA ALA B 290 27.07 -2.74 4.83
C ALA B 290 27.40 -4.01 4.05
N LEU B 291 27.38 -3.90 2.72
CA LEU B 291 27.69 -5.04 1.86
C LEU B 291 29.17 -5.37 1.99
N THR B 292 30.00 -4.34 2.07
CA THR B 292 31.44 -4.52 2.21
C THR B 292 31.81 -5.19 3.53
N GLU B 293 31.05 -4.92 4.59
CA GLU B 293 31.35 -5.52 5.88
C GLU B 293 30.95 -6.99 5.91
N ALA B 294 29.72 -7.28 5.48
CA ALA B 294 29.24 -8.66 5.45
C ALA B 294 30.16 -9.49 4.56
N THR B 295 30.58 -8.90 3.44
CA THR B 295 31.46 -9.59 2.51
C THR B 295 32.85 -9.84 3.10
N VAL B 296 33.50 -8.79 3.59
CA VAL B 296 34.82 -8.93 4.17
C VAL B 296 34.77 -9.97 5.28
N ASN B 297 33.80 -9.83 6.18
CA ASN B 297 33.64 -10.77 7.29
C ASN B 297 33.63 -12.20 6.78
N LEU B 298 32.81 -12.47 5.78
CA LEU B 298 32.71 -13.82 5.22
C LEU B 298 34.05 -14.27 4.62
N LEU B 299 34.60 -13.48 3.70
CA LEU B 299 35.87 -13.85 3.06
C LEU B 299 36.98 -14.10 4.07
N VAL B 300 37.16 -13.18 5.02
CA VAL B 300 38.19 -13.31 6.03
C VAL B 300 38.01 -14.60 6.83
N ASN B 301 36.76 -14.99 7.04
CA ASN B 301 36.45 -16.22 7.78
C ASN B 301 36.60 -17.49 6.92
N ILE B 302 36.57 -17.33 5.60
CA ILE B 302 36.73 -18.48 4.72
C ILE B 302 38.23 -18.64 4.55
N GLN B 303 38.88 -17.55 4.15
CA GLN B 303 40.32 -17.53 3.93
C GLN B 303 41.01 -17.97 5.21
N ARG B 304 40.40 -17.65 6.34
CA ARG B 304 40.93 -18.00 7.65
C ARG B 304 40.94 -19.52 7.80
N LYS B 305 39.76 -20.11 7.77
CA LYS B 305 39.62 -21.55 7.93
C LYS B 305 40.28 -22.33 6.79
N ARG B 306 40.20 -21.76 5.59
CA ARG B 306 40.77 -22.39 4.41
C ARG B 306 42.26 -22.63 4.59
N GLU B 307 42.87 -21.78 5.41
CA GLU B 307 44.30 -21.86 5.69
C GLU B 307 44.63 -23.01 6.66
N GLN B 308 43.71 -23.29 7.58
CA GLN B 308 43.88 -24.33 8.56
C GLN B 308 43.88 -25.73 7.93
N ILE B 309 43.13 -25.91 6.85
CA ILE B 309 43.07 -27.20 6.18
C ILE B 309 44.44 -27.57 5.60
N SER B 310 44.88 -28.82 5.83
CA SER B 310 46.18 -29.30 5.37
C SER B 310 46.15 -30.21 4.14
N ARG B 311 47.30 -30.30 3.47
CA ARG B 311 47.47 -31.14 2.29
C ARG B 311 47.01 -32.57 2.57
N GLU B 312 47.54 -33.18 3.63
CA GLU B 312 47.19 -34.54 4.02
C GLU B 312 45.68 -34.68 4.16
N GLN B 313 45.07 -33.68 4.80
CA GLN B 313 43.64 -33.65 5.00
C GLN B 313 42.89 -33.73 3.67
N VAL B 314 43.36 -32.97 2.69
CA VAL B 314 42.75 -32.97 1.39
C VAL B 314 42.85 -34.34 0.75
N PHE B 315 44.06 -34.91 0.82
CA PHE B 315 44.31 -36.21 0.24
C PHE B 315 43.45 -37.31 0.84
N ASN B 316 43.40 -37.39 2.16
CA ASN B 316 42.61 -38.43 2.83
C ASN B 316 41.12 -38.26 2.49
N CYS B 317 40.70 -37.00 2.44
CA CYS B 317 39.32 -36.66 2.15
C CYS B 317 38.94 -37.18 0.76
N LEU B 318 39.75 -36.82 -0.23
CA LEU B 318 39.51 -37.24 -1.59
C LEU B 318 39.64 -38.74 -1.71
N GLN B 319 40.57 -39.30 -0.94
CA GLN B 319 40.78 -40.74 -0.98
C GLN B 319 39.53 -41.49 -0.51
N ALA B 320 38.89 -41.00 0.56
CA ALA B 320 37.69 -41.62 1.08
C ALA B 320 36.49 -41.31 0.19
N GLY B 321 36.43 -40.09 -0.33
CA GLY B 321 35.34 -39.73 -1.22
C GLY B 321 35.40 -40.65 -2.42
N LYS B 322 36.61 -40.78 -2.99
CA LYS B 322 36.85 -41.63 -4.15
C LYS B 322 36.20 -43.01 -3.94
N ASN B 323 36.52 -43.65 -2.83
CA ASN B 323 35.98 -44.96 -2.56
C ASN B 323 34.47 -44.94 -2.39
N GLN B 324 33.99 -43.99 -1.59
CA GLN B 324 32.56 -43.87 -1.32
C GLN B 324 31.77 -43.61 -2.60
N ALA B 325 32.17 -42.60 -3.35
CA ALA B 325 31.49 -42.25 -4.59
C ALA B 325 31.56 -43.42 -5.56
N GLN B 326 32.72 -44.06 -5.60
CA GLN B 326 32.91 -45.18 -6.49
C GLN B 326 32.00 -46.34 -6.10
N ALA B 327 31.54 -46.34 -4.86
CA ALA B 327 30.65 -47.40 -4.38
C ALA B 327 29.33 -47.39 -5.16
N THR B 328 28.74 -46.22 -5.32
CA THR B 328 27.49 -46.14 -6.07
C THR B 328 27.71 -45.98 -7.59
N ALA B 329 28.85 -45.41 -7.98
CA ALA B 329 29.13 -45.23 -9.41
C ALA B 329 29.28 -46.57 -10.13
N ARG B 330 29.96 -47.53 -9.51
CA ARG B 330 30.14 -48.83 -10.13
C ARG B 330 28.81 -49.54 -10.28
N THR B 331 27.99 -49.48 -9.23
CA THR B 331 26.68 -50.13 -9.26
C THR B 331 25.85 -49.64 -10.42
N THR B 332 25.80 -48.33 -10.60
CA THR B 332 25.03 -47.73 -11.68
C THR B 332 25.58 -48.08 -13.05
N LEU B 333 26.88 -47.87 -13.26
CA LEU B 333 27.50 -48.16 -14.54
C LEU B 333 27.28 -49.61 -14.95
N ALA B 334 27.34 -50.50 -13.97
CA ALA B 334 27.15 -51.93 -14.22
C ALA B 334 25.75 -52.20 -14.77
N LEU B 335 24.76 -51.52 -14.20
CA LEU B 335 23.41 -51.70 -14.67
C LEU B 335 23.26 -51.15 -16.09
N PHE B 336 23.93 -50.05 -16.40
CA PHE B 336 23.87 -49.49 -17.74
C PHE B 336 24.53 -50.45 -18.72
N TYR B 337 25.62 -51.08 -18.26
CA TYR B 337 26.33 -52.02 -19.11
C TYR B 337 25.37 -53.13 -19.50
N ASP B 338 24.57 -53.60 -18.54
CA ASP B 338 23.61 -54.65 -18.84
C ASP B 338 22.65 -54.19 -19.92
N GLY B 339 22.06 -53.01 -19.72
CA GLY B 339 21.11 -52.46 -20.67
C GLY B 339 21.70 -52.16 -22.04
N PHE B 340 22.94 -51.72 -22.08
CA PHE B 340 23.62 -51.41 -23.34
C PHE B 340 24.17 -52.65 -24.06
N GLY B 341 24.46 -53.70 -23.29
CA GLY B 341 25.00 -54.92 -23.87
C GLY B 341 26.51 -54.90 -23.93
N LEU B 342 27.13 -54.02 -23.14
CA LEU B 342 28.58 -53.87 -23.08
C LEU B 342 29.24 -54.80 -22.05
N GLY B 343 30.56 -54.94 -22.12
CA GLY B 343 31.26 -55.79 -21.17
C GLY B 343 31.22 -57.26 -21.53
N SER B 344 32.16 -58.04 -20.99
CA SER B 344 32.21 -59.47 -21.28
C SER B 344 31.49 -60.36 -20.29
N GLN B 345 31.14 -59.84 -19.12
CA GLN B 345 30.42 -60.68 -18.17
C GLN B 345 28.95 -60.75 -18.55
N ASN B 346 28.70 -60.42 -19.82
CA ASN B 346 27.39 -60.41 -20.45
C ASN B 346 27.24 -61.69 -21.24
N ILE B 347 28.32 -62.47 -21.39
CA ILE B 347 28.26 -63.79 -22.08
C ILE B 347 28.59 -64.93 -21.14
N LYS B 348 27.61 -65.48 -20.49
CA LYS B 348 27.70 -66.58 -19.54
C LYS B 348 29.00 -66.69 -18.69
N MET C 4 -32.26 45.84 -7.71
CA MET C 4 -31.11 46.36 -6.92
C MET C 4 -30.88 45.55 -5.64
N LYS C 5 -29.77 44.82 -5.58
CA LYS C 5 -29.46 44.00 -4.40
C LYS C 5 -29.38 44.80 -3.09
N ARG C 6 -29.80 44.18 -1.99
CA ARG C 6 -29.82 44.84 -0.69
C ARG C 6 -28.68 44.35 0.23
N ALA C 7 -28.00 45.29 0.87
CA ALA C 7 -26.90 44.96 1.79
C ALA C 7 -27.16 45.51 3.18
N LEU C 8 -26.91 44.68 4.19
CA LEU C 8 -27.10 45.09 5.57
C LEU C 8 -25.90 44.74 6.43
N THR C 9 -25.41 45.69 7.21
CA THR C 9 -24.28 45.45 8.08
C THR C 9 -24.33 46.30 9.35
N GLY C 10 -23.72 45.81 10.41
CA GLY C 10 -23.73 46.52 11.68
C GLY C 10 -22.35 46.77 12.23
N ILE C 11 -22.20 47.85 12.99
CA ILE C 11 -20.92 48.22 13.60
C ILE C 11 -21.13 48.65 15.05
N GLN C 12 -20.35 48.08 15.96
CA GLN C 12 -20.44 48.46 17.38
C GLN C 12 -19.56 49.70 17.59
N ALA C 13 -20.01 50.60 18.46
CA ALA C 13 -19.25 51.80 18.75
C ALA C 13 -18.22 51.53 19.85
N SER C 14 -17.18 52.35 19.89
CA SER C 14 -16.12 52.22 20.90
C SER C 14 -14.90 53.04 20.48
N GLY C 15 -14.25 53.65 21.47
CA GLY C 15 -13.07 54.45 21.19
C GLY C 15 -11.93 53.63 20.60
N LYS C 16 -12.13 52.32 20.55
CA LYS C 16 -11.11 51.42 20.01
C LYS C 16 -11.36 51.03 18.55
N GLN C 17 -12.09 51.88 17.83
CA GLN C 17 -12.36 51.64 16.40
C GLN C 17 -10.96 51.63 15.75
N HIS C 18 -10.60 50.54 15.08
CA HIS C 18 -9.28 50.41 14.47
C HIS C 18 -9.27 50.13 12.96
N LEU C 19 -8.05 50.08 12.40
CA LEU C 19 -7.83 49.83 10.97
C LEU C 19 -8.55 48.60 10.43
N GLY C 20 -8.64 47.55 11.24
CA GLY C 20 -9.31 46.34 10.81
C GLY C 20 -10.75 46.63 10.48
N ASN C 21 -11.38 47.50 11.28
CA ASN C 21 -12.77 47.86 11.06
C ASN C 21 -12.88 48.69 9.80
N TYR C 22 -11.87 49.54 9.57
CA TYR C 22 -11.88 50.41 8.42
C TYR C 22 -11.75 49.65 7.09
N LEU C 23 -10.68 48.89 6.92
CA LEU C 23 -10.46 48.13 5.70
C LEU C 23 -11.39 46.93 5.60
N GLY C 24 -11.80 46.43 6.75
CA GLY C 24 -12.68 45.27 6.77
C GLY C 24 -14.07 45.55 6.26
N VAL C 25 -14.63 46.69 6.66
CA VAL C 25 -15.98 47.04 6.26
C VAL C 25 -16.19 48.49 5.87
N MET C 26 -15.58 49.42 6.61
CA MET C 26 -15.79 50.83 6.33
C MET C 26 -15.36 51.32 4.96
N GLN C 27 -14.18 50.89 4.49
CA GLN C 27 -13.67 51.32 3.20
C GLN C 27 -14.58 51.02 2.01
N SER C 28 -15.31 49.91 2.06
CA SER C 28 -16.17 49.55 0.96
C SER C 28 -17.58 50.16 0.97
N LEU C 29 -17.94 50.88 2.02
CA LEU C 29 -19.27 51.49 2.06
C LEU C 29 -19.47 52.42 0.86
N ILE C 30 -18.42 53.16 0.53
CA ILE C 30 -18.46 54.10 -0.59
C ILE C 30 -19.00 53.43 -1.87
N GLU C 31 -18.50 52.23 -2.16
CA GLU C 31 -18.88 51.46 -3.34
C GLU C 31 -20.25 50.79 -3.17
N LEU C 32 -20.44 50.15 -2.02
CA LEU C 32 -21.70 49.47 -1.72
C LEU C 32 -22.90 50.39 -1.89
N GLN C 33 -22.85 51.56 -1.26
CA GLN C 33 -23.97 52.49 -1.34
C GLN C 33 -24.26 52.90 -2.78
N GLU C 34 -23.28 52.77 -3.65
CA GLU C 34 -23.47 53.13 -5.05
C GLU C 34 -24.11 51.96 -5.81
N GLN C 35 -23.71 50.75 -5.46
CA GLN C 35 -24.21 49.53 -6.11
C GLN C 35 -25.44 48.89 -5.50
N CYS C 36 -25.71 49.16 -4.22
CA CYS C 36 -26.83 48.54 -3.56
C CYS C 36 -27.71 49.48 -2.78
N GLN C 37 -28.77 48.91 -2.24
CA GLN C 37 -29.69 49.59 -1.36
C GLN C 37 -29.00 49.14 -0.06
N LEU C 38 -28.21 50.04 0.52
CA LEU C 38 -27.42 49.75 1.71
C LEU C 38 -28.01 50.22 3.03
N PHE C 39 -28.02 49.29 3.99
CA PHE C 39 -28.52 49.53 5.34
C PHE C 39 -27.35 49.32 6.29
N VAL C 40 -27.03 50.34 7.07
CA VAL C 40 -25.92 50.26 8.02
C VAL C 40 -26.37 50.84 9.36
N PHE C 41 -26.04 50.15 10.45
CA PHE C 41 -26.40 50.65 11.78
C PHE C 41 -25.31 50.51 12.83
N VAL C 42 -25.38 51.40 13.82
CA VAL C 42 -24.47 51.40 14.94
C VAL C 42 -25.14 50.35 15.85
N ALA C 43 -24.38 49.32 16.24
CA ALA C 43 -24.95 48.25 17.05
C ALA C 43 -24.86 48.42 18.57
N ASP C 44 -25.54 49.42 19.12
CA ASP C 44 -25.48 49.64 20.57
C ASP C 44 -26.16 48.54 21.40
N LEU C 45 -27.08 47.80 20.80
CA LEU C 45 -27.72 46.70 21.53
C LEU C 45 -26.69 45.63 21.83
N HIS C 46 -25.72 45.49 20.93
CA HIS C 46 -24.63 44.52 21.13
C HIS C 46 -23.60 45.05 22.12
N SER C 47 -23.46 46.37 22.21
CA SER C 47 -22.51 47.00 23.14
C SER C 47 -22.93 46.82 24.60
N ILE C 48 -24.22 46.96 24.89
CA ILE C 48 -24.69 46.83 26.27
C ILE C 48 -24.72 45.35 26.67
N THR C 49 -24.07 44.53 25.85
CA THR C 49 -23.98 43.11 26.10
C THR C 49 -22.98 42.82 27.23
N VAL C 50 -22.07 43.77 27.45
CA VAL C 50 -21.07 43.66 28.52
C VAL C 50 -21.15 44.95 29.34
N ASP C 51 -20.51 44.97 30.52
CA ASP C 51 -20.54 46.17 31.37
C ASP C 51 -20.08 47.38 30.55
N PHE C 52 -20.77 48.51 30.75
CA PHE C 52 -20.49 49.73 30.00
C PHE C 52 -20.96 50.96 30.77
N GLN C 53 -20.64 52.13 30.25
CA GLN C 53 -21.06 53.37 30.87
C GLN C 53 -22.05 54.09 29.96
N PRO C 54 -23.20 54.51 30.49
CA PRO C 54 -24.23 55.21 29.71
C PRO C 54 -23.72 56.40 28.88
N GLN C 55 -22.94 57.27 29.50
CA GLN C 55 -22.41 58.45 28.80
C GLN C 55 -21.36 58.05 27.76
N ALA C 56 -20.56 57.04 28.06
CA ALA C 56 -19.54 56.60 27.11
C ALA C 56 -20.20 55.99 25.87
N LEU C 57 -21.25 55.20 26.11
CA LEU C 57 -21.98 54.51 25.05
C LEU C 57 -22.62 55.55 24.14
N LYS C 58 -23.14 56.61 24.75
CA LYS C 58 -23.79 57.69 24.00
C LYS C 58 -22.77 58.44 23.15
N GLN C 59 -21.65 58.80 23.76
CA GLN C 59 -20.58 59.51 23.09
C GLN C 59 -20.02 58.65 21.96
N ASN C 60 -19.82 57.36 22.23
CA ASN C 60 -19.29 56.43 21.24
C ASN C 60 -20.23 56.28 20.03
N ASN C 61 -21.53 56.19 20.27
CA ASN C 61 -22.48 56.06 19.17
C ASN C 61 -22.37 57.31 18.33
N PHE C 62 -22.30 58.45 19.00
CA PHE C 62 -22.17 59.72 18.32
C PHE C 62 -20.93 59.72 17.43
N ASP C 63 -19.78 59.39 18.01
CA ASP C 63 -18.51 59.36 17.26
C ASP C 63 -18.50 58.45 16.05
N LEU C 64 -19.06 57.25 16.20
CA LEU C 64 -19.10 56.28 15.11
C LEU C 64 -19.87 56.81 13.90
N VAL C 65 -20.97 57.50 14.15
CA VAL C 65 -21.76 58.07 13.07
C VAL C 65 -20.93 59.10 12.33
N ARG C 66 -20.14 59.86 13.09
CA ARG C 66 -19.26 60.86 12.50
C ARG C 66 -18.20 60.21 11.62
N THR C 67 -17.54 59.19 12.15
CA THR C 67 -16.52 58.47 11.42
C THR C 67 -17.10 57.90 10.12
N LEU C 68 -18.23 57.22 10.24
CA LEU C 68 -18.88 56.62 9.08
C LEU C 68 -19.29 57.69 8.07
N LEU C 69 -19.58 58.88 8.58
CA LEU C 69 -19.97 60.01 7.72
C LEU C 69 -18.73 60.61 7.07
N ALA C 70 -17.66 60.77 7.86
CA ALA C 70 -16.41 61.33 7.34
C ALA C 70 -15.75 60.42 6.32
N VAL C 71 -15.98 59.11 6.47
CA VAL C 71 -15.38 58.13 5.59
C VAL C 71 -16.07 57.96 4.25
N GLY C 72 -17.30 58.44 4.13
CA GLY C 72 -18.01 58.33 2.86
C GLY C 72 -19.49 57.99 2.85
N LEU C 73 -19.96 57.27 3.87
CA LEU C 73 -21.38 56.91 3.91
C LEU C 73 -22.23 58.16 3.71
N ASP C 74 -23.07 58.13 2.67
CA ASP C 74 -23.93 59.26 2.35
C ASP C 74 -25.41 58.92 2.59
N PRO C 75 -26.04 59.59 3.57
CA PRO C 75 -27.44 59.37 3.92
C PRO C 75 -28.43 59.54 2.77
N GLN C 76 -27.97 60.09 1.66
CA GLN C 76 -28.83 60.26 0.50
C GLN C 76 -28.74 59.01 -0.38
N LYS C 77 -27.68 58.23 -0.19
CA LYS C 77 -27.47 57.01 -0.98
C LYS C 77 -27.66 55.76 -0.15
N ALA C 78 -27.60 55.94 1.17
CA ALA C 78 -27.74 54.82 2.07
C ALA C 78 -28.52 55.17 3.34
N CYS C 79 -28.87 54.14 4.11
CA CYS C 79 -29.62 54.27 5.35
C CYS C 79 -28.68 54.00 6.52
N LEU C 80 -28.45 55.00 7.36
CA LEU C 80 -27.56 54.82 8.50
C LEU C 80 -28.41 55.07 9.74
N PHE C 81 -28.42 54.10 10.64
CA PHE C 81 -29.25 54.23 11.84
C PHE C 81 -28.68 53.57 13.09
N LEU C 82 -29.29 53.89 14.23
CA LEU C 82 -28.90 53.34 15.52
C LEU C 82 -29.85 52.18 15.85
N GLN C 83 -29.27 51.00 16.09
CA GLN C 83 -30.05 49.81 16.41
C GLN C 83 -31.12 50.03 17.50
N SER C 84 -30.78 50.73 18.59
CA SER C 84 -31.75 50.96 19.66
C SER C 84 -32.96 51.83 19.31
N ASP C 85 -32.89 52.56 18.21
CA ASP C 85 -34.02 53.41 17.80
C ASP C 85 -35.20 52.59 17.32
N LEU C 86 -34.94 51.37 16.84
CA LEU C 86 -36.01 50.48 16.35
C LEU C 86 -36.33 49.36 17.33
N LEU C 87 -37.51 49.41 17.93
CA LEU C 87 -37.96 48.38 18.86
C LEU C 87 -38.08 47.02 18.14
N GLU C 88 -38.12 47.07 16.82
CA GLU C 88 -38.24 45.86 16.00
C GLU C 88 -37.03 44.92 16.13
N HIS C 89 -35.88 45.49 16.47
CA HIS C 89 -34.66 44.69 16.61
C HIS C 89 -34.73 43.74 17.81
N SER C 90 -35.22 44.25 18.94
CA SER C 90 -35.36 43.42 20.13
C SER C 90 -36.42 42.36 19.92
N MET C 91 -37.45 42.67 19.15
CA MET C 91 -38.50 41.69 18.93
C MET C 91 -38.03 40.62 17.94
N MET C 92 -37.53 41.04 16.79
CA MET C 92 -37.04 40.07 15.82
C MET C 92 -36.00 39.22 16.53
N GLY C 93 -35.17 39.89 17.32
CA GLY C 93 -34.12 39.21 18.08
C GLY C 93 -34.66 38.16 19.03
N TYR C 94 -35.79 38.46 19.66
CA TYR C 94 -36.43 37.54 20.59
C TYR C 94 -36.97 36.32 19.85
N LEU C 95 -37.53 36.53 18.65
CA LEU C 95 -38.05 35.41 17.87
C LEU C 95 -36.92 34.48 17.47
N MET C 96 -35.78 35.05 17.10
CA MET C 96 -34.62 34.24 16.71
C MET C 96 -34.07 33.53 17.94
N MET C 97 -34.12 34.20 19.09
CA MET C 97 -33.61 33.62 20.33
C MET C 97 -34.42 32.40 20.77
N VAL C 98 -35.75 32.47 20.64
CA VAL C 98 -36.57 31.35 21.05
C VAL C 98 -36.54 30.19 20.06
N GLN C 99 -36.12 30.45 18.84
CA GLN C 99 -36.04 29.37 17.85
C GLN C 99 -34.64 28.74 17.84
N SER C 100 -33.77 29.21 18.72
CA SER C 100 -32.41 28.67 18.82
C SER C 100 -32.35 27.78 20.06
N ASN C 101 -31.24 27.07 20.23
CA ASN C 101 -31.09 26.24 21.42
C ASN C 101 -29.78 26.61 22.10
N LEU C 102 -29.58 26.14 23.32
CA LEU C 102 -28.38 26.45 24.07
C LEU C 102 -27.10 25.81 23.52
N GLY C 103 -27.25 24.71 22.79
CA GLY C 103 -26.11 24.02 22.21
C GLY C 103 -25.40 24.88 21.17
N GLU C 104 -26.14 25.26 20.13
CA GLU C 104 -25.62 26.10 19.06
C GLU C 104 -24.83 27.28 19.61
N LEU C 105 -25.47 28.04 20.48
CA LEU C 105 -24.89 29.24 21.09
C LEU C 105 -23.66 28.98 21.96
N GLN C 106 -23.64 27.86 22.67
CA GLN C 106 -22.49 27.51 23.52
C GLN C 106 -21.25 27.10 22.71
N ARG C 107 -21.47 26.52 21.53
CA ARG C 107 -20.37 26.08 20.65
C ARG C 107 -19.76 27.27 19.89
N MET C 108 -20.47 28.40 19.86
CA MET C 108 -19.95 29.57 19.17
C MET C 108 -18.53 29.83 19.65
N THR C 109 -17.62 30.00 18.71
CA THR C 109 -16.22 30.25 19.05
C THR C 109 -16.04 31.40 20.04
N GLN C 110 -16.63 32.55 19.74
CA GLN C 110 -16.51 33.71 20.61
C GLN C 110 -16.97 33.48 22.04
N PHE C 111 -18.08 32.78 22.23
CA PHE C 111 -18.58 32.47 23.57
C PHE C 111 -17.68 31.43 24.22
N LYS C 112 -17.44 30.35 23.49
CA LYS C 112 -16.61 29.23 23.94
C LYS C 112 -15.32 29.77 24.60
N ALA C 113 -14.88 30.93 24.14
CA ALA C 113 -13.67 31.56 24.67
C ALA C 113 -13.92 32.38 25.92
N LYS C 114 -15.18 32.75 26.17
CA LYS C 114 -15.50 33.54 27.35
C LYS C 114 -15.94 32.71 28.54
N LYS C 115 -15.71 31.40 28.46
CA LYS C 115 -16.06 30.48 29.56
C LYS C 115 -14.81 29.71 29.98
N ALA C 116 -13.66 30.14 29.48
CA ALA C 116 -12.40 29.50 29.80
C ALA C 116 -11.40 30.59 30.19
N LEU C 126 -19.04 30.78 37.80
CA LEU C 126 -18.51 32.02 37.14
C LEU C 126 -19.53 33.14 37.25
N ASN C 127 -19.26 34.24 36.56
CA ASN C 127 -20.19 35.38 36.54
C ASN C 127 -20.22 35.89 35.11
N ILE C 128 -20.95 35.18 34.25
CA ILE C 128 -21.06 35.52 32.83
C ILE C 128 -22.35 36.24 32.44
N PRO C 129 -22.24 37.47 31.92
CA PRO C 129 -23.44 38.22 31.51
C PRO C 129 -24.17 37.51 30.38
N THR C 130 -25.46 37.25 30.62
CA THR C 130 -26.35 36.54 29.68
C THR C 130 -26.24 36.92 28.21
N GLY C 131 -26.10 38.22 27.96
CA GLY C 131 -26.00 38.71 26.59
C GLY C 131 -24.82 38.18 25.81
N LEU C 132 -23.80 37.72 26.52
CA LEU C 132 -22.61 37.21 25.88
C LEU C 132 -22.92 35.88 25.22
N LEU C 133 -23.99 35.24 25.68
CA LEU C 133 -24.42 33.95 25.16
C LEU C 133 -25.48 34.06 24.07
N THR C 134 -26.35 35.07 24.17
CA THR C 134 -27.44 35.26 23.22
C THR C 134 -27.26 36.26 22.05
N TYR C 135 -26.27 37.16 22.10
CA TYR C 135 -26.17 38.13 21.02
C TYR C 135 -26.08 37.57 19.59
N PRO C 136 -25.43 36.41 19.40
CA PRO C 136 -25.43 35.96 18.01
C PRO C 136 -26.86 35.76 17.46
N ALA C 137 -27.80 35.44 18.34
CA ALA C 137 -29.18 35.24 17.93
C ALA C 137 -29.81 36.61 17.64
N LEU C 138 -29.25 37.65 18.24
CA LEU C 138 -29.72 39.01 18.04
C LEU C 138 -29.18 39.49 16.71
N MET C 139 -27.91 39.16 16.44
CA MET C 139 -27.29 39.55 15.18
C MET C 139 -28.09 38.93 14.05
N ALA C 140 -28.45 37.66 14.23
CA ALA C 140 -29.24 36.91 13.25
C ALA C 140 -30.51 37.70 12.98
N GLY C 141 -31.12 38.20 14.06
CA GLY C 141 -32.33 38.99 13.94
C GLY C 141 -32.09 40.27 13.14
N ASP C 142 -31.02 40.99 13.47
CA ASP C 142 -30.67 42.21 12.76
C ASP C 142 -30.59 41.95 11.25
N ILE C 143 -30.01 40.81 10.87
CA ILE C 143 -29.86 40.47 9.46
C ILE C 143 -31.26 40.25 8.84
N LEU C 144 -31.99 39.29 9.37
CA LEU C 144 -33.30 38.94 8.85
C LEU C 144 -34.34 40.05 8.85
N LEU C 145 -34.14 41.07 9.69
CA LEU C 145 -35.09 42.18 9.76
C LEU C 145 -35.17 42.91 8.42
N TYR C 146 -34.14 42.78 7.59
CA TYR C 146 -34.13 43.49 6.32
C TYR C 146 -34.05 42.62 5.08
N GLN C 147 -34.16 41.31 5.26
CA GLN C 147 -34.10 40.40 4.11
C GLN C 147 -33.04 40.81 3.09
N PRO C 148 -31.80 41.05 3.53
CA PRO C 148 -30.74 41.45 2.60
C PRO C 148 -30.27 40.28 1.74
N ASP C 149 -29.64 40.60 0.61
CA ASP C 149 -29.12 39.57 -0.27
C ASP C 149 -27.72 39.29 0.23
N ILE C 150 -27.01 40.37 0.56
CA ILE C 150 -25.65 40.25 1.08
C ILE C 150 -25.47 41.00 2.41
N VAL C 151 -24.59 40.46 3.25
CA VAL C 151 -24.27 41.03 4.54
C VAL C 151 -22.77 41.18 4.58
N PRO C 152 -22.27 42.37 4.21
CA PRO C 152 -20.82 42.63 4.19
C PRO C 152 -20.24 42.81 5.60
N VAL C 153 -19.30 41.95 5.94
CA VAL C 153 -18.65 41.97 7.25
C VAL C 153 -17.21 41.47 7.12
N GLY C 154 -16.46 41.51 8.22
CA GLY C 154 -15.10 41.02 8.20
C GLY C 154 -15.13 39.51 8.26
N ASN C 155 -13.99 38.87 8.05
CA ASN C 155 -13.91 37.42 8.09
C ASN C 155 -14.30 36.77 9.43
N ASP C 156 -14.24 37.53 10.52
CA ASP C 156 -14.57 36.97 11.83
C ASP C 156 -16.06 36.70 12.05
N GLN C 157 -16.91 37.31 11.22
CA GLN C 157 -18.36 37.12 11.33
C GLN C 157 -18.89 35.93 10.55
N LYS C 158 -18.00 35.14 9.96
CA LYS C 158 -18.41 33.99 9.17
C LYS C 158 -19.35 33.03 9.91
N GLN C 159 -19.00 32.70 11.15
CA GLN C 159 -19.81 31.79 11.94
C GLN C 159 -21.17 32.39 12.29
N HIS C 160 -21.22 33.69 12.54
CA HIS C 160 -22.48 34.35 12.87
C HIS C 160 -23.42 34.32 11.67
N LEU C 161 -22.84 34.34 10.48
CA LEU C 161 -23.64 34.30 9.28
C LEU C 161 -24.16 32.90 9.04
N GLU C 162 -23.39 31.89 9.45
CA GLU C 162 -23.81 30.50 9.28
C GLU C 162 -24.98 30.21 10.21
N LEU C 163 -24.89 30.75 11.43
CA LEU C 163 -25.93 30.60 12.43
C LEU C 163 -27.23 31.24 11.95
N THR C 164 -27.09 32.40 11.30
CA THR C 164 -28.24 33.13 10.78
C THR C 164 -28.87 32.35 9.64
N ARG C 165 -28.04 31.67 8.86
CA ARG C 165 -28.54 30.87 7.74
C ARG C 165 -29.33 29.70 8.32
N ASP C 166 -28.70 28.97 9.26
CA ASP C 166 -29.33 27.82 9.91
C ASP C 166 -30.64 28.20 10.60
N LEU C 167 -30.61 29.33 11.29
CA LEU C 167 -31.80 29.82 12.00
C LEU C 167 -32.87 30.19 10.97
N ALA C 168 -32.47 30.88 9.91
CA ALA C 168 -33.41 31.27 8.87
C ALA C 168 -34.06 30.05 8.19
N GLN C 169 -33.30 28.97 8.05
CA GLN C 169 -33.81 27.77 7.40
C GLN C 169 -34.73 26.98 8.31
N ARG C 170 -34.48 27.06 9.60
CA ARG C 170 -35.29 26.37 10.59
C ARG C 170 -36.67 27.02 10.63
N ILE C 171 -36.68 28.36 10.62
CA ILE C 171 -37.92 29.14 10.67
C ILE C 171 -38.73 29.00 9.36
N GLN C 172 -38.01 28.82 8.25
CA GLN C 172 -38.62 28.67 6.93
C GLN C 172 -39.33 27.32 6.82
N LYS C 173 -38.70 26.29 7.37
CA LYS C 173 -39.26 24.96 7.34
C LYS C 173 -40.39 24.81 8.36
N LYS C 174 -40.19 25.37 9.56
CA LYS C 174 -41.18 25.28 10.64
C LYS C 174 -42.43 26.13 10.42
N PHE C 175 -42.27 27.41 10.10
CA PHE C 175 -43.43 28.27 9.91
C PHE C 175 -43.84 28.53 8.47
N LYS C 176 -43.08 28.01 7.52
CA LYS C 176 -43.38 28.19 6.11
C LYS C 176 -43.36 29.66 5.66
N LEU C 177 -42.44 30.44 6.22
CA LEU C 177 -42.31 31.85 5.85
C LEU C 177 -41.46 31.97 4.59
N LYS C 178 -41.75 32.96 3.77
CA LYS C 178 -40.97 33.17 2.56
C LYS C 178 -39.75 33.99 2.96
N LEU C 179 -38.60 33.33 3.09
CA LEU C 179 -37.35 33.97 3.48
C LEU C 179 -36.32 34.03 2.37
N ARG C 180 -35.27 34.79 2.66
CA ARG C 180 -34.15 34.95 1.74
C ARG C 180 -32.93 34.70 2.62
N LEU C 181 -32.16 33.67 2.30
CA LEU C 181 -30.99 33.38 3.10
C LEU C 181 -29.94 34.46 2.87
N PRO C 182 -29.45 35.10 3.94
CA PRO C 182 -28.43 36.14 3.79
C PRO C 182 -27.13 35.52 3.29
N GLN C 183 -26.37 36.27 2.51
CA GLN C 183 -25.11 35.76 2.01
C GLN C 183 -23.92 36.50 2.60
N PHE C 184 -23.01 35.74 3.18
CA PHE C 184 -21.82 36.29 3.78
C PHE C 184 -20.92 36.85 2.67
N VAL C 185 -20.51 38.09 2.83
CA VAL C 185 -19.64 38.75 1.89
C VAL C 185 -18.50 39.38 2.67
N GLN C 186 -17.28 39.12 2.24
CA GLN C 186 -16.13 39.70 2.91
C GLN C 186 -15.22 40.27 1.84
N ASN C 187 -14.48 41.30 2.21
CA ASN C 187 -13.58 41.90 1.27
C ASN C 187 -12.57 40.80 0.91
N LYS C 188 -12.30 40.61 -0.37
CA LYS C 188 -11.37 39.56 -0.78
C LYS C 188 -9.93 39.80 -0.32
N ASP C 189 -9.54 41.05 -0.21
CA ASP C 189 -8.17 41.36 0.22
C ASP C 189 -8.01 41.65 1.70
N THR C 190 -8.89 42.49 2.24
CA THR C 190 -8.81 42.92 3.64
C THR C 190 -9.80 42.36 4.66
N ASN C 191 -10.30 41.16 4.43
CA ASN C 191 -11.28 40.58 5.36
C ASN C 191 -10.72 40.25 6.73
N ARG C 192 -9.41 40.32 6.89
CA ARG C 192 -8.80 40.00 8.17
C ARG C 192 -7.45 40.68 8.43
N ILE C 193 -7.48 41.97 8.77
CA ILE C 193 -6.25 42.67 9.06
C ILE C 193 -5.68 42.05 10.32
N MET C 194 -4.39 41.73 10.30
CA MET C 194 -3.73 41.11 11.44
C MET C 194 -3.08 42.11 12.40
N ASP C 195 -2.89 41.66 13.64
CA ASP C 195 -2.26 42.45 14.70
C ASP C 195 -0.78 42.66 14.36
N LEU C 196 -0.31 43.90 14.47
CA LEU C 196 1.07 44.25 14.15
C LEU C 196 2.14 43.66 15.07
N PHE C 197 1.77 43.39 16.32
CA PHE C 197 2.71 42.80 17.27
C PHE C 197 2.68 41.29 17.08
N ASP C 198 1.49 40.73 16.88
CA ASP C 198 1.35 39.30 16.68
C ASP C 198 0.49 39.08 15.43
N PRO C 199 1.13 38.99 14.26
CA PRO C 199 0.42 38.78 13.00
C PRO C 199 -0.26 37.44 12.78
N THR C 200 -0.30 36.60 13.81
CA THR C 200 -1.00 35.32 13.67
C THR C 200 -2.41 35.49 14.24
N LYS C 201 -2.62 36.65 14.85
CA LYS C 201 -3.89 36.99 15.46
C LYS C 201 -4.48 38.21 14.74
N LYS C 202 -5.81 38.32 14.66
CA LYS C 202 -6.36 39.49 13.97
C LYS C 202 -6.31 40.72 14.87
N MET C 203 -6.32 41.89 14.25
CA MET C 203 -6.28 43.14 15.03
C MET C 203 -7.65 43.26 15.69
N SER C 204 -7.66 43.51 17.00
CA SER C 204 -8.92 43.59 17.74
C SER C 204 -8.93 44.64 18.84
N LYS C 205 -10.12 45.19 19.10
CA LYS C 205 -10.27 46.23 20.11
C LYS C 205 -9.80 45.73 21.47
N SER C 206 -10.06 44.46 21.74
CA SER C 206 -9.73 43.82 23.00
C SER C 206 -8.25 43.51 23.26
N SER C 207 -7.41 43.54 22.23
CA SER C 207 -6.00 43.23 22.43
C SER C 207 -5.32 44.00 23.56
N LYS C 208 -4.60 43.25 24.39
CA LYS C 208 -3.88 43.80 25.55
C LYS C 208 -2.67 44.61 25.14
N ASN C 209 -1.95 44.12 24.13
CA ASN C 209 -0.78 44.83 23.64
C ASN C 209 -1.25 45.80 22.56
N GLN C 210 -1.55 47.02 23.00
CA GLN C 210 -2.03 48.09 22.13
C GLN C 210 -1.09 48.47 21.02
N ASN C 211 0.18 48.09 21.10
CA ASN C 211 1.14 48.43 20.05
C ASN C 211 0.80 47.66 18.78
N GLY C 212 -0.04 46.63 18.92
CA GLY C 212 -0.40 45.83 17.79
C GLY C 212 -1.64 46.32 17.08
N VAL C 213 -2.31 47.31 17.65
CA VAL C 213 -3.54 47.83 17.07
C VAL C 213 -3.45 49.30 16.67
N ILE C 214 -3.83 49.60 15.43
CA ILE C 214 -3.81 50.98 14.98
C ILE C 214 -5.22 51.51 15.15
N TYR C 215 -5.46 52.28 16.22
CA TYR C 215 -6.78 52.85 16.45
C TYR C 215 -6.98 54.03 15.50
N LEU C 216 -8.19 54.16 14.99
CA LEU C 216 -8.51 55.24 14.06
C LEU C 216 -8.23 56.62 14.64
N ASP C 217 -8.15 56.73 15.96
CA ASP C 217 -7.87 58.04 16.55
C ASP C 217 -6.44 58.16 17.11
N ASP C 218 -5.57 57.22 16.78
CA ASP C 218 -4.19 57.27 17.25
C ASP C 218 -3.51 58.47 16.63
N PRO C 219 -2.73 59.22 17.42
CA PRO C 219 -2.09 60.37 16.76
C PRO C 219 -0.87 60.01 15.92
N LYS C 220 -0.55 60.90 14.98
CA LYS C 220 0.58 60.74 14.08
C LYS C 220 1.80 60.05 14.72
N GLU C 221 2.29 60.58 15.83
CA GLU C 221 3.47 60.00 16.48
C GLU C 221 3.26 58.58 16.99
N VAL C 222 2.07 58.32 17.52
CA VAL C 222 1.75 56.99 18.04
C VAL C 222 1.77 55.93 16.93
N VAL C 223 1.11 56.21 15.81
CA VAL C 223 1.06 55.27 14.71
C VAL C 223 2.45 55.07 14.09
N VAL C 224 3.26 56.13 14.10
CA VAL C 224 4.62 56.04 13.58
C VAL C 224 5.39 55.05 14.45
N LYS C 225 5.21 55.16 15.77
CA LYS C 225 5.88 54.28 16.71
C LYS C 225 5.38 52.84 16.62
N LYS C 226 4.07 52.65 16.47
CA LYS C 226 3.54 51.29 16.39
C LYS C 226 3.96 50.56 15.12
N ILE C 227 3.89 51.23 13.98
CA ILE C 227 4.28 50.60 12.72
C ILE C 227 5.77 50.20 12.76
N ARG C 228 6.62 51.15 13.13
CA ARG C 228 8.05 50.91 13.20
C ARG C 228 8.41 49.67 14.04
N GLN C 229 7.59 49.37 15.04
CA GLN C 229 7.85 48.20 15.90
C GLN C 229 7.14 46.94 15.43
N ALA C 230 6.32 47.04 14.39
CA ALA C 230 5.58 45.87 13.90
C ALA C 230 6.55 44.73 13.64
N THR C 231 6.14 43.51 14.00
CA THR C 231 7.04 42.37 13.82
C THR C 231 7.05 41.86 12.40
N THR C 232 8.21 41.35 12.00
CA THR C 232 8.41 40.82 10.67
C THR C 232 8.98 39.40 10.74
N ASP C 233 10.16 39.18 10.16
CA ASP C 233 10.81 37.87 10.15
C ASP C 233 12.30 38.06 9.92
N SER C 234 13.02 36.97 9.67
CA SER C 234 14.47 37.05 9.43
C SER C 234 14.84 36.70 8.00
N PHE C 235 13.87 36.76 7.09
CA PHE C 235 14.13 36.41 5.70
C PHE C 235 14.56 37.56 4.80
N ASN C 236 14.13 38.78 5.13
CA ASN C 236 14.44 39.97 4.33
C ASN C 236 13.95 39.80 2.90
N LYS C 237 12.66 39.52 2.77
CA LYS C 237 12.02 39.36 1.48
C LYS C 237 10.61 39.91 1.62
N ILE C 238 10.37 41.07 1.03
CA ILE C 238 9.05 41.68 1.09
C ILE C 238 8.13 41.05 0.06
N ARG C 239 7.19 40.23 0.52
CA ARG C 239 6.26 39.59 -0.38
C ARG C 239 5.09 38.93 0.34
N PHE C 240 4.08 38.58 -0.43
CA PHE C 240 2.91 37.93 0.12
C PHE C 240 3.16 36.45 0.37
N ALA C 241 3.21 36.07 1.64
CA ALA C 241 3.42 34.70 2.09
C ALA C 241 2.86 34.66 3.50
N SER C 242 1.55 34.63 3.61
CA SER C 242 0.85 34.65 4.90
C SER C 242 1.28 33.61 5.94
N LYS C 243 1.57 32.38 5.49
CA LYS C 243 2.00 31.31 6.39
C LYS C 243 3.32 31.57 7.09
N THR C 244 4.40 31.66 6.31
CA THR C 244 5.75 31.85 6.81
C THR C 244 6.15 33.28 7.17
N GLN C 245 5.46 34.26 6.63
CA GLN C 245 5.76 35.67 6.90
C GLN C 245 4.45 36.44 7.11
N PRO C 246 3.70 36.09 8.18
CA PRO C 246 2.44 36.78 8.44
C PRO C 246 2.57 38.29 8.60
N GLY C 247 3.59 38.73 9.33
CA GLY C 247 3.80 40.16 9.51
C GLY C 247 3.97 40.94 8.22
N VAL C 248 5.01 40.61 7.46
CA VAL C 248 5.26 41.29 6.18
C VAL C 248 4.04 41.23 5.27
N THR C 249 3.39 40.07 5.21
CA THR C 249 2.21 39.94 4.38
C THR C 249 1.09 40.89 4.83
N ASN C 250 0.83 40.94 6.13
CA ASN C 250 -0.22 41.81 6.68
C ASN C 250 0.08 43.28 6.32
N MET C 251 1.33 43.70 6.49
CA MET C 251 1.70 45.06 6.15
C MET C 251 1.58 45.31 4.63
N LEU C 252 1.93 44.31 3.81
CA LEU C 252 1.80 44.47 2.37
C LEU C 252 0.33 44.67 2.02
N THR C 253 -0.54 43.78 2.51
CA THR C 253 -1.96 43.92 2.18
C THR C 253 -2.63 45.16 2.77
N ILE C 254 -2.18 45.64 3.93
CA ILE C 254 -2.76 46.86 4.48
C ILE C 254 -2.32 48.04 3.60
N LEU C 255 -1.05 48.07 3.26
CA LEU C 255 -0.48 49.12 2.42
C LEU C 255 -1.22 49.22 1.09
N LYS C 256 -1.43 48.08 0.44
CA LYS C 256 -2.09 48.02 -0.86
C LYS C 256 -3.53 48.56 -0.84
N ALA C 257 -4.26 48.31 0.24
CA ALA C 257 -5.62 48.82 0.35
C ALA C 257 -5.59 50.34 0.56
N LEU C 258 -4.63 50.81 1.37
CA LEU C 258 -4.50 52.24 1.63
C LEU C 258 -4.05 53.02 0.41
N LEU C 259 -3.29 52.37 -0.48
CA LEU C 259 -2.83 53.04 -1.70
C LEU C 259 -3.96 53.38 -2.68
N LYS C 260 -5.12 52.78 -2.47
CA LYS C 260 -6.29 53.03 -3.32
C LYS C 260 -7.00 54.29 -2.85
N GLU C 261 -6.62 54.78 -1.68
CA GLU C 261 -7.23 55.99 -1.12
C GLU C 261 -6.73 57.25 -1.81
N PRO C 262 -7.64 58.19 -2.08
CA PRO C 262 -7.34 59.46 -2.75
C PRO C 262 -6.26 60.31 -2.08
N VAL C 263 -6.10 60.18 -0.78
CA VAL C 263 -5.07 60.93 -0.06
C VAL C 263 -3.69 60.37 -0.37
N ASN C 264 -3.65 59.10 -0.73
CA ASN C 264 -2.39 58.44 -1.04
C ASN C 264 -2.14 58.34 -2.55
N GLN C 265 -2.83 59.18 -3.32
CA GLN C 265 -2.68 59.15 -4.77
C GLN C 265 -1.20 59.30 -5.13
N SER C 266 -0.59 60.38 -4.65
CA SER C 266 0.82 60.64 -4.91
C SER C 266 1.77 59.54 -4.42
N LEU C 267 1.41 58.88 -3.33
CA LEU C 267 2.22 57.81 -2.77
C LEU C 267 2.16 56.54 -3.63
N THR C 268 0.99 56.23 -4.16
CA THR C 268 0.85 55.04 -4.97
C THR C 268 1.45 55.21 -6.35
N ASN C 269 1.41 56.43 -6.87
CA ASN C 269 1.95 56.69 -8.18
C ASN C 269 3.48 56.51 -8.25
N GLN C 270 4.17 56.76 -7.14
CA GLN C 270 5.62 56.60 -7.09
C GLN C 270 6.05 55.19 -6.67
N LEU C 271 5.20 54.51 -5.91
CA LEU C 271 5.50 53.16 -5.47
C LEU C 271 5.26 52.20 -6.63
N GLY C 272 4.38 52.60 -7.54
CA GLY C 272 4.06 51.75 -8.68
C GLY C 272 2.97 50.76 -8.33
N ASN C 273 2.49 50.04 -9.35
CA ASN C 273 1.43 49.06 -9.14
C ASN C 273 1.93 47.73 -8.56
N ASP C 274 3.11 47.30 -8.97
CA ASP C 274 3.69 46.05 -8.47
C ASP C 274 4.49 46.30 -7.20
N LEU C 275 3.84 46.10 -6.06
CA LEU C 275 4.50 46.31 -4.79
C LEU C 275 5.71 45.39 -4.55
N GLU C 276 5.59 44.11 -4.87
CA GLU C 276 6.71 43.21 -4.65
C GLU C 276 7.95 43.64 -5.45
N ALA C 277 7.74 44.18 -6.65
CA ALA C 277 8.85 44.63 -7.49
C ALA C 277 9.53 45.85 -6.87
N TYR C 278 8.72 46.80 -6.43
CA TYR C 278 9.20 48.02 -5.82
C TYR C 278 10.04 47.75 -4.57
N PHE C 279 9.60 46.80 -3.76
CA PHE C 279 10.30 46.47 -2.52
C PHE C 279 11.39 45.42 -2.67
N SER C 280 11.66 45.01 -3.90
CA SER C 280 12.66 44.00 -4.19
C SER C 280 14.05 44.46 -3.77
N THR C 281 14.33 45.75 -3.98
CA THR C 281 15.61 46.35 -3.64
C THR C 281 15.59 47.03 -2.26
N LYS C 282 14.39 47.15 -1.70
CA LYS C 282 14.22 47.81 -0.40
C LYS C 282 14.32 46.90 0.84
N SER C 283 14.35 47.53 2.00
CA SER C 283 14.42 46.82 3.28
C SER C 283 13.08 46.91 4.00
N TYR C 284 12.94 46.15 5.08
CA TYR C 284 11.71 46.17 5.85
C TYR C 284 11.38 47.56 6.40
N LEU C 285 12.40 48.34 6.72
CA LEU C 285 12.19 49.70 7.22
C LEU C 285 11.51 50.51 6.13
N ASP C 286 11.96 50.30 4.89
CA ASP C 286 11.39 51.00 3.76
C ASP C 286 9.90 50.68 3.70
N LEU C 287 9.57 49.39 3.82
CA LEU C 287 8.17 48.96 3.81
C LEU C 287 7.42 49.66 4.95
N LYS C 288 7.94 49.50 6.17
CA LYS C 288 7.31 50.12 7.33
C LYS C 288 7.07 51.61 7.10
N ASN C 289 8.07 52.33 6.61
CA ASN C 289 7.92 53.76 6.35
C ASN C 289 6.79 54.06 5.37
N ALA C 290 6.68 53.27 4.31
CA ALA C 290 5.64 53.49 3.31
C ALA C 290 4.27 53.31 3.95
N LEU C 291 4.12 52.27 4.74
CA LEU C 291 2.86 51.99 5.41
C LEU C 291 2.48 53.12 6.38
N THR C 292 3.45 53.66 7.12
CA THR C 292 3.13 54.73 8.07
C THR C 292 2.73 56.00 7.36
N GLU C 293 3.30 56.24 6.19
CA GLU C 293 2.93 57.42 5.43
C GLU C 293 1.49 57.22 4.95
N ALA C 294 1.24 56.08 4.31
CA ALA C 294 -0.08 55.79 3.78
C ALA C 294 -1.14 55.70 4.88
N THR C 295 -0.74 55.25 6.06
CA THR C 295 -1.69 55.15 7.17
C THR C 295 -2.02 56.52 7.76
N VAL C 296 -0.99 57.34 8.02
CA VAL C 296 -1.20 58.66 8.58
C VAL C 296 -2.04 59.53 7.66
N ASN C 297 -1.76 59.50 6.36
CA ASN C 297 -2.54 60.31 5.42
C ASN C 297 -4.01 59.96 5.57
N LEU C 298 -4.30 58.67 5.61
CA LEU C 298 -5.67 58.20 5.75
C LEU C 298 -6.25 58.69 7.06
N LEU C 299 -5.58 58.37 8.16
CA LEU C 299 -6.05 58.77 9.49
C LEU C 299 -6.22 60.28 9.68
N VAL C 300 -5.19 61.06 9.35
CA VAL C 300 -5.28 62.51 9.50
C VAL C 300 -6.44 63.04 8.67
N ASN C 301 -6.66 62.41 7.52
CA ASN C 301 -7.74 62.82 6.63
C ASN C 301 -9.11 62.48 7.22
N ILE C 302 -9.19 61.37 7.96
CA ILE C 302 -10.44 60.98 8.58
C ILE C 302 -10.70 61.86 9.81
N GLN C 303 -9.68 62.00 10.66
CA GLN C 303 -9.79 62.83 11.87
C GLN C 303 -10.20 64.25 11.45
N ARG C 304 -9.79 64.63 10.25
CA ARG C 304 -10.09 65.94 9.69
C ARG C 304 -11.56 66.02 9.33
N LYS C 305 -11.99 65.20 8.37
CA LYS C 305 -13.37 65.20 7.94
C LYS C 305 -14.33 64.95 9.09
N ARG C 306 -13.86 64.26 10.12
CA ARG C 306 -14.69 63.93 11.26
C ARG C 306 -15.32 65.13 11.98
N GLU C 307 -14.53 66.16 12.27
CA GLU C 307 -15.06 67.32 12.98
C GLU C 307 -15.92 68.26 12.17
N GLN C 308 -15.87 68.17 10.84
CA GLN C 308 -16.71 69.03 10.02
C GLN C 308 -18.12 68.40 9.95
N ILE C 309 -18.41 67.60 10.98
CA ILE C 309 -19.70 66.93 11.12
C ILE C 309 -20.26 67.36 12.48
N SER C 310 -21.35 68.12 12.46
CA SER C 310 -21.96 68.62 13.69
C SER C 310 -22.84 67.60 14.41
N ARG C 311 -23.16 67.92 15.67
CA ARG C 311 -24.02 67.08 16.49
C ARG C 311 -25.37 67.07 15.79
N GLU C 312 -25.69 68.20 15.16
CA GLU C 312 -26.94 68.35 14.43
C GLU C 312 -26.97 67.39 13.23
N GLN C 313 -25.89 67.38 12.45
CA GLN C 313 -25.80 66.51 11.28
C GLN C 313 -26.03 65.04 11.66
N VAL C 314 -25.40 64.62 12.75
CA VAL C 314 -25.51 63.25 13.23
C VAL C 314 -26.95 62.93 13.63
N PHE C 315 -27.54 63.80 14.44
CA PHE C 315 -28.90 63.57 14.88
C PHE C 315 -29.86 63.45 13.71
N ASN C 316 -29.76 64.35 12.75
CA ASN C 316 -30.64 64.32 11.59
C ASN C 316 -30.44 63.05 10.76
N CYS C 317 -29.19 62.62 10.64
CA CYS C 317 -28.88 61.43 9.87
C CYS C 317 -29.59 60.23 10.49
N LEU C 318 -29.40 60.06 11.80
CA LEU C 318 -30.00 58.95 12.52
C LEU C 318 -31.52 59.01 12.48
N GLN C 319 -32.09 60.21 12.54
CA GLN C 319 -33.54 60.33 12.51
C GLN C 319 -34.10 59.87 11.17
N ALA C 320 -33.49 60.31 10.08
CA ALA C 320 -33.94 59.91 8.75
C ALA C 320 -33.67 58.41 8.59
N GLY C 321 -32.52 57.97 9.09
CA GLY C 321 -32.17 56.56 9.00
C GLY C 321 -33.16 55.69 9.73
N LYS C 322 -33.61 56.16 10.89
CA LYS C 322 -34.59 55.45 11.68
C LYS C 322 -35.89 55.29 10.90
N ASN C 323 -36.38 56.36 10.30
CA ASN C 323 -37.63 56.27 9.54
C ASN C 323 -37.47 55.34 8.35
N GLN C 324 -36.37 55.48 7.62
CA GLN C 324 -36.12 54.63 6.46
C GLN C 324 -36.03 53.16 6.85
N ALA C 325 -35.21 52.88 7.86
CA ALA C 325 -35.00 51.53 8.36
C ALA C 325 -36.29 50.94 8.91
N GLN C 326 -36.98 51.72 9.72
CA GLN C 326 -38.21 51.28 10.35
C GLN C 326 -39.25 50.84 9.34
N ALA C 327 -39.28 51.49 8.18
CA ALA C 327 -40.24 51.15 7.13
C ALA C 327 -40.11 49.66 6.73
N THR C 328 -38.92 49.26 6.32
CA THR C 328 -38.66 47.89 5.91
C THR C 328 -38.80 46.93 7.09
N ALA C 329 -38.15 47.28 8.19
CA ALA C 329 -38.19 46.47 9.41
C ALA C 329 -39.61 46.08 9.81
N ARG C 330 -40.54 47.03 9.73
CA ARG C 330 -41.92 46.77 10.10
C ARG C 330 -42.56 45.75 9.17
N THR C 331 -42.29 45.88 7.87
CA THR C 331 -42.86 44.98 6.91
C THR C 331 -42.39 43.54 7.15
N THR C 332 -41.13 43.37 7.51
CA THR C 332 -40.63 42.01 7.76
C THR C 332 -41.21 41.43 9.05
N LEU C 333 -41.18 42.24 10.12
CA LEU C 333 -41.68 41.78 11.40
C LEU C 333 -43.17 41.47 11.32
N ALA C 334 -43.90 42.14 10.45
CA ALA C 334 -45.34 41.87 10.34
C ALA C 334 -45.56 40.50 9.73
N LEU C 335 -44.80 40.21 8.67
CA LEU C 335 -44.89 38.94 7.99
C LEU C 335 -44.50 37.80 8.93
N PHE C 336 -43.50 38.05 9.78
CA PHE C 336 -43.05 37.05 10.75
C PHE C 336 -44.14 36.83 11.78
N TYR C 337 -44.74 37.93 12.22
CA TYR C 337 -45.82 37.88 13.20
C TYR C 337 -46.95 37.01 12.71
N ASP C 338 -47.30 37.16 11.44
CA ASP C 338 -48.36 36.38 10.85
C ASP C 338 -48.05 34.90 10.75
N GLY C 339 -46.78 34.58 10.53
CA GLY C 339 -46.40 33.19 10.44
C GLY C 339 -46.24 32.57 11.82
N PHE C 340 -45.76 33.36 12.77
CA PHE C 340 -45.55 32.89 14.14
C PHE C 340 -46.90 32.84 14.86
N GLY C 341 -47.89 33.56 14.34
CA GLY C 341 -49.20 33.58 14.95
C GLY C 341 -49.31 34.56 16.11
N LEU C 342 -48.42 35.55 16.13
CA LEU C 342 -48.40 36.56 17.18
C LEU C 342 -49.23 37.79 16.86
N GLY C 343 -49.42 38.65 17.84
CA GLY C 343 -50.20 39.87 17.65
C GLY C 343 -51.70 39.64 17.68
N SER C 344 -52.46 40.69 18.00
CA SER C 344 -53.91 40.57 18.05
C SER C 344 -54.55 40.78 16.69
N GLN C 345 -53.78 41.20 15.70
CA GLN C 345 -54.33 41.43 14.37
C GLN C 345 -54.69 40.06 13.85
N ASN C 346 -54.13 39.09 14.55
CA ASN C 346 -54.31 37.69 14.27
C ASN C 346 -55.53 37.29 15.04
N ILE C 347 -56.47 38.18 15.32
CA ILE C 347 -57.57 37.68 16.10
C ILE C 347 -58.97 37.86 15.46
N LYS C 348 -58.95 38.35 14.22
CA LYS C 348 -60.15 38.50 13.37
C LYS C 348 -61.19 39.55 13.67
N MET D 3 -53.28 58.80 43.38
CA MET D 3 -52.81 57.43 43.03
C MET D 3 -53.77 56.35 43.53
N MET D 4 -53.54 55.14 43.03
CA MET D 4 -54.30 53.96 43.39
C MET D 4 -53.24 52.89 43.19
N LYS D 5 -53.08 51.98 44.16
CA LYS D 5 -52.06 50.94 44.03
C LYS D 5 -52.14 50.28 42.64
N ARG D 6 -50.99 50.08 42.01
CA ARG D 6 -50.96 49.48 40.69
C ARG D 6 -50.59 48.01 40.74
N ALA D 7 -51.36 47.18 40.03
CA ALA D 7 -51.11 45.73 39.98
C ALA D 7 -50.86 45.26 38.55
N LEU D 8 -49.88 44.38 38.37
CA LEU D 8 -49.54 43.85 37.05
C LEU D 8 -49.37 42.33 37.11
N THR D 9 -49.96 41.62 36.17
CA THR D 9 -49.83 40.16 36.15
C THR D 9 -50.02 39.58 34.75
N GLY D 10 -49.32 38.47 34.50
CA GLY D 10 -49.39 37.82 33.19
C GLY D 10 -49.85 36.37 33.28
N ILE D 11 -50.61 35.94 32.27
CA ILE D 11 -51.13 34.58 32.21
C ILE D 11 -50.82 34.05 30.80
N GLN D 12 -50.14 32.92 30.71
CA GLN D 12 -49.84 32.35 29.40
C GLN D 12 -51.12 31.67 28.94
N ALA D 13 -51.43 31.76 27.65
CA ALA D 13 -52.62 31.12 27.11
C ALA D 13 -52.24 29.67 26.85
N SER D 14 -53.19 28.74 27.05
CA SER D 14 -52.84 27.34 26.85
C SER D 14 -53.90 26.35 26.38
N GLY D 15 -55.07 26.38 26.96
CA GLY D 15 -56.06 25.41 26.55
C GLY D 15 -56.05 24.33 27.62
N LYS D 16 -54.95 24.31 28.37
CA LYS D 16 -54.80 23.39 29.49
C LYS D 16 -54.95 24.27 30.72
N GLN D 17 -55.62 25.41 30.54
CA GLN D 17 -55.90 26.37 31.60
C GLN D 17 -56.64 25.53 32.67
N HIS D 18 -56.17 25.59 33.92
CA HIS D 18 -56.80 24.80 34.98
C HIS D 18 -57.24 25.57 36.22
N LEU D 19 -57.83 24.84 37.17
CA LEU D 19 -58.34 25.39 38.43
C LEU D 19 -57.27 26.10 39.24
N GLY D 20 -56.02 25.66 39.10
CA GLY D 20 -54.96 26.29 39.83
C GLY D 20 -54.77 27.70 39.29
N ASN D 21 -54.89 27.83 37.97
CA ASN D 21 -54.74 29.14 37.35
C ASN D 21 -55.91 30.00 37.78
N TYR D 22 -57.11 29.41 37.84
CA TYR D 22 -58.30 30.17 38.21
C TYR D 22 -58.24 30.59 39.67
N LEU D 23 -58.06 29.63 40.56
CA LEU D 23 -58.00 29.90 41.98
C LEU D 23 -56.78 30.68 42.39
N GLY D 24 -55.68 30.50 41.65
CA GLY D 24 -54.46 31.21 41.95
C GLY D 24 -54.38 32.69 41.63
N VAL D 25 -55.10 33.13 40.59
CA VAL D 25 -55.05 34.54 40.20
C VAL D 25 -56.35 35.11 39.64
N MET D 26 -56.96 34.36 38.73
CA MET D 26 -58.17 34.82 38.09
C MET D 26 -59.28 35.28 39.04
N GLN D 27 -59.69 34.40 39.94
CA GLN D 27 -60.74 34.70 40.90
C GLN D 27 -60.64 36.08 41.55
N SER D 28 -59.44 36.46 41.97
CA SER D 28 -59.25 37.74 42.64
C SER D 28 -59.20 38.95 41.69
N LEU D 29 -59.26 38.71 40.39
CA LEU D 29 -59.21 39.81 39.43
C LEU D 29 -60.37 40.76 39.67
N ILE D 30 -61.52 40.21 40.03
CA ILE D 30 -62.71 41.02 40.28
C ILE D 30 -62.48 42.02 41.41
N GLU D 31 -61.74 41.59 42.43
CA GLU D 31 -61.42 42.46 43.57
C GLU D 31 -60.37 43.49 43.17
N LEU D 32 -59.28 43.02 42.55
CA LEU D 32 -58.20 43.89 42.12
C LEU D 32 -58.64 45.06 41.25
N GLN D 33 -59.35 44.78 40.16
CA GLN D 33 -59.83 45.82 39.26
C GLN D 33 -60.78 46.79 39.95
N GLU D 34 -60.87 46.70 41.27
CA GLU D 34 -61.75 47.57 42.02
C GLU D 34 -60.91 48.35 43.03
N GLN D 35 -59.83 47.72 43.47
CA GLN D 35 -58.95 48.32 44.46
C GLN D 35 -57.68 48.86 43.82
N CYS D 36 -57.44 48.44 42.58
CA CYS D 36 -56.23 48.87 41.89
C CYS D 36 -56.43 49.34 40.46
N GLN D 37 -55.32 49.83 39.92
CA GLN D 37 -55.22 50.24 38.54
C GLN D 37 -54.59 48.93 38.12
N LEU D 38 -55.41 48.04 37.56
CA LEU D 38 -54.93 46.70 37.22
C LEU D 38 -54.49 46.45 35.78
N PHE D 39 -53.29 45.90 35.64
CA PHE D 39 -52.74 45.57 34.34
C PHE D 39 -52.65 44.05 34.24
N VAL D 40 -53.27 43.49 33.20
CA VAL D 40 -53.29 42.05 32.98
C VAL D 40 -53.02 41.74 31.51
N PHE D 41 -52.08 40.86 31.23
CA PHE D 41 -51.81 40.51 29.84
C PHE D 41 -51.63 39.02 29.62
N VAL D 42 -51.92 38.62 28.39
CA VAL D 42 -51.76 37.25 27.94
C VAL D 42 -50.31 37.21 27.49
N ALA D 43 -49.49 36.40 28.15
CA ALA D 43 -48.06 36.36 27.82
C ALA D 43 -47.66 35.35 26.73
N ASP D 44 -47.98 35.67 25.48
CA ASP D 44 -47.64 34.76 24.39
C ASP D 44 -46.16 34.73 24.02
N LEU D 45 -45.39 35.73 24.44
CA LEU D 45 -43.96 35.73 24.14
C LEU D 45 -43.31 34.66 25.00
N HIS D 46 -43.97 34.33 26.11
CA HIS D 46 -43.49 33.30 27.03
C HIS D 46 -43.92 31.93 26.51
N SER D 47 -45.06 31.89 25.82
CA SER D 47 -45.57 30.64 25.27
C SER D 47 -44.74 30.11 24.12
N ILE D 48 -44.09 31.01 23.38
CA ILE D 48 -43.26 30.59 22.25
C ILE D 48 -41.83 30.21 22.67
N THR D 49 -41.57 30.11 23.98
CA THR D 49 -40.23 29.74 24.42
C THR D 49 -39.96 28.24 24.26
N VAL D 50 -41.01 27.48 23.93
CA VAL D 50 -40.90 26.04 23.67
C VAL D 50 -41.60 25.84 22.33
N ASP D 51 -41.38 24.70 21.69
CA ASP D 51 -42.01 24.43 20.41
C ASP D 51 -43.51 24.63 20.55
N PHE D 52 -44.11 25.22 19.52
CA PHE D 52 -45.53 25.52 19.55
C PHE D 52 -46.12 25.54 18.14
N GLN D 53 -47.43 25.62 18.06
CA GLN D 53 -48.12 25.69 16.77
C GLN D 53 -48.78 27.06 16.62
N PRO D 54 -48.33 27.85 15.63
CA PRO D 54 -48.91 29.18 15.43
C PRO D 54 -50.44 29.26 15.40
N GLN D 55 -51.10 28.29 14.78
CA GLN D 55 -52.55 28.33 14.76
C GLN D 55 -53.12 28.01 16.14
N ALA D 56 -52.48 27.08 16.85
CA ALA D 56 -52.92 26.72 18.18
C ALA D 56 -52.72 27.89 19.13
N LEU D 57 -51.62 28.61 18.91
CA LEU D 57 -51.28 29.76 19.74
C LEU D 57 -52.32 30.89 19.59
N LYS D 58 -52.70 31.18 18.36
CA LYS D 58 -53.68 32.23 18.10
C LYS D 58 -55.04 31.84 18.70
N GLN D 59 -55.38 30.55 18.62
CA GLN D 59 -56.63 30.05 19.16
C GLN D 59 -56.64 30.21 20.66
N ASN D 60 -55.55 29.78 21.30
CA ASN D 60 -55.45 29.88 22.75
C ASN D 60 -55.45 31.32 23.24
N ASN D 61 -54.74 32.21 22.54
CA ASN D 61 -54.74 33.61 22.96
C ASN D 61 -56.19 34.10 23.01
N PHE D 62 -56.91 33.84 21.93
CA PHE D 62 -58.31 34.24 21.83
C PHE D 62 -59.12 33.63 22.98
N ASP D 63 -58.96 32.33 23.20
CA ASP D 63 -59.66 31.63 24.27
C ASP D 63 -59.38 32.19 25.68
N LEU D 64 -58.16 32.66 25.92
CA LEU D 64 -57.82 33.19 27.24
C LEU D 64 -58.47 34.54 27.52
N VAL D 65 -58.60 35.38 26.49
CA VAL D 65 -59.24 36.67 26.68
C VAL D 65 -60.71 36.40 27.00
N ARG D 66 -61.32 35.52 26.23
CA ARG D 66 -62.71 35.17 26.47
C ARG D 66 -62.89 34.69 27.90
N THR D 67 -62.12 33.68 28.30
CA THR D 67 -62.18 33.15 29.66
C THR D 67 -62.02 34.26 30.70
N LEU D 68 -61.01 35.12 30.52
CA LEU D 68 -60.78 36.22 31.46
C LEU D 68 -61.98 37.13 31.60
N LEU D 69 -62.60 37.50 30.49
CA LEU D 69 -63.78 38.36 30.53
C LEU D 69 -64.93 37.59 31.19
N ALA D 70 -65.16 36.36 30.73
CA ALA D 70 -66.24 35.52 31.28
C ALA D 70 -66.11 35.47 32.79
N VAL D 71 -64.88 35.35 33.27
CA VAL D 71 -64.65 35.31 34.70
C VAL D 71 -64.97 36.64 35.38
N GLY D 72 -64.96 37.74 34.63
CA GLY D 72 -65.29 39.03 35.21
C GLY D 72 -64.31 40.19 35.07
N LEU D 73 -63.19 39.99 34.37
CA LEU D 73 -62.23 41.09 34.22
C LEU D 73 -62.91 42.12 33.31
N ASP D 74 -63.16 43.32 33.84
CA ASP D 74 -63.83 44.36 33.07
C ASP D 74 -62.86 45.33 32.40
N PRO D 75 -62.88 45.38 31.05
CA PRO D 75 -62.01 46.28 30.28
C PRO D 75 -62.28 47.74 30.62
N GLN D 76 -63.45 47.98 31.20
CA GLN D 76 -63.88 49.31 31.62
C GLN D 76 -63.12 49.78 32.85
N LYS D 77 -62.75 48.84 33.71
CA LYS D 77 -62.03 49.17 34.94
C LYS D 77 -60.69 48.47 35.06
N ALA D 78 -60.21 47.91 33.96
CA ALA D 78 -58.93 47.22 33.95
C ALA D 78 -58.28 47.30 32.57
N CYS D 79 -57.02 46.90 32.48
CA CYS D 79 -56.28 46.92 31.23
C CYS D 79 -55.85 45.51 30.87
N LEU D 80 -56.46 44.97 29.82
CA LEU D 80 -56.15 43.62 29.36
C LEU D 80 -55.56 43.65 27.95
N PHE D 81 -54.30 43.30 27.82
CA PHE D 81 -53.65 43.34 26.53
C PHE D 81 -52.90 42.06 26.19
N LEU D 82 -52.38 42.01 24.96
CA LEU D 82 -51.61 40.88 24.47
C LEU D 82 -50.14 41.33 24.43
N GLN D 83 -49.30 40.63 25.16
CA GLN D 83 -47.87 40.96 25.27
C GLN D 83 -47.19 41.18 23.92
N SER D 84 -47.37 40.23 23.00
CA SER D 84 -46.77 40.33 21.69
C SER D 84 -47.15 41.60 20.94
N ASP D 85 -48.22 42.25 21.38
CA ASP D 85 -48.67 43.49 20.75
C ASP D 85 -47.87 44.73 21.13
N LEU D 86 -46.92 44.55 22.04
CA LEU D 86 -46.09 45.67 22.46
C LEU D 86 -44.59 45.37 22.31
N LEU D 87 -43.97 45.98 21.32
CA LEU D 87 -42.54 45.80 21.12
C LEU D 87 -41.79 46.29 22.37
N GLU D 88 -42.49 47.03 23.25
CA GLU D 88 -41.86 47.53 24.47
C GLU D 88 -41.43 46.38 25.39
N HIS D 89 -42.19 45.28 25.33
CA HIS D 89 -41.89 44.12 26.17
C HIS D 89 -40.60 43.43 25.74
N SER D 90 -40.44 43.14 24.45
CA SER D 90 -39.21 42.48 24.01
C SER D 90 -38.01 43.38 24.32
N MET D 91 -38.16 44.68 24.13
CA MET D 91 -37.05 45.59 24.38
C MET D 91 -36.68 45.70 25.86
N MET D 92 -37.70 45.86 26.71
CA MET D 92 -37.44 45.95 28.13
C MET D 92 -36.89 44.61 28.58
N GLY D 93 -37.39 43.55 27.95
CA GLY D 93 -36.93 42.21 28.30
C GLY D 93 -35.46 42.06 27.95
N TYR D 94 -35.06 42.66 26.82
CA TYR D 94 -33.68 42.59 26.39
C TYR D 94 -32.77 43.34 27.35
N LEU D 95 -33.25 44.46 27.91
CA LEU D 95 -32.43 45.23 28.84
C LEU D 95 -32.19 44.44 30.12
N MET D 96 -33.22 43.78 30.61
CA MET D 96 -33.11 42.95 31.81
C MET D 96 -32.11 41.83 31.58
N MET D 97 -32.27 41.14 30.45
CA MET D 97 -31.41 40.02 30.08
C MET D 97 -29.91 40.38 30.03
N VAL D 98 -29.56 41.50 29.41
CA VAL D 98 -28.16 41.88 29.34
C VAL D 98 -27.63 42.27 30.71
N GLN D 99 -28.55 42.54 31.64
CA GLN D 99 -28.13 42.89 32.98
C GLN D 99 -28.08 41.64 33.87
N SER D 100 -28.57 40.51 33.36
CA SER D 100 -28.55 39.27 34.12
C SER D 100 -27.31 38.45 33.77
N ASN D 101 -27.06 37.40 34.53
CA ASN D 101 -25.93 36.52 34.25
C ASN D 101 -26.44 35.09 34.14
N LEU D 102 -25.71 34.26 33.41
CA LEU D 102 -26.09 32.88 33.21
C LEU D 102 -26.29 32.13 34.52
N GLY D 103 -25.45 32.42 35.49
CA GLY D 103 -25.54 31.75 36.79
C GLY D 103 -26.88 31.83 37.49
N GLU D 104 -27.34 33.04 37.77
CA GLU D 104 -28.61 33.24 38.45
C GLU D 104 -29.76 32.64 37.66
N LEU D 105 -29.60 32.57 36.34
CA LEU D 105 -30.65 32.02 35.49
C LEU D 105 -30.65 30.50 35.54
N GLN D 106 -29.47 29.88 35.53
CA GLN D 106 -29.37 28.42 35.58
C GLN D 106 -29.83 27.87 36.94
N ARG D 107 -29.70 28.70 37.97
CA ARG D 107 -30.09 28.31 39.31
C ARG D 107 -31.60 28.32 39.51
N MET D 108 -32.32 28.89 38.55
CA MET D 108 -33.78 28.95 38.65
C MET D 108 -34.31 27.52 38.75
N THR D 109 -35.16 27.30 39.75
CA THR D 109 -35.72 25.97 39.97
C THR D 109 -36.56 25.50 38.80
N GLN D 110 -37.43 26.36 38.31
CA GLN D 110 -38.30 26.00 37.21
C GLN D 110 -37.55 25.83 35.89
N PHE D 111 -36.27 26.20 35.87
CA PHE D 111 -35.46 26.03 34.68
C PHE D 111 -34.95 24.60 34.72
N LYS D 112 -34.64 24.13 35.92
CA LYS D 112 -34.15 22.78 36.11
C LYS D 112 -35.30 21.81 35.84
N ALA D 113 -36.43 22.08 36.48
CA ALA D 113 -37.62 21.25 36.34
C ALA D 113 -38.03 21.14 34.87
N LYS D 114 -37.56 22.06 34.05
CA LYS D 114 -37.89 22.06 32.63
C LYS D 114 -36.74 21.58 31.75
N LYS D 115 -35.50 21.95 32.10
CA LYS D 115 -34.34 21.55 31.32
C LYS D 115 -34.21 20.04 31.32
N ALA D 116 -34.52 19.43 32.46
CA ALA D 116 -34.44 17.98 32.60
C ALA D 116 -35.82 17.40 32.30
N GLU D 117 -36.65 18.23 31.68
CA GLU D 117 -38.01 17.83 31.33
C GLU D 117 -38.17 17.77 29.81
N GLN D 118 -37.10 17.37 29.11
CA GLN D 118 -37.15 17.25 27.65
C GLN D 118 -35.98 16.55 26.98
N THR D 119 -36.28 16.06 25.78
CA THR D 119 -35.39 15.30 24.91
C THR D 119 -33.90 15.61 24.84
N ARG D 120 -33.15 14.55 24.61
CA ARG D 120 -31.70 14.62 24.46
C ARG D 120 -31.40 14.59 22.97
N ASN D 121 -30.30 15.21 22.59
CA ASN D 121 -29.86 15.23 21.20
C ASN D 121 -29.30 13.85 20.89
N PRO D 122 -29.11 13.53 19.60
CA PRO D 122 -28.57 12.23 19.26
C PRO D 122 -27.27 11.94 20.02
N ASN D 123 -26.40 12.95 20.13
CA ASN D 123 -25.14 12.78 20.82
C ASN D 123 -25.25 12.65 22.34
N GLY D 124 -26.47 12.38 22.82
CA GLY D 124 -26.69 12.21 24.24
C GLY D 124 -26.88 13.48 25.07
N THR D 125 -26.69 14.64 24.46
CA THR D 125 -26.83 15.89 25.21
C THR D 125 -28.25 16.46 25.14
N LEU D 126 -28.65 17.18 26.19
CA LEU D 126 -29.98 17.77 26.26
C LEU D 126 -30.13 18.98 25.34
N ASN D 127 -31.26 19.09 24.66
CA ASN D 127 -31.49 20.23 23.77
C ASN D 127 -32.49 21.19 24.40
N ILE D 128 -31.96 22.32 24.89
CA ILE D 128 -32.77 23.32 25.56
C ILE D 128 -33.03 24.58 24.75
N PRO D 129 -34.30 24.84 24.40
CA PRO D 129 -34.56 26.06 23.63
C PRO D 129 -34.04 27.22 24.50
N THR D 130 -33.29 28.13 23.87
CA THR D 130 -32.70 29.27 24.58
C THR D 130 -33.65 30.10 25.44
N GLY D 131 -34.89 30.26 24.99
CA GLY D 131 -35.85 31.05 25.75
C GLY D 131 -36.25 30.44 27.07
N LEU D 132 -35.99 29.14 27.20
CA LEU D 132 -36.33 28.42 28.41
C LEU D 132 -35.45 28.88 29.57
N LEU D 133 -34.28 29.37 29.23
CA LEU D 133 -33.34 29.86 30.22
C LEU D 133 -33.49 31.37 30.45
N THR D 134 -33.97 32.09 29.44
CA THR D 134 -34.11 33.55 29.51
C THR D 134 -35.44 34.21 29.86
N TYR D 135 -36.57 33.53 29.78
CA TYR D 135 -37.83 34.22 30.11
C TYR D 135 -37.85 34.83 31.52
N PRO D 136 -37.03 34.30 32.44
CA PRO D 136 -37.10 34.94 33.75
C PRO D 136 -36.79 36.44 33.61
N ALA D 137 -35.89 36.78 32.68
CA ALA D 137 -35.53 38.18 32.42
C ALA D 137 -36.67 38.92 31.68
N LEU D 138 -37.32 38.22 30.76
CA LEU D 138 -38.45 38.80 30.02
C LEU D 138 -39.52 39.16 31.05
N MET D 139 -39.78 38.22 31.94
CA MET D 139 -40.79 38.43 32.98
C MET D 139 -40.47 39.63 33.84
N ALA D 140 -39.20 39.76 34.23
CA ALA D 140 -38.76 40.88 35.06
C ALA D 140 -39.09 42.20 34.34
N GLY D 141 -38.93 42.19 33.03
CA GLY D 141 -39.23 43.37 32.24
C GLY D 141 -40.72 43.64 32.17
N ASP D 142 -41.50 42.59 31.93
CA ASP D 142 -42.95 42.72 31.85
C ASP D 142 -43.41 43.51 33.07
N ILE D 143 -42.95 43.09 34.25
CA ILE D 143 -43.27 43.74 35.53
C ILE D 143 -42.81 45.18 35.58
N LEU D 144 -41.50 45.35 35.54
CA LEU D 144 -40.86 46.67 35.58
C LEU D 144 -41.32 47.69 34.52
N LEU D 145 -41.97 47.22 33.46
CA LEU D 145 -42.42 48.14 32.42
C LEU D 145 -43.52 49.01 32.97
N TYR D 146 -44.26 48.46 33.92
CA TYR D 146 -45.38 49.18 34.49
C TYR D 146 -45.15 49.70 35.90
N GLN D 147 -43.96 49.45 36.45
CA GLN D 147 -43.64 49.93 37.80
C GLN D 147 -44.79 49.70 38.77
N PRO D 148 -45.36 48.49 38.78
CA PRO D 148 -46.48 48.22 39.68
C PRO D 148 -46.05 48.08 41.13
N ASP D 149 -47.01 48.30 42.03
CA ASP D 149 -46.78 48.16 43.47
C ASP D 149 -46.80 46.67 43.81
N ILE D 150 -47.76 45.94 43.23
CA ILE D 150 -47.88 44.52 43.50
C ILE D 150 -48.03 43.66 42.25
N VAL D 151 -47.57 42.41 42.35
CA VAL D 151 -47.68 41.46 41.27
C VAL D 151 -48.38 40.22 41.83
N PRO D 152 -49.70 40.10 41.59
CA PRO D 152 -50.44 38.95 42.10
C PRO D 152 -50.21 37.68 41.27
N VAL D 153 -49.65 36.65 41.90
CA VAL D 153 -49.38 35.39 41.20
C VAL D 153 -49.45 34.18 42.11
N GLY D 154 -49.29 33.01 41.49
CA GLY D 154 -49.32 31.76 42.23
C GLY D 154 -48.00 31.60 42.97
N ASN D 155 -48.02 30.78 44.02
CA ASN D 155 -46.83 30.56 44.82
C ASN D 155 -45.61 30.21 43.98
N ASP D 156 -45.82 29.45 42.91
CA ASP D 156 -44.75 29.00 42.02
C ASP D 156 -43.94 30.13 41.37
N GLN D 157 -44.48 31.34 41.31
CA GLN D 157 -43.79 32.46 40.71
C GLN D 157 -42.93 33.28 41.69
N LYS D 158 -42.77 32.79 42.92
CA LYS D 158 -41.99 33.50 43.93
C LYS D 158 -40.54 33.79 43.57
N GLN D 159 -39.83 32.78 43.07
CA GLN D 159 -38.43 32.95 42.72
C GLN D 159 -38.26 33.99 41.62
N HIS D 160 -39.20 33.99 40.68
CA HIS D 160 -39.16 34.94 39.57
C HIS D 160 -39.29 36.37 40.09
N LEU D 161 -40.20 36.59 41.03
CA LEU D 161 -40.37 37.93 41.59
C LEU D 161 -39.08 38.35 42.31
N GLU D 162 -38.38 37.40 42.91
CA GLU D 162 -37.14 37.71 43.59
C GLU D 162 -36.08 38.15 42.56
N LEU D 163 -35.98 37.42 41.45
CA LEU D 163 -35.01 37.74 40.40
C LEU D 163 -35.29 39.15 39.92
N THR D 164 -36.57 39.45 39.73
CA THR D 164 -37.01 40.75 39.27
C THR D 164 -36.57 41.89 40.20
N ARG D 165 -36.69 41.66 41.52
CA ARG D 165 -36.28 42.70 42.48
C ARG D 165 -34.76 42.86 42.48
N ASP D 166 -34.04 41.77 42.23
CA ASP D 166 -32.56 41.84 42.19
C ASP D 166 -32.12 42.69 41.01
N LEU D 167 -32.68 42.37 39.84
CA LEU D 167 -32.40 43.10 38.61
C LEU D 167 -32.80 44.56 38.80
N ALA D 168 -33.92 44.79 39.47
CA ALA D 168 -34.41 46.14 39.73
C ALA D 168 -33.39 46.89 40.58
N GLN D 169 -32.89 46.24 41.62
CA GLN D 169 -31.92 46.88 42.50
C GLN D 169 -30.57 47.06 41.81
N ARG D 170 -30.22 46.10 40.95
CA ARG D 170 -28.96 46.16 40.23
C ARG D 170 -28.93 47.36 39.29
N ILE D 171 -30.03 47.58 38.56
CA ILE D 171 -30.13 48.70 37.64
C ILE D 171 -30.12 50.01 38.40
N GLN D 172 -31.01 50.10 39.38
CA GLN D 172 -31.12 51.28 40.22
C GLN D 172 -29.73 51.64 40.73
N LYS D 173 -28.96 50.64 41.12
CA LYS D 173 -27.64 50.89 41.63
C LYS D 173 -26.67 51.38 40.55
N LYS D 174 -26.58 50.65 39.45
CA LYS D 174 -25.67 51.01 38.37
C LYS D 174 -26.01 52.27 37.57
N PHE D 175 -27.26 52.40 37.13
CA PHE D 175 -27.69 53.54 36.32
C PHE D 175 -28.41 54.62 37.10
N LYS D 176 -28.59 54.40 38.39
CA LYS D 176 -29.28 55.38 39.23
C LYS D 176 -30.66 55.73 38.67
N LEU D 177 -31.40 54.72 38.22
CA LEU D 177 -32.75 54.92 37.68
C LEU D 177 -33.79 55.01 38.80
N LYS D 178 -34.81 55.81 38.58
CA LYS D 178 -35.89 55.97 39.55
C LYS D 178 -36.77 54.72 39.45
N LEU D 179 -36.66 53.84 40.44
CA LEU D 179 -37.43 52.60 40.42
C LEU D 179 -38.21 52.28 41.65
N ARG D 180 -39.22 51.44 41.44
CA ARG D 180 -40.08 50.96 42.51
C ARG D 180 -39.95 49.44 42.44
N LEU D 181 -39.57 48.81 43.55
CA LEU D 181 -39.44 47.36 43.57
C LEU D 181 -40.84 46.77 43.70
N PRO D 182 -41.19 45.85 42.81
CA PRO D 182 -42.53 45.24 42.87
C PRO D 182 -42.67 44.22 44.02
N GLN D 183 -43.85 44.18 44.62
CA GLN D 183 -44.09 43.24 45.72
C GLN D 183 -44.82 41.97 45.29
N PHE D 184 -44.23 40.83 45.64
CA PHE D 184 -44.87 39.54 45.33
C PHE D 184 -46.11 39.43 46.21
N VAL D 185 -47.23 39.05 45.60
CA VAL D 185 -48.47 38.89 46.32
C VAL D 185 -49.22 37.65 45.85
N GLN D 186 -49.40 36.70 46.77
CA GLN D 186 -50.10 35.47 46.45
C GLN D 186 -51.33 35.39 47.36
N ASN D 187 -52.33 34.64 46.94
CA ASN D 187 -53.53 34.47 47.74
C ASN D 187 -53.13 33.63 48.95
N LYS D 188 -53.55 34.06 50.13
CA LYS D 188 -53.20 33.36 51.35
C LYS D 188 -53.68 31.90 51.36
N ASP D 189 -54.78 31.61 50.70
CA ASP D 189 -55.30 30.23 50.69
C ASP D 189 -55.05 29.39 49.44
N THR D 190 -55.43 29.92 48.28
CA THR D 190 -55.30 29.18 47.02
C THR D 190 -54.04 29.45 46.20
N ASN D 191 -52.99 29.92 46.85
CA ASN D 191 -51.75 30.23 46.15
C ASN D 191 -51.10 29.01 45.53
N ARG D 192 -51.48 27.83 45.98
CA ARG D 192 -50.88 26.61 45.44
C ARG D 192 -51.83 25.41 45.39
N ILE D 193 -52.64 25.32 44.33
CA ILE D 193 -53.55 24.21 44.20
C ILE D 193 -52.75 22.94 43.83
N MET D 194 -53.09 21.82 44.44
CA MET D 194 -52.37 20.58 44.18
C MET D 194 -53.02 19.65 43.16
N ASP D 195 -52.22 18.73 42.64
CA ASP D 195 -52.66 17.75 41.65
C ASP D 195 -53.63 16.80 42.37
N LEU D 196 -54.79 16.54 41.75
CA LEU D 196 -55.78 15.66 42.36
C LEU D 196 -55.35 14.20 42.48
N PHE D 197 -54.37 13.80 41.66
CA PHE D 197 -53.86 12.43 41.66
C PHE D 197 -52.64 12.23 42.55
N ASP D 198 -51.70 13.17 42.50
CA ASP D 198 -50.49 13.12 43.31
C ASP D 198 -50.46 14.44 44.06
N PRO D 199 -51.21 14.54 45.17
CA PRO D 199 -51.27 15.76 45.98
C PRO D 199 -49.95 16.33 46.54
N THR D 200 -48.84 15.66 46.28
CA THR D 200 -47.53 16.14 46.75
C THR D 200 -46.93 17.01 45.65
N LYS D 201 -47.68 17.15 44.56
CA LYS D 201 -47.27 17.92 43.39
C LYS D 201 -48.37 18.95 43.15
N LYS D 202 -48.04 20.15 42.68
CA LYS D 202 -49.11 21.12 42.42
C LYS D 202 -49.78 20.79 41.10
N MET D 203 -50.95 21.38 40.87
CA MET D 203 -51.67 21.13 39.64
C MET D 203 -50.91 21.82 38.52
N SER D 204 -50.62 21.11 37.44
CA SER D 204 -49.87 21.71 36.34
C SER D 204 -50.33 21.33 34.95
N LYS D 205 -50.20 22.27 34.01
CA LYS D 205 -50.57 22.04 32.63
C LYS D 205 -49.68 20.96 32.01
N SER D 206 -48.46 20.85 32.51
CA SER D 206 -47.51 19.88 31.97
C SER D 206 -47.69 18.42 32.44
N SER D 207 -48.45 18.20 33.50
CA SER D 207 -48.63 16.83 33.99
C SER D 207 -49.27 15.94 32.92
N LYS D 208 -48.60 14.83 32.63
CA LYS D 208 -49.08 13.91 31.63
C LYS D 208 -50.34 13.19 32.11
N ASN D 209 -50.41 12.92 33.41
CA ASN D 209 -51.59 12.27 33.96
C ASN D 209 -52.66 13.35 34.09
N GLN D 210 -53.54 13.40 33.10
CA GLN D 210 -54.61 14.39 33.06
C GLN D 210 -55.74 14.25 34.09
N ASN D 211 -55.77 13.14 34.81
CA ASN D 211 -56.80 12.93 35.83
C ASN D 211 -56.53 13.75 37.07
N GLY D 212 -55.31 14.25 37.20
CA GLY D 212 -54.96 15.03 38.36
C GLY D 212 -55.23 16.52 38.16
N VAL D 213 -55.49 16.88 36.91
CA VAL D 213 -55.74 18.28 36.57
C VAL D 213 -57.21 18.51 36.21
N ILE D 214 -57.76 19.62 36.68
CA ILE D 214 -59.14 19.98 36.36
C ILE D 214 -59.03 21.18 35.43
N TYR D 215 -59.28 20.97 34.15
CA TYR D 215 -59.19 22.05 33.17
C TYR D 215 -60.50 22.86 33.18
N LEU D 216 -60.39 24.15 32.88
CA LEU D 216 -61.56 25.02 32.80
C LEU D 216 -62.41 24.56 31.62
N ASP D 217 -61.77 23.75 30.77
CA ASP D 217 -62.30 23.13 29.56
C ASP D 217 -63.25 21.98 29.87
N ASP D 218 -62.76 21.10 30.75
CA ASP D 218 -63.47 19.90 31.16
C ASP D 218 -64.99 19.93 31.28
N PRO D 219 -65.67 19.01 30.59
CA PRO D 219 -67.12 18.92 30.64
C PRO D 219 -67.56 18.36 32.01
N LYS D 220 -68.83 18.53 32.34
CA LYS D 220 -69.37 18.06 33.62
C LYS D 220 -69.01 16.61 34.01
N GLU D 221 -69.31 15.66 33.14
CA GLU D 221 -69.04 14.26 33.44
C GLU D 221 -67.57 13.98 33.74
N VAL D 222 -66.68 14.70 33.05
CA VAL D 222 -65.25 14.51 33.27
C VAL D 222 -64.84 15.08 34.63
N VAL D 223 -65.39 16.23 35.00
CA VAL D 223 -65.07 16.82 36.30
C VAL D 223 -65.49 15.83 37.39
N VAL D 224 -66.70 15.29 37.24
CA VAL D 224 -67.27 14.30 38.15
C VAL D 224 -66.34 13.11 38.30
N LYS D 225 -65.87 12.60 37.17
CA LYS D 225 -64.99 11.45 37.14
C LYS D 225 -63.64 11.70 37.84
N LYS D 226 -63.00 12.83 37.54
CA LYS D 226 -61.70 13.15 38.12
C LYS D 226 -61.72 13.37 39.63
N ILE D 227 -62.77 13.99 40.13
CA ILE D 227 -62.87 14.24 41.57
C ILE D 227 -63.21 12.95 42.31
N ARG D 228 -64.12 12.17 41.75
CA ARG D 228 -64.52 10.90 42.34
C ARG D 228 -63.28 10.07 42.69
N GLN D 229 -62.30 10.07 41.79
CA GLN D 229 -61.07 9.30 41.98
C GLN D 229 -59.90 10.06 42.58
N ALA D 230 -60.16 11.24 43.16
CA ALA D 230 -59.09 12.02 43.75
C ALA D 230 -58.37 11.23 44.84
N THR D 231 -57.04 11.30 44.84
CA THR D 231 -56.24 10.61 45.84
C THR D 231 -56.50 11.22 47.22
N THR D 232 -56.77 10.37 48.21
CA THR D 232 -57.02 10.84 49.58
C THR D 232 -55.98 10.21 50.51
N ASP D 233 -56.45 9.54 51.55
CA ASP D 233 -55.58 8.87 52.52
C ASP D 233 -56.42 7.87 53.30
N SER D 234 -55.80 7.11 54.20
CA SER D 234 -56.55 6.12 54.96
C SER D 234 -56.69 6.48 56.44
N PHE D 235 -56.86 7.76 56.72
CA PHE D 235 -57.01 8.26 58.08
C PHE D 235 -58.46 8.66 58.36
N ASN D 236 -59.31 8.57 57.34
CA ASN D 236 -60.71 8.96 57.48
C ASN D 236 -60.91 10.16 58.40
N LYS D 237 -60.47 11.35 57.96
CA LYS D 237 -60.60 12.56 58.77
C LYS D 237 -60.50 13.80 57.89
N ILE D 238 -61.61 14.50 57.70
CA ILE D 238 -61.64 15.70 56.88
C ILE D 238 -61.21 16.91 57.70
N ARG D 239 -60.00 17.40 57.43
CA ARG D 239 -59.43 18.54 58.14
C ARG D 239 -58.33 19.20 57.30
N PHE D 240 -57.82 20.33 57.79
CA PHE D 240 -56.74 21.02 57.08
C PHE D 240 -55.40 20.59 57.68
N ALA D 241 -54.74 19.65 57.01
CA ALA D 241 -53.46 19.13 57.45
C ALA D 241 -52.59 18.83 56.24
N SER D 242 -52.28 19.88 55.48
CA SER D 242 -51.48 19.76 54.28
C SER D 242 -50.22 18.89 54.43
N LYS D 243 -49.49 19.07 55.52
CA LYS D 243 -48.27 18.30 55.73
C LYS D 243 -48.49 16.80 55.88
N THR D 244 -49.64 16.39 56.40
CA THR D 244 -49.93 14.96 56.59
C THR D 244 -51.05 14.39 55.72
N GLN D 245 -51.96 15.26 55.27
CA GLN D 245 -53.07 14.82 54.41
C GLN D 245 -53.17 15.77 53.22
N PRO D 246 -52.19 15.73 52.31
CA PRO D 246 -52.17 16.60 51.13
C PRO D 246 -53.43 16.59 50.26
N GLY D 247 -53.91 15.39 49.92
CA GLY D 247 -55.08 15.28 49.08
C GLY D 247 -56.33 15.90 49.68
N VAL D 248 -56.80 15.32 50.78
CA VAL D 248 -58.00 15.83 51.44
C VAL D 248 -57.94 17.32 51.78
N THR D 249 -56.76 17.79 52.18
CA THR D 249 -56.60 19.19 52.50
C THR D 249 -56.76 20.07 51.26
N ASN D 250 -56.20 19.62 50.13
CA ASN D 250 -56.31 20.36 48.86
C ASN D 250 -57.78 20.47 48.46
N MET D 251 -58.49 19.35 48.49
CA MET D 251 -59.90 19.35 48.13
C MET D 251 -60.69 20.29 49.03
N LEU D 252 -60.32 20.34 50.31
CA LEU D 252 -61.00 21.20 51.27
C LEU D 252 -60.73 22.66 50.96
N THR D 253 -59.50 22.94 50.49
CA THR D 253 -59.11 24.30 50.13
C THR D 253 -59.81 24.74 48.83
N ILE D 254 -59.95 23.81 47.88
CA ILE D 254 -60.61 24.12 46.62
C ILE D 254 -62.07 24.42 46.92
N LEU D 255 -62.68 23.57 47.74
CA LEU D 255 -64.08 23.73 48.11
C LEU D 255 -64.36 25.09 48.72
N LYS D 256 -63.59 25.44 49.76
CA LYS D 256 -63.76 26.70 50.45
C LYS D 256 -63.68 27.91 49.51
N ALA D 257 -62.68 27.92 48.64
CA ALA D 257 -62.50 29.00 47.69
C ALA D 257 -63.68 29.08 46.71
N LEU D 258 -64.15 27.92 46.27
CA LEU D 258 -65.25 27.87 45.33
C LEU D 258 -66.59 28.26 45.94
N LEU D 259 -66.67 28.21 47.26
CA LEU D 259 -67.91 28.56 47.95
C LEU D 259 -68.07 30.07 48.07
N LYS D 260 -67.01 30.81 47.81
CA LYS D 260 -67.07 32.28 47.84
C LYS D 260 -67.86 32.73 46.62
N GLU D 261 -67.79 31.94 45.59
CA GLU D 261 -68.44 32.25 44.33
C GLU D 261 -69.93 32.41 44.35
N PRO D 262 -70.47 33.34 43.54
CA PRO D 262 -71.92 33.46 43.57
C PRO D 262 -72.70 32.13 43.44
N VAL D 263 -72.52 31.43 42.33
CA VAL D 263 -73.22 30.18 42.11
C VAL D 263 -73.22 29.16 43.25
N ASN D 264 -72.14 29.01 43.99
CA ASN D 264 -72.16 28.02 45.03
C ASN D 264 -72.67 28.53 46.38
N GLN D 265 -73.63 29.44 46.26
CA GLN D 265 -74.30 30.13 47.35
C GLN D 265 -75.16 29.11 48.07
N SER D 266 -76.04 28.44 47.32
CA SER D 266 -76.89 27.43 47.90
C SER D 266 -76.18 26.46 48.85
N LEU D 267 -75.22 25.69 48.33
CA LEU D 267 -74.52 24.72 49.18
C LEU D 267 -73.61 25.37 50.21
N THR D 268 -73.21 26.62 50.01
CA THR D 268 -72.36 27.26 51.01
C THR D 268 -73.24 27.57 52.22
N ASN D 269 -74.53 27.80 51.99
CA ASN D 269 -75.48 28.04 53.08
C ASN D 269 -75.78 26.71 53.75
N GLN D 270 -75.86 25.67 52.94
CA GLN D 270 -76.15 24.32 53.41
C GLN D 270 -74.94 23.66 54.12
N LEU D 271 -73.73 24.07 53.78
CA LEU D 271 -72.53 23.51 54.41
C LEU D 271 -72.08 24.30 55.63
N GLY D 272 -72.57 25.53 55.76
CA GLY D 272 -72.21 26.35 56.89
C GLY D 272 -70.90 27.09 56.74
N ASN D 273 -70.40 27.63 57.84
CA ASN D 273 -69.14 28.37 57.85
C ASN D 273 -67.98 27.46 58.24
N ASP D 274 -68.22 26.61 59.23
CA ASP D 274 -67.18 25.69 59.70
C ASP D 274 -67.23 24.41 58.89
N LEU D 275 -66.32 24.28 57.93
CA LEU D 275 -66.26 23.11 57.06
C LEU D 275 -65.81 21.85 57.80
N GLU D 276 -64.86 21.97 58.73
CA GLU D 276 -64.42 20.79 59.47
C GLU D 276 -65.59 20.30 60.32
N ALA D 277 -66.38 21.24 60.83
CA ALA D 277 -67.55 20.88 61.63
C ALA D 277 -68.54 20.09 60.77
N TYR D 278 -68.93 20.66 59.64
CA TYR D 278 -69.86 20.00 58.74
C TYR D 278 -69.39 18.60 58.33
N PHE D 279 -68.09 18.46 58.09
CA PHE D 279 -67.53 17.19 57.66
C PHE D 279 -67.14 16.24 58.78
N SER D 280 -67.36 16.68 60.02
CA SER D 280 -67.04 15.86 61.18
C SER D 280 -67.68 14.48 61.09
N THR D 281 -68.96 14.43 60.76
CA THR D 281 -69.68 13.15 60.67
C THR D 281 -69.77 12.61 59.25
N LYS D 282 -69.00 13.17 58.32
CA LYS D 282 -69.08 12.72 56.93
C LYS D 282 -67.89 11.89 56.42
N SER D 283 -68.03 11.34 55.21
CA SER D 283 -67.01 10.52 54.56
C SER D 283 -66.27 11.31 53.48
N TYR D 284 -65.15 10.77 53.00
CA TYR D 284 -64.37 11.42 51.95
C TYR D 284 -65.22 11.56 50.69
N LEU D 285 -66.13 10.60 50.49
CA LEU D 285 -67.00 10.64 49.32
C LEU D 285 -67.88 11.87 49.42
N ASP D 286 -68.33 12.17 50.64
CA ASP D 286 -69.18 13.32 50.88
C ASP D 286 -68.44 14.59 50.49
N LEU D 287 -67.14 14.58 50.73
CA LEU D 287 -66.26 15.70 50.41
C LEU D 287 -66.22 15.89 48.91
N LYS D 288 -65.93 14.80 48.20
CA LYS D 288 -65.86 14.80 46.75
C LYS D 288 -67.15 15.27 46.10
N ASN D 289 -68.28 14.80 46.65
CA ASN D 289 -69.60 15.16 46.15
C ASN D 289 -69.82 16.66 46.18
N ALA D 290 -69.51 17.27 47.32
CA ALA D 290 -69.69 18.72 47.49
C ALA D 290 -68.69 19.49 46.63
N LEU D 291 -67.45 19.02 46.58
CA LEU D 291 -66.42 19.67 45.78
C LEU D 291 -66.81 19.58 44.31
N THR D 292 -67.35 18.42 43.93
CA THR D 292 -67.79 18.18 42.58
C THR D 292 -68.92 19.14 42.20
N GLU D 293 -69.86 19.33 43.12
CA GLU D 293 -70.98 20.21 42.88
C GLU D 293 -70.52 21.66 42.74
N ALA D 294 -69.54 22.05 43.55
CA ALA D 294 -69.00 23.41 43.54
C ALA D 294 -68.23 23.67 42.24
N THR D 295 -67.40 22.70 41.85
CA THR D 295 -66.58 22.82 40.65
C THR D 295 -67.43 22.88 39.39
N VAL D 296 -68.32 21.90 39.24
CA VAL D 296 -69.20 21.85 38.09
C VAL D 296 -69.95 23.17 37.97
N ASN D 297 -70.53 23.61 39.08
CA ASN D 297 -71.28 24.84 39.09
C ASN D 297 -70.51 26.03 38.55
N LEU D 298 -69.20 26.07 38.80
CA LEU D 298 -68.38 27.17 38.33
C LEU D 298 -67.96 26.94 36.87
N LEU D 299 -67.46 25.75 36.58
CA LEU D 299 -67.04 25.47 35.22
C LEU D 299 -68.19 25.66 34.24
N VAL D 300 -69.39 25.24 34.63
CA VAL D 300 -70.55 25.39 33.76
C VAL D 300 -70.90 26.87 33.59
N ASN D 301 -70.63 27.66 34.63
CA ASN D 301 -70.90 29.10 34.60
C ASN D 301 -69.83 29.86 33.81
N ILE D 302 -68.60 29.36 33.80
CA ILE D 302 -67.53 30.02 33.04
C ILE D 302 -67.69 29.59 31.59
N GLN D 303 -67.83 28.29 31.38
CA GLN D 303 -68.00 27.72 30.04
C GLN D 303 -69.23 28.31 29.38
N ARG D 304 -70.13 28.86 30.20
CA ARG D 304 -71.38 29.45 29.72
C ARG D 304 -71.15 30.88 29.24
N LYS D 305 -70.62 31.75 30.09
CA LYS D 305 -70.37 33.14 29.69
C LYS D 305 -69.24 33.24 28.67
N ARG D 306 -68.31 32.31 28.72
CA ARG D 306 -67.17 32.30 27.80
C ARG D 306 -67.67 32.11 26.37
N GLU D 307 -68.84 31.50 26.25
CA GLU D 307 -69.43 31.25 24.95
C GLU D 307 -70.13 32.50 24.39
N GLN D 308 -70.67 33.34 25.28
CA GLN D 308 -71.35 34.55 24.84
C GLN D 308 -70.44 35.78 24.76
N ILE D 309 -69.20 35.55 24.31
CA ILE D 309 -68.20 36.60 24.11
C ILE D 309 -67.71 36.44 22.68
N SER D 310 -67.94 37.45 21.85
CA SER D 310 -67.56 37.39 20.45
C SER D 310 -66.11 37.64 20.12
N ARG D 311 -65.71 37.21 18.93
CA ARG D 311 -64.36 37.37 18.43
C ARG D 311 -64.03 38.85 18.33
N GLU D 312 -65.02 39.65 17.93
CA GLU D 312 -64.83 41.09 17.81
C GLU D 312 -64.67 41.71 19.19
N GLN D 313 -65.38 41.17 20.17
CA GLN D 313 -65.31 41.65 21.53
C GLN D 313 -63.88 41.52 22.01
N VAL D 314 -63.25 40.40 21.65
CA VAL D 314 -61.88 40.14 22.02
C VAL D 314 -60.91 41.09 21.33
N PHE D 315 -61.08 41.25 20.02
CA PHE D 315 -60.22 42.13 19.23
C PHE D 315 -60.26 43.57 19.76
N ASN D 316 -61.47 44.12 19.90
CA ASN D 316 -61.63 45.49 20.40
C ASN D 316 -60.97 45.65 21.77
N CYS D 317 -61.25 44.69 22.66
CA CYS D 317 -60.67 44.72 23.99
C CYS D 317 -59.16 44.84 23.91
N LEU D 318 -58.54 43.96 23.12
CA LEU D 318 -57.09 43.94 22.98
C LEU D 318 -56.57 45.23 22.38
N GLN D 319 -57.26 45.74 21.38
CA GLN D 319 -56.83 46.99 20.76
C GLN D 319 -56.77 48.13 21.78
N ALA D 320 -57.83 48.27 22.55
CA ALA D 320 -57.90 49.31 23.58
C ALA D 320 -56.83 49.05 24.64
N GLY D 321 -56.74 47.81 25.09
CA GLY D 321 -55.73 47.44 26.08
C GLY D 321 -54.33 47.75 25.57
N LYS D 322 -54.08 47.42 24.30
CA LYS D 322 -52.79 47.66 23.65
C LYS D 322 -52.41 49.14 23.84
N ASN D 323 -53.38 50.03 23.61
CA ASN D 323 -53.11 51.45 23.75
C ASN D 323 -52.83 51.85 25.19
N GLN D 324 -53.74 51.50 26.09
CA GLN D 324 -53.57 51.83 27.51
C GLN D 324 -52.21 51.36 28.01
N ALA D 325 -51.85 50.12 27.67
CA ALA D 325 -50.59 49.55 28.09
C ALA D 325 -49.42 50.32 27.53
N GLN D 326 -49.48 50.67 26.25
CA GLN D 326 -48.38 51.42 25.65
C GLN D 326 -48.23 52.79 26.29
N ALA D 327 -49.32 53.34 26.79
CA ALA D 327 -49.29 54.64 27.44
C ALA D 327 -48.19 54.65 28.50
N THR D 328 -48.35 53.83 29.52
CA THR D 328 -47.36 53.78 30.58
C THR D 328 -46.07 53.04 30.18
N ALA D 329 -46.18 52.03 29.32
CA ALA D 329 -45.01 51.28 28.86
C ALA D 329 -43.99 52.13 28.08
N ARG D 330 -44.48 53.00 27.20
CA ARG D 330 -43.57 53.86 26.45
C ARG D 330 -42.89 54.82 27.43
N THR D 331 -43.66 55.38 28.35
CA THR D 331 -43.12 56.30 29.33
C THR D 331 -41.98 55.70 30.15
N THR D 332 -42.17 54.48 30.61
CA THR D 332 -41.15 53.80 31.40
C THR D 332 -39.95 53.45 30.54
N LEU D 333 -40.19 52.84 29.38
CA LEU D 333 -39.10 52.46 28.48
C LEU D 333 -38.22 53.67 28.18
N ALA D 334 -38.85 54.82 28.00
CA ALA D 334 -38.12 56.05 27.70
C ALA D 334 -37.21 56.44 28.86
N LEU D 335 -37.68 56.24 30.09
CA LEU D 335 -36.83 56.61 31.22
C LEU D 335 -35.64 55.67 31.31
N PHE D 336 -35.81 54.42 30.88
CA PHE D 336 -34.70 53.48 30.90
C PHE D 336 -33.71 53.85 29.79
N TYR D 337 -34.23 54.26 28.63
CA TYR D 337 -33.37 54.63 27.51
C TYR D 337 -32.47 55.77 27.93
N ASP D 338 -33.03 56.68 28.72
CA ASP D 338 -32.29 57.82 29.24
C ASP D 338 -31.16 57.38 30.16
N GLY D 339 -31.48 56.52 31.13
CA GLY D 339 -30.47 56.05 32.05
C GLY D 339 -29.45 55.11 31.44
N PHE D 340 -29.83 54.41 30.38
CA PHE D 340 -28.95 53.46 29.72
C PHE D 340 -28.03 54.11 28.68
N GLY D 341 -28.49 55.23 28.13
CA GLY D 341 -27.71 55.91 27.11
C GLY D 341 -28.07 55.44 25.70
N LEU D 342 -29.28 54.87 25.56
CA LEU D 342 -29.73 54.37 24.27
C LEU D 342 -30.58 55.38 23.50
N GLY D 343 -30.77 55.12 22.21
CA GLY D 343 -31.57 56.00 21.37
C GLY D 343 -30.80 57.19 20.85
N SER D 344 -31.36 57.87 19.86
CA SER D 344 -30.67 59.02 19.28
C SER D 344 -31.22 60.35 19.80
N GLN D 345 -32.23 60.29 20.67
CA GLN D 345 -32.81 61.51 21.24
C GLN D 345 -31.82 62.07 22.25
N ASN D 346 -30.80 61.27 22.56
CA ASN D 346 -29.73 61.58 23.51
C ASN D 346 -28.52 62.15 22.78
N ILE D 347 -28.74 62.60 21.55
CA ILE D 347 -27.71 63.12 20.66
C ILE D 347 -28.43 64.36 20.10
N LYS D 348 -28.40 65.45 20.85
CA LYS D 348 -29.08 66.70 20.51
C LYS D 348 -29.33 67.24 19.09
#